data_8DN4
#
_entry.id   8DN4
#
_cell.length_a   1.00
_cell.length_b   1.00
_cell.length_c   1.00
_cell.angle_alpha   90.00
_cell.angle_beta   90.00
_cell.angle_gamma   90.00
#
_symmetry.space_group_name_H-M   'P 1'
#
loop_
_entity.id
_entity.type
_entity.pdbx_description
1 polymer 'Glycine receptor subunit alpha-1'
2 polymer 'Glycine receptor subunit beta,Green fluorescent protein,Glycine receptor beta'
3 non-polymer 2-acetamido-2-deoxy-beta-D-glucopyranose
4 non-polymer PENTANE
5 non-polymer HEXANE
6 non-polymer N-BUTANE
7 non-polymer N-OCTANE
8 non-polymer nonane
#
loop_
_entity_poly.entity_id
_entity_poly.type
_entity_poly.pdbx_seq_one_letter_code
_entity_poly.pdbx_strand_id
1 'polypeptide(L)'
;ARSAPKPMSPSDFLDKLMGRTSGYDARIRPNFKGPPVNVSCNIFINSFGSIAETTMDYRVNIFLRQQWNDPRLAYNEYPD
DSLDLDPSMLDSIWKPDLFFANEKGAHFHEITTDNKLLRISRNGNVLYSIRITLTLACPMDLKNFPMDVQTCIMQLESFG
YTMNDLIFEWQEQGAVQVADGLTLPQFILKEEKDLRYCTKHYNTGKFTCIEARFHLERQMGYYLIQMYIPSLLIVILSWI
SFWINMDAAPARVGLGITTVLTMTTQSSGSRASLPKVSYVKAIDIWMAVCLLFVFSALLEYAAVNFVSRQHKELLGSSGE
EMRKLFIQRAKKIDKISRIGFPMAFLIFNMFYWIIYKIVRREDVHNQ
;
D,A,B,C
2 'polypeptide(L)'
;KSSKKGKGKKKQYLCPSQQSAEDLARVPANSTSNILNRLLVSYDPRIRPNFKGIPVDVVVNIFINSFGSIQETTMDYRVN
IFLRQKWNDPRLKLPSDFRGSDALTVDPTMYKCLWKPDLFFANEKSANFHDVTQENILLFIFRDGDVLVSMRLSITLSCP
LDLTLFPMDTQRCKMQLESFGYTTDDLRFIWQSGDPVQLEKIALPQFDIKKEDIEYGNCTKYYKGTGYYTCVEVIFTLRR
QVGFYMMGVYAPTLLIVVLSWLSFWINPDASAARVPLGIFSVLSLASECTTLAAELPKVSYVKALDVWLIACLLFGFASL
VEYAVVQVMLNNGGSSAAAVSKGEELFTGVVPILVELDGDVNGHKFSVSGEGEGDATYGKLTLKFICTTGKLPVPWPTLV
TTFSYGVQCFSRYPDHMKQHDFFKSAMPEGYVQERTIFFKDDGNYKTRAEVKFEGDTLVNRIELKGIDFKEDGNILGHKL
EYNYNSHNVYIMADKQKNGIKVNFKIRHNIEDGSVQLADHYQQNTPIGDGPVLLPDNHYLSTQSALSKDPNEKRDHMVLL
EFVTAAGITHGMDELYKSGSGSGVGETRCKKVCTSKSDLRSNDFSIVGSLPRDFELSNYDCYGKPIEVNNGLGKSQAKNN
KKPPPAKPVIPTAAKRIDLYARALFPFCFLFFNVIYWSIYL
;
E
#
# COMPACT_ATOMS: atom_id res chain seq x y z
N MET A 8 -35.19 -26.71 -36.55
CA MET A 8 -35.46 -25.28 -36.70
C MET A 8 -35.23 -24.54 -35.40
N SER A 9 -35.10 -25.28 -34.31
CA SER A 9 -34.87 -24.68 -33.01
C SER A 9 -33.46 -24.10 -32.95
N PRO A 10 -33.29 -22.81 -32.69
CA PRO A 10 -31.94 -22.21 -32.74
C PRO A 10 -30.95 -22.86 -31.79
N SER A 11 -31.41 -23.26 -30.60
CA SER A 11 -30.52 -23.91 -29.64
C SER A 11 -30.02 -25.25 -30.17
N ASP A 12 -30.89 -25.99 -30.86
CA ASP A 12 -30.49 -27.30 -31.39
C ASP A 12 -29.38 -27.19 -32.43
N PHE A 13 -29.38 -26.11 -33.22
CA PHE A 13 -28.28 -25.91 -34.16
C PHE A 13 -26.95 -25.75 -33.42
N LEU A 14 -26.96 -25.01 -32.30
CA LEU A 14 -25.74 -24.86 -31.51
C LEU A 14 -25.28 -26.21 -30.98
N ASP A 15 -26.19 -27.03 -30.47
CA ASP A 15 -25.81 -28.34 -29.95
C ASP A 15 -25.26 -29.23 -31.05
N LYS A 16 -25.89 -29.24 -32.23
CA LYS A 16 -25.41 -30.08 -33.31
C LYS A 16 -24.13 -29.55 -33.93
N LEU A 17 -23.82 -28.27 -33.77
CA LEU A 17 -22.56 -27.73 -34.28
C LEU A 17 -21.42 -28.00 -33.31
N MET A 18 -21.58 -27.61 -32.05
CA MET A 18 -20.60 -27.91 -31.02
C MET A 18 -21.31 -28.39 -29.77
N GLY A 19 -20.59 -29.15 -28.95
CA GLY A 19 -21.14 -29.61 -27.69
C GLY A 19 -21.33 -31.10 -27.59
N ARG A 20 -22.34 -31.52 -26.82
CA ARG A 20 -22.58 -32.95 -26.61
C ARG A 20 -22.97 -33.64 -27.91
N THR A 21 -24.10 -33.23 -28.48
CA THR A 21 -24.61 -33.90 -29.69
C THR A 21 -24.01 -33.33 -30.96
N SER A 22 -22.67 -33.28 -31.00
CA SER A 22 -21.97 -32.84 -32.21
C SER A 22 -20.75 -33.68 -32.54
N GLY A 23 -20.14 -34.38 -31.58
CA GLY A 23 -18.90 -35.08 -31.83
C GLY A 23 -17.68 -34.20 -31.86
N TYR A 24 -17.82 -32.90 -31.61
CA TYR A 24 -16.71 -31.96 -31.63
C TYR A 24 -15.99 -32.01 -30.29
N ASP A 25 -14.78 -32.53 -30.28
CA ASP A 25 -13.99 -32.66 -29.06
C ASP A 25 -13.19 -31.37 -28.88
N ALA A 26 -13.55 -30.59 -27.86
CA ALA A 26 -12.89 -29.31 -27.61
C ALA A 26 -11.43 -29.47 -27.24
N ARG A 27 -11.01 -30.64 -26.77
CA ARG A 27 -9.63 -30.91 -26.45
C ARG A 27 -8.76 -31.17 -27.68
N ILE A 28 -9.32 -30.99 -28.88
CA ILE A 28 -8.60 -31.22 -30.13
C ILE A 28 -8.54 -29.89 -30.88
N ARG A 29 -7.32 -29.47 -31.21
CA ARG A 29 -7.15 -28.25 -31.99
C ARG A 29 -7.57 -28.50 -33.44
N PRO A 30 -8.02 -27.45 -34.14
CA PRO A 30 -8.46 -27.63 -35.53
C PRO A 30 -7.33 -28.12 -36.42
N ASN A 31 -7.70 -28.98 -37.39
CA ASN A 31 -6.75 -29.52 -38.37
C ASN A 31 -5.62 -30.28 -37.68
N PHE A 32 -5.99 -31.26 -36.85
CA PHE A 32 -5.01 -32.01 -36.10
C PHE A 32 -4.18 -32.91 -37.01
N LYS A 33 -2.93 -33.14 -36.61
CA LYS A 33 -1.97 -33.96 -37.37
C LYS A 33 -1.84 -33.45 -38.80
N GLY A 34 -1.68 -32.14 -38.94
CA GLY A 34 -1.52 -31.53 -40.23
C GLY A 34 -0.78 -30.22 -40.18
N PRO A 35 -1.13 -29.29 -41.08
CA PRO A 35 -0.46 -27.99 -41.11
C PRO A 35 -0.80 -27.17 -39.88
N PRO A 36 0.07 -26.24 -39.50
CA PRO A 36 -0.23 -25.38 -38.36
C PRO A 36 -1.42 -24.46 -38.65
N VAL A 37 -1.84 -23.74 -37.62
CA VAL A 37 -2.97 -22.83 -37.68
C VAL A 37 -2.45 -21.40 -37.67
N ASN A 38 -2.95 -20.60 -38.62
CA ASN A 38 -2.43 -19.24 -38.79
C ASN A 38 -2.77 -18.36 -37.59
N VAL A 39 -4.02 -18.38 -37.15
CA VAL A 39 -4.51 -17.61 -36.00
C VAL A 39 -4.06 -16.15 -36.08
N SER A 40 -4.83 -15.32 -36.79
CA SER A 40 -4.54 -13.90 -36.87
C SER A 40 -5.15 -13.19 -35.67
N CYS A 41 -4.42 -12.21 -35.13
CA CYS A 41 -4.86 -11.49 -33.96
C CYS A 41 -4.50 -10.01 -34.08
N ASN A 42 -5.32 -9.17 -33.46
CA ASN A 42 -5.11 -7.74 -33.44
C ASN A 42 -5.68 -7.18 -32.14
N ILE A 43 -4.99 -6.20 -31.57
CA ILE A 43 -5.33 -5.66 -30.26
C ILE A 43 -5.91 -4.26 -30.42
N PHE A 44 -6.44 -3.73 -29.31
CA PHE A 44 -7.03 -2.39 -29.29
C PHE A 44 -6.84 -1.82 -27.90
N ILE A 45 -5.95 -0.82 -27.78
CA ILE A 45 -5.74 -0.17 -26.50
C ILE A 45 -7.00 0.61 -26.10
N ASN A 46 -7.26 0.67 -24.81
CA ASN A 46 -8.38 1.44 -24.28
C ASN A 46 -7.93 2.53 -23.31
N SER A 47 -6.97 2.24 -22.44
CA SER A 47 -6.50 3.24 -21.49
C SER A 47 -5.14 2.82 -20.95
N PHE A 48 -4.14 3.66 -21.12
CA PHE A 48 -2.88 3.50 -20.42
C PHE A 48 -3.05 4.05 -19.00
N GLY A 49 -1.95 4.16 -18.26
CA GLY A 49 -1.98 4.82 -16.97
C GLY A 49 -1.16 4.08 -15.91
N SER A 50 -0.91 4.80 -14.80
CA SER A 50 -0.15 4.28 -13.67
C SER A 50 1.24 3.80 -14.08
N ILE A 51 1.79 4.41 -15.13
CA ILE A 51 3.16 4.13 -15.56
C ILE A 51 4.12 4.94 -14.69
N ALA A 52 4.68 4.31 -13.67
CA ALA A 52 5.65 4.93 -12.77
C ALA A 52 6.94 4.13 -12.79
N GLU A 53 8.07 4.85 -12.79
CA GLU A 53 9.38 4.21 -12.85
C GLU A 53 9.73 3.48 -11.56
N THR A 54 8.96 3.67 -10.49
CA THR A 54 9.31 3.06 -9.21
C THR A 54 9.29 1.53 -9.29
N THR A 55 8.47 0.96 -10.18
CA THR A 55 8.27 -0.49 -10.22
C THR A 55 8.62 -1.12 -11.56
N MET A 56 9.26 -0.38 -12.47
CA MET A 56 9.68 -0.93 -13.77
C MET A 56 8.49 -1.51 -14.55
N ASP A 57 7.36 -0.81 -14.54
CA ASP A 57 6.16 -1.41 -15.11
C ASP A 57 5.13 -0.35 -15.48
N TYR A 58 4.10 -0.79 -16.20
CA TYR A 58 2.96 0.05 -16.52
C TYR A 58 1.72 -0.82 -16.60
N ARG A 59 0.56 -0.20 -16.37
CA ARG A 59 -0.73 -0.88 -16.45
C ARG A 59 -1.45 -0.46 -17.73
N VAL A 60 -2.02 -1.44 -18.43
CA VAL A 60 -2.77 -1.19 -19.65
C VAL A 60 -4.07 -1.97 -19.61
N ASN A 61 -5.05 -1.49 -20.38
CA ASN A 61 -6.35 -2.15 -20.53
C ASN A 61 -6.62 -2.27 -22.02
N ILE A 62 -6.56 -3.48 -22.54
CA ILE A 62 -6.66 -3.72 -23.98
C ILE A 62 -7.72 -4.78 -24.25
N PHE A 63 -8.21 -4.77 -25.49
CA PHE A 63 -8.99 -5.87 -26.02
C PHE A 63 -8.05 -6.90 -26.63
N LEU A 64 -8.60 -8.02 -27.06
CA LEU A 64 -7.79 -9.08 -27.63
C LEU A 64 -8.68 -9.99 -28.47
N ARG A 65 -8.38 -10.09 -29.76
CA ARG A 65 -9.20 -10.83 -30.71
C ARG A 65 -8.34 -11.80 -31.49
N GLN A 66 -8.86 -13.01 -31.69
CA GLN A 66 -8.20 -14.03 -32.49
C GLN A 66 -9.06 -14.37 -33.69
N GLN A 67 -8.40 -14.68 -34.81
CA GLN A 67 -9.08 -15.02 -36.06
C GLN A 67 -8.47 -16.30 -36.61
N TRP A 68 -9.30 -17.31 -36.82
CA TRP A 68 -8.84 -18.55 -37.44
C TRP A 68 -10.04 -19.29 -38.00
N ASN A 69 -9.76 -20.30 -38.82
CA ASN A 69 -10.77 -21.05 -39.56
C ASN A 69 -10.81 -22.47 -39.00
N ASP A 70 -11.99 -22.91 -38.55
CA ASP A 70 -12.15 -24.25 -38.02
C ASP A 70 -13.10 -25.03 -38.94
N PRO A 71 -12.62 -26.05 -39.64
CA PRO A 71 -13.53 -26.84 -40.49
C PRO A 71 -14.65 -27.50 -39.71
N ARG A 72 -14.39 -27.94 -38.47
CA ARG A 72 -15.47 -28.50 -37.66
C ARG A 72 -16.49 -27.45 -37.25
N LEU A 73 -16.09 -26.17 -37.20
CA LEU A 73 -17.03 -25.09 -36.95
C LEU A 73 -17.68 -24.56 -38.21
N ALA A 74 -17.22 -24.97 -39.39
CA ALA A 74 -17.89 -24.60 -40.62
C ALA A 74 -19.32 -25.13 -40.62
N TYR A 75 -20.24 -24.32 -41.12
CA TYR A 75 -21.66 -24.66 -41.09
C TYR A 75 -22.33 -24.13 -42.34
N ASN A 76 -23.41 -24.80 -42.75
CA ASN A 76 -24.13 -24.44 -43.97
C ASN A 76 -25.65 -24.55 -43.78
N GLU A 77 -26.16 -24.10 -42.63
CA GLU A 77 -27.59 -24.14 -42.36
C GLU A 77 -28.24 -22.77 -42.20
N TYR A 78 -27.55 -21.82 -41.57
CA TYR A 78 -28.09 -20.47 -41.46
C TYR A 78 -27.89 -19.71 -42.76
N PRO A 79 -28.95 -19.16 -43.37
CA PRO A 79 -28.76 -18.37 -44.61
C PRO A 79 -27.89 -17.15 -44.41
N ASP A 80 -27.95 -16.50 -43.26
CA ASP A 80 -27.14 -15.30 -43.04
C ASP A 80 -25.68 -15.66 -42.85
N ASP A 81 -24.81 -14.69 -43.10
CA ASP A 81 -23.37 -14.93 -43.06
C ASP A 81 -22.86 -14.89 -41.61
N SER A 82 -23.02 -13.75 -40.96
CA SER A 82 -22.50 -13.59 -39.61
C SER A 82 -23.35 -14.36 -38.59
N LEU A 83 -22.72 -14.73 -37.48
CA LEU A 83 -23.39 -15.48 -36.42
C LEU A 83 -22.63 -15.28 -35.12
N ASP A 84 -23.33 -14.90 -34.07
CA ASP A 84 -22.75 -14.70 -32.75
C ASP A 84 -23.22 -15.81 -31.81
N LEU A 85 -22.68 -15.81 -30.59
CA LEU A 85 -23.00 -16.85 -29.62
C LEU A 85 -22.91 -16.27 -28.22
N ASP A 86 -23.65 -16.88 -27.30
CA ASP A 86 -23.59 -16.48 -25.90
C ASP A 86 -22.23 -16.83 -25.32
N PRO A 87 -21.61 -15.93 -24.54
CA PRO A 87 -20.28 -16.23 -24.00
C PRO A 87 -20.23 -17.39 -23.02
N SER A 88 -21.38 -17.98 -22.66
CA SER A 88 -21.39 -19.09 -21.71
C SER A 88 -20.78 -20.37 -22.27
N MET A 89 -20.64 -20.47 -23.59
CA MET A 89 -20.14 -21.70 -24.22
C MET A 89 -18.72 -21.57 -24.72
N LEU A 90 -17.98 -20.54 -24.29
CA LEU A 90 -16.65 -20.31 -24.81
C LEU A 90 -15.72 -21.47 -24.49
N ASP A 91 -15.78 -21.99 -23.27
CA ASP A 91 -14.97 -23.14 -22.89
C ASP A 91 -15.41 -24.41 -23.62
N SER A 92 -16.63 -24.45 -24.16
CA SER A 92 -17.11 -25.67 -24.80
C SER A 92 -16.42 -25.97 -26.12
N ILE A 93 -15.72 -25.00 -26.72
CA ILE A 93 -15.01 -25.21 -27.96
C ILE A 93 -13.52 -24.94 -27.72
N TRP A 94 -12.70 -25.41 -28.66
CA TRP A 94 -11.27 -25.20 -28.57
C TRP A 94 -10.93 -23.72 -28.67
N LYS A 95 -9.90 -23.33 -27.92
CA LYS A 95 -9.40 -21.97 -27.90
C LYS A 95 -7.87 -22.01 -27.96
N PRO A 96 -7.24 -20.95 -28.46
CA PRO A 96 -5.78 -20.88 -28.41
C PRO A 96 -5.29 -20.63 -27.00
N ASP A 97 -3.98 -20.78 -26.82
CA ASP A 97 -3.34 -20.61 -25.52
C ASP A 97 -2.48 -19.35 -25.47
N LEU A 98 -2.96 -18.27 -26.08
CA LEU A 98 -2.24 -17.01 -26.09
C LEU A 98 -1.96 -16.54 -24.67
N PHE A 99 -0.70 -16.17 -24.41
CA PHE A 99 -0.32 -15.68 -23.10
C PHE A 99 0.78 -14.64 -23.27
N PHE A 100 0.93 -13.79 -22.26
CA PHE A 100 1.92 -12.72 -22.27
C PHE A 100 3.14 -13.18 -21.48
N ALA A 101 4.31 -13.14 -22.12
CA ALA A 101 5.54 -13.58 -21.46
C ALA A 101 5.81 -12.75 -20.21
N ASN A 102 6.01 -11.46 -20.37
CA ASN A 102 6.07 -10.56 -19.23
C ASN A 102 4.65 -10.27 -18.76
N GLU A 103 4.32 -10.68 -17.54
CA GLU A 103 2.96 -10.55 -17.02
C GLU A 103 2.89 -9.63 -15.81
N LYS A 104 3.62 -9.94 -14.74
CA LYS A 104 3.61 -9.16 -13.50
C LYS A 104 2.21 -8.70 -13.11
N GLY A 105 1.29 -9.67 -13.04
CA GLY A 105 -0.07 -9.37 -12.64
C GLY A 105 -1.03 -9.16 -13.80
N ALA A 106 -2.03 -10.02 -13.91
CA ALA A 106 -3.08 -9.88 -14.91
C ALA A 106 -4.34 -10.55 -14.38
N HIS A 107 -5.47 -10.19 -14.97
CA HIS A 107 -6.76 -10.68 -14.50
C HIS A 107 -7.79 -10.48 -15.61
N PHE A 108 -9.06 -10.69 -15.26
CA PHE A 108 -10.19 -10.53 -16.16
C PHE A 108 -11.09 -9.42 -15.64
N HIS A 109 -12.23 -9.25 -16.31
CA HIS A 109 -13.31 -8.41 -15.81
C HIS A 109 -14.57 -9.26 -15.71
N GLU A 110 -15.12 -9.35 -14.51
CA GLU A 110 -16.24 -10.23 -14.19
C GLU A 110 -17.44 -9.44 -13.68
N ILE A 111 -17.70 -8.29 -14.28
CA ILE A 111 -18.75 -7.38 -13.82
C ILE A 111 -20.02 -7.70 -14.59
N THR A 112 -21.00 -8.27 -13.89
CA THR A 112 -22.35 -8.55 -14.37
C THR A 112 -22.36 -9.62 -15.46
N THR A 113 -21.17 -10.06 -15.87
CA THR A 113 -21.00 -11.10 -16.89
C THR A 113 -19.50 -11.32 -17.05
N ASP A 114 -19.16 -12.32 -17.85
CA ASP A 114 -17.80 -12.50 -18.37
C ASP A 114 -17.79 -11.84 -19.74
N ASN A 115 -17.28 -10.61 -19.81
CA ASN A 115 -17.39 -9.77 -20.99
C ASN A 115 -16.46 -10.30 -22.08
N LYS A 116 -16.91 -11.36 -22.75
CA LYS A 116 -16.17 -12.00 -23.83
C LYS A 116 -17.11 -12.19 -25.00
N LEU A 117 -16.60 -11.96 -26.22
CA LEU A 117 -17.41 -12.03 -27.43
C LEU A 117 -16.86 -13.08 -28.39
N LEU A 118 -17.77 -13.84 -29.00
CA LEU A 118 -17.43 -14.80 -30.05
C LEU A 118 -18.38 -14.64 -31.22
N ARG A 119 -17.82 -14.71 -32.43
CA ARG A 119 -18.59 -14.59 -33.66
C ARG A 119 -18.18 -15.67 -34.63
N ILE A 120 -19.11 -16.09 -35.49
CA ILE A 120 -18.92 -17.17 -36.43
C ILE A 120 -19.11 -16.63 -37.84
N SER A 121 -18.18 -16.94 -38.74
CA SER A 121 -18.33 -16.61 -40.15
C SER A 121 -18.97 -17.79 -40.90
N ARG A 122 -19.64 -17.45 -42.00
CA ARG A 122 -20.39 -18.46 -42.75
C ARG A 122 -19.48 -19.55 -43.30
N ASN A 123 -18.30 -19.16 -43.82
CA ASN A 123 -17.38 -20.14 -44.38
C ASN A 123 -16.90 -21.13 -43.33
N GLY A 124 -16.60 -20.63 -42.13
CA GLY A 124 -16.06 -21.48 -41.09
C GLY A 124 -15.05 -20.76 -40.22
N ASN A 125 -14.63 -19.58 -40.66
CA ASN A 125 -13.76 -18.74 -39.86
C ASN A 125 -14.49 -18.28 -38.61
N VAL A 126 -13.72 -17.97 -37.57
CA VAL A 126 -14.28 -17.62 -36.28
C VAL A 126 -13.68 -16.30 -35.81
N LEU A 127 -14.45 -15.59 -35.00
CA LEU A 127 -14.00 -14.38 -34.33
C LEU A 127 -14.26 -14.52 -32.84
N TYR A 128 -13.23 -14.32 -32.04
CA TYR A 128 -13.34 -14.40 -30.58
C TYR A 128 -12.56 -13.25 -29.98
N SER A 129 -13.22 -12.48 -29.11
CA SER A 129 -12.62 -11.30 -28.52
C SER A 129 -12.78 -11.34 -27.00
N ILE A 130 -11.85 -10.70 -26.31
CA ILE A 130 -11.84 -10.65 -24.85
C ILE A 130 -11.11 -9.40 -24.42
N ARG A 131 -11.56 -8.78 -23.34
CA ARG A 131 -10.90 -7.63 -22.75
C ARG A 131 -10.27 -8.02 -21.42
N ILE A 132 -8.99 -7.68 -21.26
CA ILE A 132 -8.22 -8.05 -20.09
C ILE A 132 -7.30 -6.90 -19.70
N THR A 133 -6.84 -6.93 -18.46
CA THR A 133 -6.03 -5.86 -17.87
C THR A 133 -4.66 -6.40 -17.51
N LEU A 134 -3.61 -5.66 -17.87
CA LEU A 134 -2.24 -6.12 -17.72
C LEU A 134 -1.43 -5.08 -16.97
N THR A 135 -0.40 -5.55 -16.25
CA THR A 135 0.58 -4.70 -15.59
C THR A 135 1.96 -5.24 -15.98
N LEU A 136 2.47 -4.79 -17.12
CA LEU A 136 3.64 -5.39 -17.75
C LEU A 136 4.92 -4.68 -17.34
N ALA A 137 5.99 -5.46 -17.19
CA ALA A 137 7.28 -4.92 -16.80
C ALA A 137 7.88 -4.11 -17.94
N CYS A 138 8.27 -2.88 -17.65
CA CYS A 138 8.86 -1.98 -18.64
C CYS A 138 10.32 -1.73 -18.29
N PRO A 139 11.28 -2.26 -19.05
CA PRO A 139 12.69 -2.12 -18.67
C PRO A 139 13.19 -0.69 -18.77
N MET A 140 12.83 0.11 -17.77
CA MET A 140 13.16 1.53 -17.75
C MET A 140 14.66 1.76 -17.83
N ASP A 141 15.05 2.70 -18.68
CA ASP A 141 16.42 3.20 -18.76
C ASP A 141 16.39 4.68 -18.48
N LEU A 142 17.16 5.12 -17.48
CA LEU A 142 17.03 6.46 -16.92
C LEU A 142 18.24 7.32 -17.21
N LYS A 143 18.92 7.07 -18.34
CA LYS A 143 20.10 7.84 -18.68
C LYS A 143 19.78 9.31 -18.85
N ASN A 144 18.95 9.64 -19.84
CA ASN A 144 18.53 11.02 -20.08
C ASN A 144 17.13 11.26 -19.52
N PHE A 145 17.05 11.16 -18.19
CA PHE A 145 15.74 11.13 -17.53
C PHE A 145 14.85 12.32 -17.85
N PRO A 146 15.28 13.58 -17.72
CA PRO A 146 14.37 14.69 -18.09
C PRO A 146 13.99 14.68 -19.56
N MET A 147 14.85 14.21 -20.45
CA MET A 147 14.59 14.18 -21.88
C MET A 147 14.39 12.75 -22.36
N ASP A 148 13.71 11.94 -21.56
CA ASP A 148 13.74 10.50 -21.74
C ASP A 148 12.97 10.07 -22.97
N VAL A 149 13.46 9.01 -23.62
CA VAL A 149 12.75 8.28 -24.66
C VAL A 149 12.72 6.81 -24.26
N GLN A 150 11.53 6.20 -24.21
CA GLN A 150 11.47 4.82 -23.67
C GLN A 150 10.47 3.93 -24.41
N THR A 151 10.85 2.68 -24.66
CA THR A 151 9.93 1.71 -25.30
C THR A 151 9.76 0.46 -24.42
N CYS A 152 8.52 0.01 -24.19
CA CYS A 152 8.32 -1.27 -23.45
C CYS A 152 7.62 -2.25 -24.41
N ILE A 153 8.14 -3.48 -24.54
CA ILE A 153 7.57 -4.41 -25.55
C ILE A 153 6.58 -5.39 -24.90
N MET A 154 5.40 -5.56 -25.52
CA MET A 154 4.41 -6.53 -25.05
C MET A 154 4.69 -7.85 -25.74
N GLN A 155 5.32 -8.79 -25.04
CA GLN A 155 5.58 -10.12 -25.58
C GLN A 155 4.28 -10.91 -25.65
N LEU A 156 3.95 -11.40 -26.84
CA LEU A 156 2.81 -12.28 -27.05
C LEU A 156 3.32 -13.58 -27.66
N GLU A 157 2.97 -14.71 -27.04
CA GLU A 157 3.43 -16.00 -27.52
C GLU A 157 2.54 -17.10 -26.95
N SER A 158 2.69 -18.29 -27.52
CA SER A 158 1.99 -19.48 -27.06
C SER A 158 2.85 -20.24 -26.05
N PHE A 159 2.20 -21.10 -25.26
CA PHE A 159 2.89 -21.89 -24.25
C PHE A 159 2.75 -23.38 -24.47
N GLY A 160 1.53 -23.88 -24.71
CA GLY A 160 1.31 -25.31 -24.80
C GLY A 160 1.30 -25.86 -26.22
N TYR A 161 1.85 -25.11 -27.16
CA TYR A 161 1.92 -25.56 -28.55
C TYR A 161 3.22 -25.06 -29.17
N THR A 162 4.00 -25.99 -29.72
CA THR A 162 5.20 -25.62 -30.43
C THR A 162 4.84 -24.90 -31.73
N MET A 163 5.75 -24.03 -32.19
CA MET A 163 5.47 -23.25 -33.39
C MET A 163 5.38 -24.12 -34.64
N ASN A 164 5.82 -25.37 -34.58
CA ASN A 164 5.59 -26.28 -35.69
C ASN A 164 4.12 -26.63 -35.85
N ASP A 165 3.28 -26.29 -34.88
CA ASP A 165 1.86 -26.56 -34.94
C ASP A 165 0.97 -25.34 -34.73
N LEU A 166 1.48 -24.27 -34.13
CA LEU A 166 0.69 -23.07 -33.88
C LEU A 166 1.52 -21.84 -34.22
N ILE A 167 0.93 -20.92 -34.96
CA ILE A 167 1.60 -19.71 -35.42
C ILE A 167 0.69 -18.53 -35.11
N PHE A 168 1.30 -17.36 -34.89
CA PHE A 168 0.56 -16.12 -34.66
C PHE A 168 1.00 -15.08 -35.67
N GLU A 169 0.04 -14.30 -36.17
CA GLU A 169 0.32 -13.23 -37.12
C GLU A 169 -0.65 -12.09 -36.88
N TRP A 170 -0.28 -10.90 -37.34
CA TRP A 170 -1.09 -9.70 -37.18
C TRP A 170 -1.85 -9.38 -38.46
N GLN A 171 -3.04 -8.79 -38.28
CA GLN A 171 -3.77 -8.23 -39.41
C GLN A 171 -2.98 -7.05 -39.99
N GLU A 172 -2.65 -7.13 -41.27
CA GLU A 172 -1.82 -6.10 -41.88
C GLU A 172 -2.50 -4.72 -41.82
N GLN A 173 -3.82 -4.69 -41.71
CA GLN A 173 -4.58 -3.44 -41.70
C GLN A 173 -4.91 -3.08 -40.26
N GLY A 174 -4.09 -2.20 -39.67
CA GLY A 174 -4.35 -1.65 -38.36
C GLY A 174 -4.46 -2.66 -37.23
N ALA A 175 -3.51 -3.59 -37.15
CA ALA A 175 -3.54 -4.58 -36.07
C ALA A 175 -3.47 -3.95 -34.70
N VAL A 176 -2.82 -2.80 -34.57
CA VAL A 176 -2.57 -2.19 -33.27
C VAL A 176 -3.31 -0.87 -33.19
N GLN A 177 -4.49 -0.81 -33.81
CA GLN A 177 -5.32 0.39 -33.78
C GLN A 177 -5.60 0.80 -32.35
N VAL A 178 -5.59 2.11 -32.11
CA VAL A 178 -5.60 2.67 -30.77
C VAL A 178 -6.77 3.65 -30.65
N ALA A 179 -7.21 3.85 -29.41
CA ALA A 179 -8.31 4.77 -29.14
C ALA A 179 -7.87 6.21 -29.40
N ASP A 180 -8.84 7.12 -29.37
CA ASP A 180 -8.63 8.51 -29.75
C ASP A 180 -8.43 9.45 -28.57
N GLY A 181 -9.35 9.42 -27.59
CA GLY A 181 -9.33 10.38 -26.51
C GLY A 181 -8.38 10.10 -25.37
N LEU A 182 -7.60 9.03 -25.44
CA LEU A 182 -6.70 8.67 -24.36
C LEU A 182 -5.59 9.71 -24.22
N THR A 183 -5.08 9.83 -22.99
CA THR A 183 -3.95 10.70 -22.69
C THR A 183 -3.26 10.17 -21.45
N LEU A 184 -2.04 10.64 -21.23
CA LEU A 184 -1.21 10.15 -20.13
C LEU A 184 -0.75 11.30 -19.25
N PRO A 185 -0.49 11.04 -17.97
CA PRO A 185 0.10 12.08 -17.12
C PRO A 185 1.56 12.30 -17.50
N GLN A 186 1.85 13.53 -17.91
CA GLN A 186 3.17 14.02 -18.34
C GLN A 186 3.94 13.04 -19.22
N PHE A 187 3.22 12.20 -19.98
CA PHE A 187 3.81 11.40 -21.04
C PHE A 187 3.02 11.62 -22.31
N ILE A 188 3.51 11.02 -23.38
CA ILE A 188 2.82 11.01 -24.67
C ILE A 188 3.38 9.85 -25.47
N LEU A 189 2.49 9.15 -26.18
CA LEU A 189 2.87 8.04 -27.04
C LEU A 189 2.79 8.49 -28.49
N LYS A 190 3.85 8.22 -29.24
CA LYS A 190 3.91 8.63 -30.64
C LYS A 190 3.08 7.69 -31.51
N GLU A 191 2.74 8.17 -32.71
CA GLU A 191 1.85 7.42 -33.59
C GLU A 191 2.55 6.21 -34.18
N GLU A 192 3.82 6.32 -34.52
CA GLU A 192 4.54 5.18 -35.08
C GLU A 192 4.76 4.12 -34.01
N LYS A 193 4.44 2.88 -34.35
CA LYS A 193 4.47 1.76 -33.41
C LYS A 193 4.94 0.52 -34.17
N ASP A 194 6.16 0.07 -33.88
CA ASP A 194 6.76 -1.02 -34.63
C ASP A 194 6.07 -2.34 -34.31
N LEU A 195 6.29 -3.34 -35.19
CA LEU A 195 5.61 -4.63 -35.08
C LEU A 195 6.51 -5.67 -35.74
N ARG A 196 7.17 -6.49 -34.93
CA ARG A 196 8.11 -7.49 -35.44
C ARG A 196 7.87 -8.80 -34.70
N TYR A 197 8.79 -9.75 -34.90
CA TYR A 197 8.67 -11.11 -34.35
C TYR A 197 9.61 -11.31 -33.18
N CYS A 198 9.28 -12.29 -32.35
CA CYS A 198 10.09 -12.64 -31.18
C CYS A 198 10.20 -14.15 -30.98
N THR A 199 10.10 -14.93 -32.06
CA THR A 199 10.07 -16.39 -31.93
C THR A 199 11.39 -16.90 -31.37
N LYS A 200 11.37 -17.34 -30.11
CA LYS A 200 12.57 -17.76 -29.40
C LYS A 200 12.55 -19.27 -29.18
N HIS A 201 13.59 -19.76 -28.50
CA HIS A 201 13.78 -21.18 -28.26
C HIS A 201 13.81 -21.44 -26.75
N TYR A 202 13.66 -22.71 -26.39
CA TYR A 202 13.79 -23.16 -25.02
C TYR A 202 14.36 -24.57 -25.02
N ASN A 203 14.72 -25.05 -23.83
CA ASN A 203 15.21 -26.42 -23.69
C ASN A 203 14.14 -27.45 -23.95
N THR A 204 12.87 -27.06 -23.99
CA THR A 204 11.77 -27.96 -24.30
C THR A 204 11.27 -27.84 -25.74
N GLY A 205 11.65 -26.78 -26.44
CA GLY A 205 11.25 -26.61 -27.82
C GLY A 205 11.23 -25.12 -28.18
N LYS A 206 10.42 -24.80 -29.18
CA LYS A 206 10.26 -23.44 -29.66
C LYS A 206 8.79 -23.18 -29.93
N PHE A 207 8.37 -21.93 -29.74
CA PHE A 207 6.98 -21.55 -29.89
C PHE A 207 6.88 -20.24 -30.67
N THR A 208 5.73 -20.04 -31.30
CA THR A 208 5.48 -18.80 -32.01
C THR A 208 5.43 -17.63 -31.03
N CYS A 209 5.93 -16.48 -31.47
CA CYS A 209 6.02 -15.31 -30.59
C CYS A 209 5.95 -14.07 -31.47
N ILE A 210 4.89 -13.30 -31.30
CA ILE A 210 4.73 -12.03 -31.99
C ILE A 210 4.98 -10.89 -31.01
N GLU A 211 5.36 -9.74 -31.54
CA GLU A 211 5.82 -8.62 -30.73
C GLU A 211 5.14 -7.33 -31.17
N ALA A 212 4.88 -6.45 -30.20
CA ALA A 212 4.37 -5.12 -30.47
C ALA A 212 5.01 -4.16 -29.47
N ARG A 213 5.64 -3.11 -29.99
CA ARG A 213 6.39 -2.16 -29.17
C ARG A 213 5.89 -0.75 -29.44
N PHE A 214 6.01 0.10 -28.43
CA PHE A 214 5.56 1.48 -28.50
C PHE A 214 6.75 2.41 -28.29
N HIS A 215 6.56 3.68 -28.65
CA HIS A 215 7.55 4.72 -28.43
C HIS A 215 6.89 5.83 -27.62
N LEU A 216 7.46 6.13 -26.46
CA LEU A 216 6.85 7.06 -25.52
C LEU A 216 7.81 8.19 -25.18
N GLU A 217 7.25 9.37 -24.96
CA GLU A 217 7.99 10.57 -24.56
C GLU A 217 7.36 11.15 -23.31
N ARG A 218 8.17 11.88 -22.55
CA ARG A 218 7.69 12.61 -21.37
C ARG A 218 7.83 14.11 -21.61
N GLN A 219 6.75 14.84 -21.40
CA GLN A 219 6.81 16.29 -21.49
C GLN A 219 7.76 16.86 -20.46
N MET A 220 8.60 17.80 -20.89
CA MET A 220 9.61 18.37 -20.01
C MET A 220 9.00 19.21 -18.90
N GLY A 221 7.89 19.91 -19.18
CA GLY A 221 7.36 20.97 -18.35
C GLY A 221 7.42 20.79 -16.84
N TYR A 222 6.83 19.68 -16.34
CA TYR A 222 6.78 19.45 -14.90
C TYR A 222 8.17 19.45 -14.29
N TYR A 223 9.02 18.51 -14.73
CA TYR A 223 10.34 18.38 -14.15
C TYR A 223 11.15 19.65 -14.37
N LEU A 224 11.06 20.18 -15.59
CA LEU A 224 11.70 21.44 -15.97
C LEU A 224 11.48 22.50 -14.92
N ILE A 225 10.22 22.92 -14.73
CA ILE A 225 9.96 23.96 -13.75
C ILE A 225 10.40 23.50 -12.36
N GLN A 226 9.85 22.38 -11.90
CA GLN A 226 9.86 22.07 -10.46
C GLN A 226 11.27 21.87 -9.94
N MET A 227 12.20 21.40 -10.78
CA MET A 227 13.58 21.26 -10.32
C MET A 227 14.55 22.29 -10.89
N TYR A 228 14.40 22.71 -12.14
CA TYR A 228 15.38 23.63 -12.71
C TYR A 228 15.21 25.05 -12.17
N ILE A 229 13.98 25.46 -11.79
CA ILE A 229 13.79 26.82 -11.29
C ILE A 229 14.60 27.08 -10.01
N PRO A 230 14.54 26.23 -8.98
CA PRO A 230 15.34 26.53 -7.77
C PRO A 230 16.83 26.60 -8.02
N SER A 231 17.33 25.86 -9.01
CA SER A 231 18.76 25.93 -9.33
C SER A 231 19.15 27.35 -9.76
N LEU A 232 18.42 27.91 -10.73
CA LEU A 232 18.71 29.27 -11.15
C LEU A 232 18.47 30.27 -10.03
N LEU A 233 17.45 30.01 -9.19
CA LEU A 233 17.21 30.87 -8.04
C LEU A 233 18.43 30.93 -7.12
N ILE A 234 19.00 29.77 -6.81
CA ILE A 234 20.17 29.72 -5.94
C ILE A 234 21.40 30.30 -6.64
N VAL A 235 21.49 30.16 -7.96
CA VAL A 235 22.58 30.79 -8.69
C VAL A 235 22.52 32.30 -8.55
N ILE A 236 21.33 32.88 -8.74
CA ILE A 236 21.20 34.33 -8.58
C ILE A 236 21.43 34.74 -7.13
N LEU A 237 21.01 33.90 -6.17
CA LEU A 237 21.24 34.22 -4.77
C LEU A 237 22.73 34.23 -4.43
N SER A 238 23.49 33.27 -4.97
CA SER A 238 24.94 33.30 -4.82
C SER A 238 25.54 34.53 -5.50
N TRP A 239 24.97 34.93 -6.63
CA TRP A 239 25.44 36.14 -7.32
C TRP A 239 25.25 37.37 -6.44
N ILE A 240 24.09 37.51 -5.81
CA ILE A 240 23.88 38.66 -4.94
C ILE A 240 24.71 38.54 -3.67
N SER A 241 25.05 37.31 -3.27
CA SER A 241 26.01 37.14 -2.17
C SER A 241 27.38 37.67 -2.55
N PHE A 242 27.82 37.41 -3.78
CA PHE A 242 29.03 38.05 -4.29
C PHE A 242 28.90 39.56 -4.28
N TRP A 243 27.76 40.07 -4.73
CA TRP A 243 27.55 41.51 -4.74
C TRP A 243 27.57 42.10 -3.34
N ILE A 244 27.25 41.29 -2.33
CA ILE A 244 27.34 41.76 -0.95
C ILE A 244 28.79 42.06 -0.61
N ASN A 245 29.01 43.15 0.12
CA ASN A 245 30.35 43.55 0.52
C ASN A 245 30.87 42.62 1.60
N MET A 246 32.16 42.79 1.94
CA MET A 246 32.82 41.94 2.93
C MET A 246 33.33 42.80 4.09
N ASP A 247 32.44 43.06 5.04
CA ASP A 247 32.80 43.61 6.35
C ASP A 247 32.35 42.69 7.48
N ALA A 248 31.09 42.30 7.50
CA ALA A 248 30.55 41.38 8.50
C ALA A 248 30.51 39.99 7.87
N ALA A 249 31.41 39.12 8.33
CA ALA A 249 31.48 37.74 7.82
C ALA A 249 30.17 36.97 7.95
N PRO A 250 29.50 36.93 9.11
CA PRO A 250 28.39 35.97 9.26
C PRO A 250 27.26 36.17 8.27
N ALA A 251 27.05 37.39 7.74
CA ALA A 251 26.00 37.59 6.76
C ALA A 251 26.21 36.70 5.53
N ARG A 252 27.33 36.90 4.83
CA ARG A 252 27.60 36.09 3.64
C ARG A 252 27.85 34.63 4.02
N VAL A 253 28.40 34.38 5.20
CA VAL A 253 28.57 32.99 5.65
C VAL A 253 27.23 32.28 5.69
N GLY A 254 26.24 32.89 6.36
CA GLY A 254 24.94 32.28 6.46
C GLY A 254 24.23 32.19 5.13
N LEU A 255 24.42 33.19 4.26
CA LEU A 255 23.81 33.12 2.93
C LEU A 255 24.33 31.92 2.16
N GLY A 256 25.66 31.73 2.18
CA GLY A 256 26.24 30.57 1.50
C GLY A 256 25.80 29.26 2.11
N ILE A 257 25.74 29.21 3.44
CA ILE A 257 25.29 28.00 4.14
C ILE A 257 23.86 27.66 3.75
N THR A 258 22.98 28.67 3.69
CA THR A 258 21.60 28.43 3.30
C THR A 258 21.49 27.97 1.85
N THR A 259 22.30 28.55 0.96
CA THR A 259 22.32 28.09 -0.42
C THR A 259 22.72 26.62 -0.50
N VAL A 260 23.74 26.24 0.25
CA VAL A 260 24.16 24.83 0.28
C VAL A 260 23.03 23.95 0.82
N LEU A 261 22.32 24.43 1.85
CA LEU A 261 21.19 23.69 2.38
C LEU A 261 20.12 23.48 1.31
N THR A 262 19.82 24.55 0.56
CA THR A 262 18.84 24.43 -0.53
C THR A 262 19.27 23.38 -1.53
N MET A 263 20.54 23.44 -1.96
CA MET A 263 21.03 22.48 -2.95
C MET A 263 20.94 21.05 -2.43
N THR A 264 21.42 20.79 -1.21
CA THR A 264 21.44 19.41 -0.73
C THR A 264 20.03 18.88 -0.49
N THR A 265 19.15 19.69 0.10
CA THR A 265 17.78 19.24 0.35
C THR A 265 17.04 19.02 -0.97
N GLN A 266 17.23 19.90 -1.95
CA GLN A 266 16.56 19.73 -3.22
C GLN A 266 17.05 18.48 -3.94
N SER A 267 18.36 18.21 -3.87
CA SER A 267 18.90 16.99 -4.46
C SER A 267 18.32 15.75 -3.78
N SER A 268 18.24 15.77 -2.45
CA SER A 268 17.66 14.63 -1.74
C SER A 268 16.20 14.43 -2.12
N GLY A 269 15.44 15.52 -2.23
CA GLY A 269 14.05 15.40 -2.65
C GLY A 269 13.89 14.88 -4.06
N SER A 270 14.80 15.28 -4.96
CA SER A 270 14.77 14.76 -6.32
C SER A 270 15.11 13.27 -6.34
N ARG A 271 15.99 12.84 -5.44
CA ARG A 271 16.43 11.45 -5.43
C ARG A 271 15.28 10.49 -5.19
N ALA A 272 14.43 10.80 -4.20
CA ALA A 272 13.53 9.81 -3.64
C ALA A 272 12.54 9.26 -4.67
N SER A 273 11.94 10.13 -5.48
CA SER A 273 10.92 9.69 -6.41
C SER A 273 11.49 8.74 -7.46
N LEU A 274 12.66 9.08 -8.00
CA LEU A 274 13.27 8.23 -9.00
C LEU A 274 13.83 6.96 -8.35
N PRO A 275 13.72 5.82 -9.02
CA PRO A 275 14.14 4.55 -8.40
C PRO A 275 15.65 4.46 -8.28
N LYS A 276 16.08 3.58 -7.37
CA LYS A 276 17.50 3.38 -7.12
C LYS A 276 18.18 2.84 -8.36
N VAL A 277 19.18 3.58 -8.86
CA VAL A 277 19.97 3.16 -10.02
C VAL A 277 21.43 3.47 -9.76
N SER A 278 22.30 2.72 -10.45
CA SER A 278 23.74 2.86 -10.27
C SER A 278 24.34 3.91 -11.20
N TYR A 279 24.09 3.78 -12.51
CA TYR A 279 24.64 4.72 -13.47
C TYR A 279 24.07 6.11 -13.29
N VAL A 280 24.87 7.12 -13.60
CA VAL A 280 24.47 8.50 -13.38
C VAL A 280 23.31 8.86 -14.29
N LYS A 281 22.36 9.61 -13.75
CA LYS A 281 21.18 10.05 -14.48
C LYS A 281 21.51 11.34 -15.22
N ALA A 282 20.45 12.02 -15.66
CA ALA A 282 20.67 13.24 -16.48
C ALA A 282 20.46 14.50 -15.63
N ILE A 283 19.71 14.43 -14.54
CA ILE A 283 19.46 15.62 -13.74
C ILE A 283 20.26 15.62 -12.44
N ASP A 284 20.68 14.45 -11.95
CA ASP A 284 21.64 14.44 -10.84
C ASP A 284 22.92 15.16 -11.23
N ILE A 285 23.29 15.12 -12.52
CA ILE A 285 24.47 15.86 -12.98
C ILE A 285 24.22 17.36 -12.86
N TRP A 286 23.02 17.82 -13.24
CA TRP A 286 22.65 19.22 -13.01
C TRP A 286 22.75 19.57 -11.53
N MET A 287 22.22 18.71 -10.67
CA MET A 287 22.18 19.03 -9.25
C MET A 287 23.60 19.08 -8.67
N ALA A 288 24.45 18.14 -9.08
CA ALA A 288 25.83 18.12 -8.61
C ALA A 288 26.60 19.33 -9.13
N VAL A 289 26.39 19.73 -10.38
CA VAL A 289 27.14 20.87 -10.90
C VAL A 289 26.69 22.16 -10.22
N CYS A 290 25.38 22.32 -9.98
CA CYS A 290 24.93 23.50 -9.24
C CYS A 290 25.48 23.49 -7.81
N LEU A 291 25.56 22.29 -7.20
CA LEU A 291 26.15 22.18 -5.87
C LEU A 291 27.62 22.59 -5.90
N LEU A 292 28.35 22.22 -6.96
CA LEU A 292 29.75 22.61 -7.02
C LEU A 292 29.91 24.09 -7.34
N PHE A 293 28.98 24.70 -8.08
CA PHE A 293 29.03 26.17 -8.22
C PHE A 293 28.80 26.87 -6.88
N VAL A 294 27.83 26.41 -6.08
CA VAL A 294 27.62 27.08 -4.80
C VAL A 294 28.80 26.81 -3.86
N PHE A 295 29.38 25.62 -3.94
CA PHE A 295 30.59 25.34 -3.17
C PHE A 295 31.74 26.24 -3.61
N SER A 296 31.87 26.48 -4.92
CA SER A 296 32.88 27.41 -5.41
C SER A 296 32.60 28.82 -4.93
N ALA A 297 31.32 29.19 -4.83
CA ALA A 297 30.97 30.50 -4.30
C ALA A 297 31.45 30.67 -2.87
N LEU A 298 31.15 29.69 -2.01
CA LEU A 298 31.57 29.79 -0.62
C LEU A 298 33.09 29.71 -0.49
N LEU A 299 33.73 28.91 -1.35
CA LEU A 299 35.19 28.84 -1.33
C LEU A 299 35.83 30.14 -1.79
N GLU A 300 35.21 30.79 -2.78
CA GLU A 300 35.70 32.10 -3.22
C GLU A 300 35.57 33.13 -2.12
N TYR A 301 34.44 33.11 -1.39
CA TYR A 301 34.31 34.01 -0.25
C TYR A 301 35.35 33.71 0.81
N ALA A 302 35.61 32.44 1.08
CA ALA A 302 36.64 32.09 2.06
C ALA A 302 38.01 32.58 1.61
N ALA A 303 38.31 32.45 0.31
CA ALA A 303 39.59 32.91 -0.21
C ALA A 303 39.73 34.43 -0.10
N VAL A 304 38.67 35.17 -0.43
CA VAL A 304 38.76 36.62 -0.35
C VAL A 304 38.85 37.07 1.10
N ASN A 305 38.19 36.35 2.02
CA ASN A 305 38.32 36.65 3.44
C ASN A 305 39.75 36.40 3.92
N PHE A 306 40.35 35.29 3.48
CA PHE A 306 41.74 35.00 3.84
C PHE A 306 42.67 36.07 3.30
N VAL A 307 42.47 36.50 2.05
CA VAL A 307 43.32 37.53 1.47
C VAL A 307 43.15 38.85 2.20
N SER A 308 41.91 39.15 2.62
CA SER A 308 41.65 40.42 3.28
C SER A 308 42.38 40.53 4.61
N ARG A 309 42.39 39.45 5.39
CA ARG A 309 42.91 39.49 6.76
C ARG A 309 44.32 38.96 6.90
N GLN A 310 45.00 38.62 5.80
CA GLN A 310 46.36 38.10 5.92
C GLN A 310 47.33 39.17 6.38
N HIS A 311 47.15 40.40 5.90
CA HIS A 311 48.00 41.53 6.25
C HIS A 311 49.49 41.23 6.04
N ARG A 323 48.22 47.13 4.52
CA ARG A 323 47.67 48.19 3.68
C ARG A 323 46.45 47.70 2.93
N LYS A 324 46.04 48.45 1.90
CA LYS A 324 44.89 48.10 1.08
C LYS A 324 45.29 47.63 -0.31
N LEU A 325 46.60 47.46 -0.57
CA LEU A 325 47.04 47.02 -1.90
C LEU A 325 46.51 45.63 -2.22
N PHE A 326 46.60 44.70 -1.26
CA PHE A 326 46.01 43.39 -1.47
C PHE A 326 44.49 43.42 -1.37
N ILE A 327 43.92 44.41 -0.69
CA ILE A 327 42.48 44.61 -0.72
C ILE A 327 42.03 45.01 -2.11
N GLN A 328 42.86 45.81 -2.81
CA GLN A 328 42.56 46.13 -4.20
C GLN A 328 42.54 44.87 -5.06
N ARG A 329 43.49 43.96 -4.83
CA ARG A 329 43.50 42.70 -5.55
C ARG A 329 42.29 41.83 -5.19
N ALA A 330 41.86 41.89 -3.93
CA ALA A 330 40.65 41.16 -3.52
C ALA A 330 39.43 41.69 -4.25
N LYS A 331 39.30 43.01 -4.37
CA LYS A 331 38.22 43.60 -5.13
C LYS A 331 38.32 43.22 -6.61
N LYS A 332 39.54 43.17 -7.13
CA LYS A 332 39.74 42.78 -8.53
C LYS A 332 39.29 41.34 -8.77
N ILE A 333 39.65 40.42 -7.88
CA ILE A 333 39.21 39.04 -8.07
C ILE A 333 37.70 38.93 -7.84
N ASP A 334 37.14 39.76 -6.97
CA ASP A 334 35.68 39.75 -6.79
C ASP A 334 34.97 40.15 -8.08
N LYS A 335 35.43 41.23 -8.72
CA LYS A 335 34.80 41.65 -9.97
C LYS A 335 35.10 40.66 -11.09
N ILE A 336 36.27 40.01 -11.06
CA ILE A 336 36.57 38.98 -12.06
C ILE A 336 35.60 37.82 -11.93
N SER A 337 35.32 37.37 -10.70
CA SER A 337 34.32 36.32 -10.51
C SER A 337 32.95 36.79 -10.95
N ARG A 338 32.60 38.04 -10.59
CA ARG A 338 31.29 38.60 -10.96
C ARG A 338 31.11 38.66 -12.47
N ILE A 339 32.19 38.86 -13.22
CA ILE A 339 32.08 38.91 -14.67
C ILE A 339 32.32 37.55 -15.34
N GLY A 340 32.88 36.59 -14.62
CA GLY A 340 33.17 35.29 -15.20
C GLY A 340 32.12 34.23 -14.96
N PHE A 341 31.66 34.09 -13.73
CA PHE A 341 30.64 33.07 -13.44
C PHE A 341 29.38 33.20 -14.28
N PRO A 342 28.83 34.39 -14.57
CA PRO A 342 27.67 34.44 -15.48
C PRO A 342 27.96 33.86 -16.86
N MET A 343 29.07 34.26 -17.49
CA MET A 343 29.40 33.74 -18.81
C MET A 343 29.64 32.23 -18.77
N ALA A 344 30.39 31.76 -17.77
CA ALA A 344 30.68 30.34 -17.67
C ALA A 344 29.39 29.54 -17.45
N PHE A 345 28.53 30.03 -16.56
CA PHE A 345 27.27 29.34 -16.31
C PHE A 345 26.39 29.30 -17.56
N LEU A 346 26.32 30.41 -18.29
CA LEU A 346 25.49 30.45 -19.50
C LEU A 346 26.02 29.47 -20.55
N ILE A 347 27.32 29.48 -20.78
CA ILE A 347 27.89 28.60 -21.81
C ILE A 347 27.77 27.14 -21.38
N PHE A 348 27.94 26.87 -20.08
CA PHE A 348 27.78 25.51 -19.59
C PHE A 348 26.34 25.04 -19.77
N ASN A 349 25.37 25.92 -19.50
CA ASN A 349 23.97 25.57 -19.73
C ASN A 349 23.72 25.30 -21.20
N MET A 350 24.37 26.07 -22.08
CA MET A 350 24.19 25.84 -23.51
C MET A 350 24.72 24.46 -23.91
N PHE A 351 25.93 24.11 -23.48
CA PHE A 351 26.41 22.74 -23.74
C PHE A 351 25.46 21.70 -23.16
N TYR A 352 25.04 21.90 -21.91
CA TYR A 352 24.24 20.89 -21.23
C TYR A 352 22.92 20.64 -21.97
N TRP A 353 22.19 21.71 -22.28
CA TRP A 353 20.91 21.56 -22.94
C TRP A 353 21.08 21.02 -24.36
N ILE A 354 22.10 21.49 -25.08
CA ILE A 354 22.26 21.05 -26.47
C ILE A 354 22.63 19.57 -26.53
N ILE A 355 23.49 19.12 -25.63
CA ILE A 355 24.05 17.77 -25.78
C ILE A 355 22.98 16.71 -25.53
N TYR A 356 22.08 16.92 -24.57
CA TYR A 356 21.06 15.92 -24.29
C TYR A 356 19.84 16.02 -25.20
N LYS A 357 19.76 17.04 -26.04
CA LYS A 357 18.69 17.11 -27.03
C LYS A 357 19.09 16.50 -28.37
N ILE A 358 20.27 15.92 -28.46
CA ILE A 358 20.73 15.26 -29.68
C ILE A 358 20.85 13.75 -29.44
N MET B 8 -6.97 -55.93 -2.71
CA MET B 8 -6.04 -56.06 -3.82
C MET B 8 -6.03 -54.79 -4.67
N SER B 9 -7.17 -54.51 -5.31
CA SER B 9 -7.27 -53.32 -6.16
C SER B 9 -7.31 -52.07 -5.30
N PRO B 10 -6.39 -51.12 -5.48
CA PRO B 10 -6.43 -49.90 -4.67
C PRO B 10 -7.71 -49.10 -4.84
N SER B 11 -8.23 -49.01 -6.06
CA SER B 11 -9.46 -48.25 -6.29
C SER B 11 -10.63 -48.90 -5.56
N ASP B 12 -10.75 -50.23 -5.67
CA ASP B 12 -11.81 -50.94 -4.98
C ASP B 12 -11.67 -50.80 -3.47
N PHE B 13 -10.45 -50.88 -2.96
CA PHE B 13 -10.23 -50.70 -1.53
C PHE B 13 -10.67 -49.32 -1.06
N LEU B 14 -10.27 -48.28 -1.80
CA LEU B 14 -10.66 -46.92 -1.42
C LEU B 14 -12.16 -46.74 -1.49
N ASP B 15 -12.80 -47.28 -2.52
CA ASP B 15 -14.26 -47.16 -2.65
C ASP B 15 -14.98 -47.87 -1.50
N LYS B 16 -14.54 -49.09 -1.17
CA LYS B 16 -15.17 -49.83 -0.08
C LYS B 16 -14.85 -49.22 1.28
N LEU B 17 -13.77 -48.45 1.38
CA LEU B 17 -13.45 -47.80 2.66
C LEU B 17 -14.26 -46.52 2.84
N MET B 18 -14.12 -45.57 1.91
CA MET B 18 -14.88 -44.33 1.96
C MET B 18 -15.38 -43.97 0.57
N GLY B 19 -16.44 -43.16 0.53
CA GLY B 19 -16.99 -42.68 -0.72
C GLY B 19 -18.41 -43.16 -0.93
N ARG B 20 -18.77 -43.38 -2.19
CA ARG B 20 -20.14 -43.72 -2.55
C ARG B 20 -20.53 -45.09 -1.99
N THR B 21 -19.81 -46.13 -2.39
CA THR B 21 -20.14 -47.50 -2.00
C THR B 21 -19.47 -47.89 -0.68
N SER B 22 -19.65 -47.06 0.35
CA SER B 22 -19.09 -47.33 1.66
C SER B 22 -20.05 -47.09 2.81
N GLY B 23 -21.10 -46.29 2.63
CA GLY B 23 -21.99 -45.97 3.72
C GLY B 23 -21.41 -45.02 4.74
N TYR B 24 -20.23 -44.47 4.48
CA TYR B 24 -19.57 -43.53 5.40
C TYR B 24 -19.93 -42.11 4.98
N ASP B 25 -20.81 -41.46 5.75
CA ASP B 25 -21.25 -40.11 5.45
C ASP B 25 -20.28 -39.11 6.08
N ALA B 26 -19.84 -38.14 5.28
CA ALA B 26 -18.88 -37.14 5.73
C ALA B 26 -19.53 -36.01 6.52
N ARG B 27 -20.85 -35.99 6.63
CA ARG B 27 -21.56 -34.94 7.33
C ARG B 27 -21.82 -35.24 8.80
N ILE B 28 -21.33 -36.37 9.31
CA ILE B 28 -21.59 -36.80 10.67
C ILE B 28 -20.25 -37.03 11.37
N ARG B 29 -20.08 -36.42 12.53
CA ARG B 29 -18.86 -36.58 13.29
C ARG B 29 -18.79 -37.98 13.90
N PRO B 30 -17.59 -38.50 14.13
CA PRO B 30 -17.46 -39.88 14.62
C PRO B 30 -18.05 -40.05 16.01
N ASN B 31 -18.52 -41.27 16.29
CA ASN B 31 -19.12 -41.63 17.58
C ASN B 31 -20.33 -40.76 17.88
N PHE B 32 -21.22 -40.64 16.89
CA PHE B 32 -22.40 -39.79 17.05
C PHE B 32 -23.29 -40.30 18.18
N LYS B 33 -23.91 -39.36 18.90
CA LYS B 33 -24.73 -39.67 20.07
C LYS B 33 -23.94 -40.46 21.10
N GLY B 34 -22.67 -40.11 21.28
CA GLY B 34 -21.80 -40.81 22.19
C GLY B 34 -20.74 -39.91 22.80
N PRO B 35 -19.63 -40.50 23.23
CA PRO B 35 -18.58 -39.71 23.86
C PRO B 35 -17.95 -38.76 22.85
N PRO B 36 -17.39 -37.64 23.31
CA PRO B 36 -16.76 -36.69 22.39
C PRO B 36 -15.44 -37.21 21.87
N VAL B 37 -14.95 -36.56 20.82
CA VAL B 37 -13.67 -36.90 20.22
C VAL B 37 -12.59 -36.09 20.93
N ASN B 38 -11.61 -36.80 21.52
CA ASN B 38 -10.60 -36.14 22.32
C ASN B 38 -9.73 -35.21 21.48
N VAL B 39 -9.26 -35.70 20.34
CA VAL B 39 -8.49 -34.92 19.35
C VAL B 39 -7.14 -34.48 19.90
N SER B 40 -6.09 -34.69 19.12
CA SER B 40 -4.76 -34.19 19.42
C SER B 40 -4.29 -33.31 18.27
N CYS B 41 -3.90 -32.08 18.59
CA CYS B 41 -3.47 -31.13 17.57
C CYS B 41 -2.21 -30.42 18.03
N ASN B 42 -1.23 -30.34 17.13
CA ASN B 42 0.02 -29.67 17.40
C ASN B 42 0.43 -28.85 16.18
N ILE B 43 1.23 -27.82 16.41
CA ILE B 43 1.68 -26.91 15.36
C ILE B 43 3.19 -26.98 15.26
N PHE B 44 3.71 -26.50 14.12
CA PHE B 44 5.14 -26.44 13.89
C PHE B 44 5.44 -25.18 13.08
N ILE B 45 6.17 -24.25 13.69
CA ILE B 45 6.49 -23.00 13.02
C ILE B 45 7.40 -23.26 11.83
N ASN B 46 7.34 -22.36 10.84
CA ASN B 46 8.26 -22.42 9.72
C ASN B 46 8.96 -21.07 9.53
N SER B 47 8.25 -19.98 9.84
CA SER B 47 8.84 -18.65 9.74
C SER B 47 7.92 -17.64 10.43
N PHE B 48 8.49 -16.84 11.33
CA PHE B 48 7.88 -15.58 11.75
C PHE B 48 8.19 -14.50 10.72
N GLY B 49 7.90 -13.26 11.08
CA GLY B 49 8.22 -12.11 10.25
C GLY B 49 7.15 -11.05 10.35
N SER B 50 7.52 -9.83 9.94
CA SER B 50 6.60 -8.70 9.85
C SER B 50 5.96 -8.35 11.20
N ILE B 51 6.72 -8.40 12.29
CA ILE B 51 6.25 -7.83 13.55
C ILE B 51 6.24 -6.31 13.46
N ALA B 52 5.05 -5.73 13.28
CA ALA B 52 4.89 -4.30 13.09
C ALA B 52 3.85 -3.78 14.08
N GLU B 53 4.23 -2.77 14.85
CA GLU B 53 3.29 -2.15 15.78
C GLU B 53 2.35 -1.15 15.11
N THR B 54 2.62 -0.76 13.86
CA THR B 54 1.75 0.19 13.17
C THR B 54 0.35 -0.40 13.01
N THR B 55 0.26 -1.66 12.63
CA THR B 55 -1.01 -2.35 12.46
C THR B 55 -1.37 -3.17 13.69
N MET B 56 -0.42 -3.34 14.62
CA MET B 56 -0.66 -4.03 15.88
C MET B 56 -1.07 -5.49 15.60
N ASP B 57 -0.19 -6.20 14.90
CA ASP B 57 -0.42 -7.59 14.50
C ASP B 57 0.89 -8.13 13.93
N TYR B 58 0.86 -9.40 13.52
CA TYR B 58 2.04 -10.05 12.94
C TYR B 58 1.60 -11.25 12.13
N ARG B 59 2.47 -11.67 11.22
CA ARG B 59 2.21 -12.78 10.30
C ARG B 59 3.17 -13.92 10.57
N VAL B 60 2.62 -15.14 10.60
CA VAL B 60 3.43 -16.35 10.76
C VAL B 60 3.04 -17.33 9.67
N ASN B 61 4.01 -18.20 9.33
CA ASN B 61 3.79 -19.27 8.34
C ASN B 61 4.05 -20.58 9.08
N ILE B 62 3.00 -21.36 9.34
CA ILE B 62 3.11 -22.57 10.15
C ILE B 62 2.40 -23.71 9.46
N PHE B 63 2.71 -24.92 9.89
CA PHE B 63 1.92 -26.09 9.55
C PHE B 63 0.81 -26.24 10.59
N LEU B 64 0.00 -27.29 10.44
CA LEU B 64 -1.11 -27.52 11.36
C LEU B 64 -1.54 -28.97 11.23
N ARG B 65 -1.44 -29.71 12.32
CA ARG B 65 -1.70 -31.15 12.32
C ARG B 65 -2.73 -31.51 13.36
N GLN B 66 -3.63 -32.42 13.02
CA GLN B 66 -4.64 -32.93 13.94
C GLN B 66 -4.53 -34.44 14.04
N GLN B 67 -4.96 -34.98 15.17
CA GLN B 67 -4.96 -36.41 15.40
C GLN B 67 -6.24 -36.80 16.13
N TRP B 68 -6.85 -37.89 15.70
CA TRP B 68 -8.02 -38.47 16.37
C TRP B 68 -8.20 -39.88 15.81
N ASN B 69 -9.30 -40.53 16.17
CA ASN B 69 -9.59 -41.87 15.69
C ASN B 69 -11.05 -41.92 15.25
N ASP B 70 -11.27 -42.27 13.99
CA ASP B 70 -12.63 -42.41 13.46
C ASP B 70 -12.95 -43.90 13.36
N PRO B 71 -13.91 -44.40 14.13
CA PRO B 71 -14.24 -45.84 14.04
C PRO B 71 -14.67 -46.28 12.66
N ARG B 72 -15.36 -45.43 11.91
CA ARG B 72 -15.77 -45.79 10.55
C ARG B 72 -14.58 -45.94 9.61
N LEU B 73 -13.43 -45.39 9.96
CA LEU B 73 -12.23 -45.48 9.14
C LEU B 73 -11.36 -46.69 9.49
N ALA B 74 -11.80 -47.53 10.41
CA ALA B 74 -11.02 -48.70 10.79
C ALA B 74 -10.86 -49.65 9.61
N TYR B 75 -9.65 -50.17 9.43
CA TYR B 75 -9.36 -51.09 8.35
C TYR B 75 -8.30 -52.08 8.81
N ASN B 76 -8.33 -53.28 8.22
CA ASN B 76 -7.39 -54.33 8.58
C ASN B 76 -6.92 -55.11 7.35
N GLU B 77 -6.90 -54.47 6.18
CA GLU B 77 -6.54 -55.17 4.95
C GLU B 77 -5.05 -54.98 4.62
N TYR B 78 -4.60 -53.74 4.48
CA TYR B 78 -3.22 -53.48 4.12
C TYR B 78 -2.30 -53.82 5.28
N PRO B 79 -1.28 -54.67 5.08
CA PRO B 79 -0.41 -55.05 6.19
C PRO B 79 0.34 -53.90 6.82
N ASP B 80 0.73 -52.89 6.03
CA ASP B 80 1.49 -51.78 6.58
C ASP B 80 0.63 -50.93 7.50
N ASP B 81 1.16 -50.62 8.68
CA ASP B 81 0.43 -49.80 9.64
C ASP B 81 0.18 -48.39 9.08
N SER B 82 1.26 -47.66 8.83
CA SER B 82 1.13 -46.32 8.26
C SER B 82 0.67 -46.42 6.80
N LEU B 83 -0.14 -45.46 6.38
CA LEU B 83 -0.66 -45.43 5.02
C LEU B 83 -1.07 -44.02 4.67
N ASP B 84 -0.54 -43.51 3.56
CA ASP B 84 -0.90 -42.19 3.08
C ASP B 84 -2.05 -42.29 2.07
N LEU B 85 -2.45 -41.16 1.53
CA LEU B 85 -3.55 -41.14 0.57
C LEU B 85 -3.46 -39.87 -0.28
N ASP B 86 -4.16 -39.88 -1.39
CA ASP B 86 -4.16 -38.73 -2.29
C ASP B 86 -4.87 -37.56 -1.61
N PRO B 87 -4.26 -36.37 -1.59
CA PRO B 87 -4.94 -35.21 -0.98
C PRO B 87 -6.25 -34.85 -1.64
N SER B 88 -6.43 -35.21 -2.91
CA SER B 88 -7.64 -34.82 -3.63
C SER B 88 -8.91 -35.42 -3.04
N MET B 89 -8.80 -36.54 -2.32
CA MET B 89 -9.95 -37.15 -1.66
C MET B 89 -10.05 -36.78 -0.19
N LEU B 90 -9.49 -35.63 0.21
CA LEU B 90 -9.65 -35.19 1.59
C LEU B 90 -11.11 -34.95 1.92
N ASP B 91 -11.84 -34.29 1.01
CA ASP B 91 -13.23 -33.91 1.28
C ASP B 91 -14.15 -35.12 1.44
N SER B 92 -13.69 -36.31 1.05
CA SER B 92 -14.52 -37.51 1.17
C SER B 92 -14.73 -37.96 2.60
N ILE B 93 -13.96 -37.43 3.56
CA ILE B 93 -14.05 -37.86 4.94
C ILE B 93 -14.30 -36.66 5.84
N TRP B 94 -14.75 -36.94 7.06
CA TRP B 94 -15.05 -35.91 8.04
C TRP B 94 -13.77 -35.21 8.49
N LYS B 95 -13.92 -33.94 8.88
CA LYS B 95 -12.82 -33.14 9.39
C LYS B 95 -13.35 -32.21 10.47
N PRO B 96 -12.50 -31.76 11.38
CA PRO B 96 -12.91 -30.77 12.37
C PRO B 96 -12.97 -29.38 11.76
N ASP B 97 -13.43 -28.43 12.57
CA ASP B 97 -13.58 -27.03 12.15
C ASP B 97 -12.63 -26.12 12.92
N LEU B 98 -11.38 -26.56 13.10
CA LEU B 98 -10.38 -25.78 13.81
C LEU B 98 -10.08 -24.46 13.11
N PHE B 99 -10.49 -23.36 13.73
CA PHE B 99 -10.26 -22.02 13.19
C PHE B 99 -9.45 -21.21 14.20
N PHE B 100 -9.25 -19.93 13.86
CA PHE B 100 -8.46 -19.04 14.75
C PHE B 100 -9.37 -17.89 15.19
N ALA B 101 -9.34 -17.54 16.47
CA ALA B 101 -10.24 -16.52 17.03
C ALA B 101 -9.95 -15.15 16.41
N ASN B 102 -8.77 -14.61 16.64
CA ASN B 102 -8.34 -13.35 16.05
C ASN B 102 -7.36 -13.68 14.93
N GLU B 103 -7.76 -13.43 13.69
CA GLU B 103 -6.96 -13.93 12.59
C GLU B 103 -6.74 -12.90 11.47
N LYS B 104 -7.70 -12.01 11.26
CA LYS B 104 -7.56 -10.88 10.34
C LYS B 104 -7.13 -11.32 8.93
N GLY B 105 -7.70 -12.42 8.45
CA GLY B 105 -7.56 -12.77 7.04
C GLY B 105 -6.37 -13.64 6.70
N ALA B 106 -6.63 -14.77 6.03
CA ALA B 106 -5.56 -15.65 5.58
C ALA B 106 -5.96 -16.31 4.26
N HIS B 107 -5.25 -17.37 3.92
CA HIS B 107 -5.44 -18.11 2.67
C HIS B 107 -4.75 -19.46 2.83
N PHE B 108 -4.74 -20.23 1.74
CA PHE B 108 -4.05 -21.50 1.64
C PHE B 108 -2.82 -21.34 0.76
N HIS B 109 -2.14 -22.44 0.47
CA HIS B 109 -1.11 -22.47 -0.54
C HIS B 109 -1.51 -23.48 -1.61
N GLU B 110 -1.80 -23.00 -2.80
CA GLU B 110 -2.36 -23.80 -3.89
C GLU B 110 -1.34 -24.08 -4.98
N ILE B 111 -0.05 -24.11 -4.63
CA ILE B 111 1.01 -24.22 -5.61
C ILE B 111 1.12 -25.66 -6.07
N THR B 112 0.67 -25.91 -7.30
CA THR B 112 0.79 -27.17 -8.03
C THR B 112 -0.10 -28.25 -7.44
N THR B 113 -0.70 -27.98 -6.28
CA THR B 113 -1.64 -28.83 -5.56
C THR B 113 -2.03 -28.08 -4.30
N ASP B 114 -3.17 -28.44 -3.73
CA ASP B 114 -3.48 -28.04 -2.36
C ASP B 114 -2.54 -28.80 -1.44
N ASN B 115 -1.59 -28.07 -0.82
CA ASN B 115 -0.53 -28.74 -0.08
C ASN B 115 -1.05 -29.34 1.23
N LYS B 116 -1.84 -30.40 1.11
CA LYS B 116 -2.52 -31.03 2.23
C LYS B 116 -2.10 -32.48 2.31
N LEU B 117 -1.77 -32.95 3.51
CA LEU B 117 -1.30 -34.30 3.73
C LEU B 117 -2.27 -35.04 4.63
N LEU B 118 -2.65 -36.25 4.21
CA LEU B 118 -3.55 -37.10 4.98
C LEU B 118 -2.87 -38.45 5.17
N ARG B 119 -2.87 -38.94 6.41
CA ARG B 119 -2.25 -40.21 6.75
C ARG B 119 -3.23 -41.04 7.57
N ILE B 120 -3.21 -42.35 7.34
CA ILE B 120 -4.14 -43.28 8.00
C ILE B 120 -3.33 -44.29 8.80
N SER B 121 -3.69 -44.45 10.07
CA SER B 121 -3.09 -45.49 10.91
C SER B 121 -3.92 -46.76 10.84
N ARG B 122 -3.26 -47.89 11.11
CA ARG B 122 -3.91 -49.19 10.98
C ARG B 122 -5.08 -49.33 11.96
N ASN B 123 -4.88 -48.90 13.21
CA ASN B 123 -5.92 -49.08 14.22
C ASN B 123 -7.15 -48.23 13.93
N GLY B 124 -6.96 -47.05 13.34
CA GLY B 124 -8.07 -46.17 13.07
C GLY B 124 -7.72 -44.70 13.24
N ASN B 125 -6.52 -44.43 13.75
CA ASN B 125 -6.06 -43.05 13.86
C ASN B 125 -5.80 -42.47 12.49
N VAL B 126 -6.04 -41.16 12.37
CA VAL B 126 -5.88 -40.44 11.11
C VAL B 126 -5.04 -39.20 11.36
N LEU B 127 -4.11 -38.93 10.45
CA LEU B 127 -3.29 -37.72 10.49
C LEU B 127 -3.68 -36.83 9.32
N TYR B 128 -3.93 -35.56 9.60
CA TYR B 128 -4.37 -34.60 8.60
C TYR B 128 -3.66 -33.28 8.85
N SER B 129 -2.89 -32.82 7.88
CA SER B 129 -2.06 -31.63 8.04
C SER B 129 -2.25 -30.70 6.85
N ILE B 130 -2.36 -29.40 7.15
CA ILE B 130 -2.48 -28.36 6.13
C ILE B 130 -1.54 -27.22 6.50
N ARG B 131 -0.76 -26.75 5.52
CA ARG B 131 0.13 -25.61 5.74
C ARG B 131 -0.65 -24.32 5.57
N ILE B 132 -0.62 -23.46 6.60
CA ILE B 132 -1.46 -22.29 6.64
C ILE B 132 -0.58 -21.08 6.98
N THR B 133 -1.00 -19.90 6.50
CA THR B 133 -0.29 -18.65 6.76
C THR B 133 -1.24 -17.70 7.46
N LEU B 134 -0.94 -17.35 8.70
CA LEU B 134 -1.84 -16.57 9.54
C LEU B 134 -1.37 -15.12 9.62
N THR B 135 -2.17 -14.28 10.28
CA THR B 135 -1.78 -12.91 10.58
C THR B 135 -2.49 -12.51 11.87
N LEU B 136 -1.85 -12.77 13.00
CA LEU B 136 -2.49 -12.66 14.31
C LEU B 136 -2.40 -11.25 14.86
N ALA B 137 -3.51 -10.75 15.39
CA ALA B 137 -3.53 -9.47 16.08
C ALA B 137 -3.05 -9.68 17.52
N CYS B 138 -2.08 -8.88 17.94
CA CYS B 138 -1.43 -9.03 19.23
C CYS B 138 -1.73 -7.82 20.12
N PRO B 139 -2.16 -8.01 21.37
CA PRO B 139 -2.39 -6.84 22.24
C PRO B 139 -1.08 -6.18 22.62
N MET B 140 -0.52 -5.43 21.67
CA MET B 140 0.80 -4.83 21.84
C MET B 140 0.78 -3.79 22.96
N ASP B 141 1.86 -3.76 23.74
CA ASP B 141 2.02 -2.82 24.85
C ASP B 141 3.33 -2.08 24.68
N LEU B 142 3.35 -0.81 25.05
CA LEU B 142 4.52 0.04 24.81
C LEU B 142 4.88 0.91 26.02
N LYS B 143 4.66 0.41 27.24
CA LYS B 143 5.04 1.18 28.42
C LYS B 143 6.55 1.37 28.45
N ASN B 144 7.29 0.27 28.59
CA ASN B 144 8.75 0.29 28.52
C ASN B 144 9.18 -0.18 27.13
N PHE B 145 9.00 0.72 26.15
CA PHE B 145 9.13 0.34 24.75
C PHE B 145 10.51 -0.20 24.38
N PRO B 146 11.61 0.52 24.62
CA PRO B 146 12.92 -0.04 24.20
C PRO B 146 13.28 -1.33 24.92
N MET B 147 12.86 -1.49 26.18
CA MET B 147 13.15 -2.68 26.96
C MET B 147 11.96 -3.63 27.05
N ASP B 148 11.15 -3.70 25.99
CA ASP B 148 9.86 -4.35 26.07
C ASP B 148 10.00 -5.87 26.07
N VAL B 149 9.03 -6.53 26.68
CA VAL B 149 8.84 -7.98 26.59
C VAL B 149 7.41 -8.23 26.14
N GLN B 150 7.25 -9.04 25.10
CA GLN B 150 5.97 -9.21 24.44
C GLN B 150 5.49 -10.64 24.54
N THR B 151 4.16 -10.80 24.54
CA THR B 151 3.52 -12.11 24.62
C THR B 151 2.29 -12.11 23.72
N CYS B 152 2.44 -12.64 22.52
CA CYS B 152 1.36 -12.77 21.57
C CYS B 152 0.81 -14.19 21.59
N ILE B 153 -0.47 -14.33 21.26
CA ILE B 153 -1.18 -15.59 21.43
C ILE B 153 -1.94 -15.94 20.15
N MET B 154 -2.19 -17.25 20.00
CA MET B 154 -3.05 -17.77 18.95
C MET B 154 -4.11 -18.64 19.61
N GLN B 155 -5.38 -18.29 19.41
CA GLN B 155 -6.48 -19.01 20.05
C GLN B 155 -7.04 -20.03 19.06
N LEU B 156 -6.39 -21.19 18.98
CA LEU B 156 -6.94 -22.30 18.22
C LEU B 156 -8.15 -22.86 18.94
N GLU B 157 -9.23 -23.10 18.20
CA GLU B 157 -10.45 -23.62 18.81
C GLU B 157 -11.40 -24.07 17.70
N SER B 158 -12.46 -24.76 18.11
CA SER B 158 -13.53 -25.17 17.21
C SER B 158 -14.61 -24.10 17.15
N PHE B 159 -15.43 -24.16 16.11
CA PHE B 159 -16.47 -23.16 15.89
C PHE B 159 -17.87 -23.75 15.95
N GLY B 160 -18.15 -24.81 15.21
CA GLY B 160 -19.49 -25.34 15.11
C GLY B 160 -19.72 -26.65 15.84
N TYR B 161 -19.11 -26.81 17.01
CA TYR B 161 -19.29 -28.03 17.80
C TYR B 161 -19.07 -27.68 19.27
N THR B 162 -20.05 -28.02 20.11
CA THR B 162 -20.00 -27.66 21.52
C THR B 162 -18.89 -28.40 22.24
N MET B 163 -18.56 -27.92 23.44
CA MET B 163 -17.46 -28.51 24.20
C MET B 163 -17.75 -29.95 24.56
N ASN B 164 -18.98 -30.25 24.98
CA ASN B 164 -19.32 -31.62 25.35
C ASN B 164 -19.25 -32.55 24.15
N ASP B 165 -19.41 -32.00 22.94
CA ASP B 165 -19.32 -32.80 21.73
C ASP B 165 -17.89 -32.89 21.20
N LEU B 166 -17.08 -31.86 21.42
CA LEU B 166 -15.73 -31.82 20.86
C LEU B 166 -14.81 -31.04 21.77
N ILE B 167 -13.62 -31.60 22.04
CA ILE B 167 -12.60 -30.96 22.84
C ILE B 167 -11.28 -31.06 22.07
N PHE B 168 -10.38 -30.12 22.34
CA PHE B 168 -9.05 -30.12 21.76
C PHE B 168 -8.00 -30.32 22.86
N GLU B 169 -6.84 -30.83 22.46
CA GLU B 169 -5.76 -31.12 23.39
C GLU B 169 -4.44 -31.10 22.63
N TRP B 170 -3.35 -31.00 23.38
CA TRP B 170 -2.02 -30.92 22.82
C TRP B 170 -1.25 -32.21 23.06
N GLN B 171 -0.49 -32.63 22.06
CA GLN B 171 0.45 -33.73 22.23
C GLN B 171 1.66 -33.23 22.99
N GLU B 172 2.06 -33.97 24.04
CA GLU B 172 2.98 -33.44 25.03
C GLU B 172 4.37 -33.18 24.44
N GLN B 173 4.91 -34.14 23.69
CA GLN B 173 6.31 -34.09 23.28
C GLN B 173 6.50 -33.07 22.16
N GLY B 174 7.01 -31.90 22.50
CA GLY B 174 7.34 -30.88 21.51
C GLY B 174 6.14 -30.40 20.72
N ALA B 175 5.09 -29.97 21.43
CA ALA B 175 3.86 -29.54 20.75
C ALA B 175 4.10 -28.36 19.83
N VAL B 176 5.02 -27.45 20.18
CA VAL B 176 5.16 -26.19 19.47
C VAL B 176 6.59 -26.09 18.93
N GLN B 177 7.16 -27.23 18.57
CA GLN B 177 8.53 -27.27 18.05
C GLN B 177 8.72 -26.28 16.91
N VAL B 178 9.85 -25.58 16.94
CA VAL B 178 10.11 -24.46 16.04
C VAL B 178 11.31 -24.80 15.16
N ALA B 179 11.40 -24.12 14.02
CA ALA B 179 12.53 -24.29 13.12
C ALA B 179 13.81 -23.78 13.79
N ASP B 180 14.94 -24.36 13.39
CA ASP B 180 16.19 -24.09 14.07
C ASP B 180 16.79 -22.74 13.68
N GLY B 181 17.03 -22.52 12.40
CA GLY B 181 17.78 -21.37 11.95
C GLY B 181 17.04 -20.08 11.77
N LEU B 182 15.74 -20.03 12.05
CA LEU B 182 14.99 -18.80 11.82
C LEU B 182 15.47 -17.69 12.75
N THR B 183 15.46 -16.46 12.23
CA THR B 183 15.82 -15.28 13.01
C THR B 183 14.79 -14.19 12.74
N LEU B 184 14.66 -13.29 13.71
CA LEU B 184 13.70 -12.21 13.63
C LEU B 184 14.41 -10.86 13.67
N PRO B 185 14.11 -9.96 12.74
CA PRO B 185 14.52 -8.57 12.93
C PRO B 185 13.89 -7.99 14.19
N GLN B 186 14.66 -7.20 14.93
CA GLN B 186 14.22 -6.53 16.14
C GLN B 186 13.75 -7.48 17.23
N PHE B 187 13.99 -8.79 17.10
CA PHE B 187 13.40 -9.72 18.06
C PHE B 187 14.16 -11.03 18.08
N ILE B 188 14.16 -11.66 19.25
CA ILE B 188 14.50 -13.08 19.42
C ILE B 188 13.52 -13.67 20.43
N LEU B 189 12.82 -14.73 20.05
CA LEU B 189 11.91 -15.41 20.95
C LEU B 189 12.68 -16.37 21.86
N LYS B 190 12.23 -16.49 23.10
CA LYS B 190 12.83 -17.44 24.02
C LYS B 190 12.32 -18.86 23.74
N GLU B 191 13.13 -19.83 24.12
CA GLU B 191 12.80 -21.24 23.86
C GLU B 191 11.57 -21.68 24.64
N GLU B 192 11.24 -21.02 25.75
CA GLU B 192 10.14 -21.43 26.60
C GLU B 192 8.83 -20.85 26.08
N LYS B 193 7.85 -21.73 25.85
CA LYS B 193 6.52 -21.34 25.41
C LYS B 193 5.48 -22.01 26.30
N ASP B 194 4.56 -21.23 26.84
CA ASP B 194 3.57 -21.75 27.77
C ASP B 194 2.44 -22.45 27.00
N LEU B 195 1.49 -22.99 27.75
CA LEU B 195 0.39 -23.76 27.17
C LEU B 195 -0.74 -23.82 28.19
N ARG B 196 -1.90 -23.28 27.85
CA ARG B 196 -3.03 -23.25 28.78
C ARG B 196 -4.33 -23.24 28.01
N TYR B 197 -5.42 -23.52 28.73
CA TYR B 197 -6.75 -23.57 28.14
C TYR B 197 -7.42 -22.20 28.17
N CYS B 198 -8.36 -21.99 27.25
CA CYS B 198 -9.08 -20.73 27.12
C CYS B 198 -10.56 -20.98 26.87
N THR B 199 -11.11 -22.02 27.49
CA THR B 199 -12.50 -22.43 27.22
C THR B 199 -13.45 -21.34 27.68
N LYS B 200 -13.99 -20.59 26.73
CA LYS B 200 -14.85 -19.44 27.00
C LYS B 200 -16.30 -19.78 26.71
N HIS B 201 -17.17 -18.79 26.89
CA HIS B 201 -18.61 -18.96 26.74
C HIS B 201 -19.19 -17.89 25.82
N TYR B 202 -20.33 -18.23 25.22
CA TYR B 202 -21.11 -17.28 24.44
C TYR B 202 -22.59 -17.51 24.74
N ASN B 203 -23.43 -16.59 24.26
CA ASN B 203 -24.86 -16.72 24.48
C ASN B 203 -25.46 -17.92 23.77
N THR B 204 -24.79 -18.44 22.74
CA THR B 204 -25.25 -19.63 22.03
C THR B 204 -24.68 -20.92 22.59
N GLY B 205 -23.83 -20.84 23.61
CA GLY B 205 -23.23 -22.03 24.19
C GLY B 205 -21.79 -21.83 24.60
N LYS B 206 -20.99 -22.89 24.54
CA LYS B 206 -19.59 -22.80 24.90
C LYS B 206 -18.81 -23.78 24.04
N PHE B 207 -17.50 -23.54 23.92
CA PHE B 207 -16.70 -24.26 22.95
C PHE B 207 -15.33 -24.57 23.55
N THR B 208 -14.66 -25.56 22.96
CA THR B 208 -13.28 -25.84 23.31
C THR B 208 -12.38 -24.70 22.84
N CYS B 209 -11.23 -24.59 23.47
CA CYS B 209 -10.32 -23.48 23.19
C CYS B 209 -8.95 -23.80 23.79
N ILE B 210 -7.90 -23.55 23.02
CA ILE B 210 -6.53 -23.78 23.45
C ILE B 210 -5.68 -22.56 23.10
N GLU B 211 -4.55 -22.44 23.81
CA GLU B 211 -3.67 -21.28 23.68
C GLU B 211 -2.24 -21.73 23.39
N ALA B 212 -1.50 -20.85 22.72
CA ALA B 212 -0.06 -21.00 22.54
C ALA B 212 0.53 -19.60 22.53
N ARG B 213 1.29 -19.26 23.57
CA ARG B 213 1.81 -17.92 23.75
C ARG B 213 3.33 -17.91 23.60
N PHE B 214 3.84 -16.89 22.92
CA PHE B 214 5.26 -16.75 22.64
C PHE B 214 5.81 -15.56 23.40
N HIS B 215 6.91 -15.77 24.12
CA HIS B 215 7.63 -14.67 24.74
C HIS B 215 8.54 -14.01 23.70
N LEU B 216 8.46 -12.69 23.59
CA LEU B 216 9.25 -11.94 22.62
C LEU B 216 10.03 -10.85 23.34
N GLU B 217 11.32 -10.78 23.05
CA GLU B 217 12.20 -9.72 23.55
C GLU B 217 12.80 -8.99 22.36
N ARG B 218 12.80 -7.66 22.43
CA ARG B 218 13.34 -6.83 21.35
C ARG B 218 14.71 -6.30 21.74
N GLN B 219 15.67 -6.46 20.85
CA GLN B 219 17.02 -6.01 21.11
C GLN B 219 17.08 -4.49 21.14
N MET B 220 17.93 -3.95 22.01
CA MET B 220 18.06 -2.51 22.11
C MET B 220 18.75 -1.92 20.89
N GLY B 221 19.67 -2.66 20.27
CA GLY B 221 20.66 -2.13 19.33
C GLY B 221 20.26 -1.01 18.39
N TYR B 222 19.24 -1.23 17.55
CA TYR B 222 18.86 -0.25 16.55
C TYR B 222 18.43 1.06 17.19
N TYR B 223 17.41 1.01 18.04
CA TYR B 223 16.94 2.21 18.70
C TYR B 223 18.02 2.82 19.58
N LEU B 224 18.75 1.97 20.31
CA LEU B 224 19.87 2.41 21.12
C LEU B 224 20.78 3.33 20.33
N ILE B 225 21.41 2.82 19.29
CA ILE B 225 22.33 3.62 18.50
C ILE B 225 21.59 4.83 17.96
N GLN B 226 20.61 4.59 17.08
CA GLN B 226 20.08 5.64 16.23
C GLN B 226 19.29 6.70 16.98
N MET B 227 18.99 6.49 18.27
CA MET B 227 18.26 7.48 19.04
C MET B 227 19.10 8.05 20.18
N TYR B 228 19.73 7.18 20.98
CA TYR B 228 20.46 7.65 22.14
C TYR B 228 21.76 8.33 21.73
N ILE B 229 22.46 7.81 20.70
CA ILE B 229 23.72 8.44 20.30
C ILE B 229 23.52 9.89 19.85
N PRO B 230 22.57 10.22 18.96
CA PRO B 230 22.36 11.63 18.63
C PRO B 230 21.96 12.48 19.83
N SER B 231 21.19 11.93 20.76
CA SER B 231 20.83 12.69 21.96
C SER B 231 22.06 13.04 22.78
N LEU B 232 22.97 12.07 22.95
CA LEU B 232 24.21 12.34 23.67
C LEU B 232 25.06 13.36 22.92
N LEU B 233 25.08 13.27 21.58
CA LEU B 233 25.82 14.25 20.79
C LEU B 233 25.26 15.66 21.01
N ILE B 234 23.95 15.79 21.10
CA ILE B 234 23.37 17.11 21.32
C ILE B 234 23.62 17.59 22.75
N VAL B 235 23.63 16.67 23.71
CA VAL B 235 23.95 17.05 25.08
C VAL B 235 25.39 17.56 25.18
N ILE B 236 26.32 16.91 24.49
CA ILE B 236 27.70 17.38 24.51
C ILE B 236 27.87 18.64 23.66
N LEU B 237 27.00 18.84 22.66
CA LEU B 237 26.91 20.14 22.02
C LEU B 237 26.50 21.22 23.02
N SER B 238 25.55 20.90 23.90
CA SER B 238 25.16 21.85 24.94
C SER B 238 26.33 22.12 25.90
N TRP B 239 27.09 21.08 26.23
CA TRP B 239 28.26 21.26 27.08
C TRP B 239 29.24 22.24 26.44
N ILE B 240 29.59 22.03 25.17
CA ILE B 240 30.52 22.95 24.53
C ILE B 240 29.91 24.34 24.39
N SER B 241 28.58 24.43 24.36
CA SER B 241 27.95 25.75 24.42
C SER B 241 28.23 26.42 25.76
N PHE B 242 28.11 25.66 26.86
CA PHE B 242 28.53 26.20 28.16
C PHE B 242 29.96 26.68 28.13
N TRP B 243 30.86 25.92 27.49
CA TRP B 243 32.27 26.27 27.53
C TRP B 243 32.60 27.59 26.83
N ILE B 244 31.69 28.14 26.04
CA ILE B 244 31.97 29.38 25.33
C ILE B 244 31.90 30.58 26.30
N ASN B 245 32.65 31.63 25.98
CA ASN B 245 32.64 32.85 26.78
C ASN B 245 31.30 33.56 26.63
N MET B 246 31.01 34.46 27.57
CA MET B 246 29.72 35.15 27.57
C MET B 246 29.66 36.23 26.48
N ASP B 247 30.70 37.07 26.41
CA ASP B 247 30.94 38.10 25.40
C ASP B 247 29.86 38.24 24.32
N ALA B 248 30.06 37.60 23.17
CA ALA B 248 29.12 37.69 22.05
C ALA B 248 27.97 36.72 22.27
N ALA B 249 26.77 37.25 22.44
CA ALA B 249 25.58 36.40 22.57
C ALA B 249 25.32 35.50 21.37
N PRO B 250 25.40 35.97 20.11
CA PRO B 250 24.88 35.17 18.99
C PRO B 250 25.42 33.75 18.91
N ALA B 251 26.71 33.53 19.18
CA ALA B 251 27.25 32.18 19.05
C ALA B 251 26.57 31.20 20.01
N ARG B 252 26.53 31.55 21.30
CA ARG B 252 25.91 30.67 22.28
C ARG B 252 24.41 30.52 22.04
N VAL B 253 23.73 31.63 21.75
CA VAL B 253 22.29 31.53 21.57
C VAL B 253 21.96 30.69 20.34
N GLY B 254 22.73 30.86 19.25
CA GLY B 254 22.48 30.07 18.06
C GLY B 254 22.79 28.60 18.26
N LEU B 255 23.85 28.30 19.02
CA LEU B 255 24.13 26.89 19.32
C LEU B 255 22.99 26.28 20.11
N GLY B 256 22.47 26.99 21.11
CA GLY B 256 21.33 26.50 21.85
C GLY B 256 20.11 26.29 20.97
N ILE B 257 19.87 27.22 20.05
CA ILE B 257 18.74 27.09 19.13
C ILE B 257 18.91 25.86 18.25
N THR B 258 20.11 25.66 17.73
CA THR B 258 20.37 24.49 16.89
C THR B 258 20.12 23.20 17.67
N THR B 259 20.57 23.15 18.92
CA THR B 259 20.34 21.97 19.74
C THR B 259 18.85 21.74 20.02
N VAL B 260 18.09 22.79 20.30
CA VAL B 260 16.67 22.58 20.57
C VAL B 260 15.93 22.17 19.29
N LEU B 261 16.36 22.67 18.13
CA LEU B 261 15.84 22.15 16.86
C LEU B 261 16.17 20.68 16.67
N THR B 262 17.38 20.26 17.03
CA THR B 262 17.70 18.84 16.93
C THR B 262 16.77 18.02 17.81
N MET B 263 16.54 18.46 19.04
CA MET B 263 15.60 17.78 19.92
C MET B 263 14.20 17.70 19.32
N THR B 264 13.69 18.82 18.79
CA THR B 264 12.35 18.82 18.23
C THR B 264 12.26 17.89 17.03
N THR B 265 13.24 17.94 16.13
CA THR B 265 13.21 17.10 14.93
C THR B 265 13.31 15.63 15.29
N GLN B 266 14.18 15.28 16.25
CA GLN B 266 14.31 13.88 16.64
C GLN B 266 13.05 13.38 17.34
N SER B 267 12.42 14.23 18.16
CA SER B 267 11.17 13.84 18.79
C SER B 267 10.08 13.62 17.75
N SER B 268 10.03 14.48 16.73
CA SER B 268 9.04 14.31 15.67
C SER B 268 9.27 13.02 14.88
N GLY B 269 10.52 12.77 14.49
CA GLY B 269 10.81 11.61 13.66
C GLY B 269 10.80 10.29 14.42
N SER B 270 10.95 10.33 15.74
CA SER B 270 11.02 9.11 16.51
C SER B 270 9.73 8.31 16.45
N ARG B 271 8.60 9.00 16.50
CA ARG B 271 7.30 8.38 16.70
C ARG B 271 6.58 8.03 15.41
N ALA B 272 7.20 8.28 14.25
CA ALA B 272 6.54 7.98 12.99
C ALA B 272 6.24 6.49 12.85
N SER B 273 7.20 5.64 13.22
CA SER B 273 6.98 4.20 13.13
C SER B 273 6.09 3.71 14.25
N LEU B 274 6.28 4.22 15.47
CA LEU B 274 5.52 3.72 16.61
C LEU B 274 4.06 4.14 16.51
N PRO B 275 3.12 3.28 16.90
CA PRO B 275 1.71 3.63 16.82
C PRO B 275 1.32 4.64 17.87
N LYS B 276 0.28 5.41 17.56
CA LYS B 276 -0.24 6.40 18.50
C LYS B 276 -0.83 5.70 19.72
N VAL B 277 -0.30 6.01 20.90
CA VAL B 277 -0.76 5.40 22.15
C VAL B 277 -0.90 6.50 23.20
N SER B 278 -1.99 6.44 23.97
CA SER B 278 -2.28 7.49 24.95
C SER B 278 -1.25 7.51 26.07
N TYR B 279 -0.98 6.35 26.66
CA TYR B 279 -0.09 6.28 27.82
C TYR B 279 1.33 6.66 27.42
N VAL B 280 2.04 7.30 28.36
CA VAL B 280 3.40 7.76 28.10
C VAL B 280 4.31 6.56 27.88
N LYS B 281 5.14 6.65 26.84
CA LYS B 281 6.06 5.59 26.47
C LYS B 281 7.31 5.67 27.36
N ALA B 282 8.36 4.96 26.98
CA ALA B 282 9.64 5.01 27.69
C ALA B 282 10.66 5.89 26.99
N ILE B 283 10.77 5.80 25.66
CA ILE B 283 11.70 6.66 24.93
C ILE B 283 11.26 8.13 25.02
N ASP B 284 9.95 8.38 25.03
CA ASP B 284 9.47 9.76 25.00
C ASP B 284 9.88 10.52 26.25
N ILE B 285 9.95 9.84 27.40
CA ILE B 285 10.40 10.53 28.61
C ILE B 285 11.88 10.89 28.48
N TRP B 286 12.68 10.04 27.84
CA TRP B 286 14.07 10.40 27.58
C TRP B 286 14.15 11.63 26.68
N MET B 287 13.34 11.65 25.62
CA MET B 287 13.33 12.82 24.75
C MET B 287 12.94 14.07 25.51
N ALA B 288 11.90 13.95 26.35
CA ALA B 288 11.44 15.10 27.13
C ALA B 288 12.52 15.58 28.08
N VAL B 289 13.22 14.67 28.76
CA VAL B 289 14.21 15.10 29.75
C VAL B 289 15.43 15.71 29.08
N CYS B 290 15.87 15.17 27.93
CA CYS B 290 17.02 15.79 27.28
C CYS B 290 16.64 17.15 26.68
N LEU B 291 15.40 17.27 26.17
CA LEU B 291 14.91 18.56 25.75
C LEU B 291 14.86 19.54 26.92
N LEU B 292 14.49 19.05 28.12
CA LEU B 292 14.50 19.90 29.30
C LEU B 292 15.92 20.29 29.71
N PHE B 293 16.89 19.38 29.57
CA PHE B 293 18.28 19.73 29.84
C PHE B 293 18.75 20.87 28.94
N VAL B 294 18.54 20.73 27.63
CA VAL B 294 19.00 21.78 26.72
C VAL B 294 18.19 23.06 26.94
N PHE B 295 16.92 22.92 27.30
CA PHE B 295 16.09 24.08 27.63
C PHE B 295 16.63 24.81 28.84
N SER B 296 17.05 24.06 29.87
CA SER B 296 17.66 24.67 31.04
C SER B 296 18.98 25.35 30.68
N ALA B 297 19.73 24.75 29.75
CA ALA B 297 20.97 25.36 29.29
C ALA B 297 20.71 26.73 28.66
N LEU B 298 19.76 26.79 27.72
CA LEU B 298 19.45 28.05 27.07
C LEU B 298 18.87 29.07 28.05
N LEU B 299 18.02 28.62 28.97
CA LEU B 299 17.47 29.52 29.98
C LEU B 299 18.56 30.07 30.89
N GLU B 300 19.52 29.21 31.26
CA GLU B 300 20.65 29.65 32.06
C GLU B 300 21.47 30.69 31.34
N TYR B 301 21.70 30.50 30.03
CA TYR B 301 22.45 31.52 29.31
C TYR B 301 21.68 32.83 29.23
N ALA B 302 20.36 32.76 29.06
CA ALA B 302 19.57 33.98 29.08
C ALA B 302 19.69 34.68 30.42
N ALA B 303 19.64 33.91 31.52
CA ALA B 303 19.76 34.49 32.84
C ALA B 303 21.12 35.14 33.05
N VAL B 304 22.19 34.48 32.61
CA VAL B 304 23.52 35.06 32.82
C VAL B 304 23.71 36.29 31.93
N ASN B 305 23.10 36.31 30.74
CA ASN B 305 23.14 37.52 29.93
C ASN B 305 22.41 38.66 30.63
N PHE B 306 21.26 38.37 31.26
CA PHE B 306 20.56 39.38 32.02
C PHE B 306 21.42 39.90 33.16
N VAL B 307 22.11 38.99 33.86
CA VAL B 307 22.98 39.40 34.97
C VAL B 307 24.11 40.29 34.45
N SER B 308 24.70 39.92 33.31
CA SER B 308 25.78 40.72 32.75
C SER B 308 25.29 42.11 32.34
N ARG B 309 24.11 42.20 31.74
CA ARG B 309 23.55 43.49 31.36
C ARG B 309 22.12 43.64 31.89
N PHE B 326 29.52 42.31 39.38
CA PHE B 326 28.64 41.15 39.30
C PHE B 326 29.13 40.16 38.25
N ILE B 327 30.16 40.56 37.50
CA ILE B 327 30.74 39.67 36.49
C ILE B 327 31.37 38.45 37.16
N GLN B 328 31.97 38.65 38.34
CA GLN B 328 32.51 37.52 39.08
C GLN B 328 31.41 36.56 39.50
N ARG B 329 30.25 37.09 39.93
CA ARG B 329 29.13 36.23 40.26
C ARG B 329 28.62 35.48 39.04
N ALA B 330 28.56 36.17 37.89
CA ALA B 330 28.10 35.53 36.67
C ALA B 330 29.02 34.38 36.27
N LYS B 331 30.34 34.61 36.28
CA LYS B 331 31.25 33.54 35.93
C LYS B 331 31.23 32.41 36.97
N LYS B 332 31.05 32.76 38.25
CA LYS B 332 30.96 31.74 39.29
C LYS B 332 29.76 30.83 39.06
N ILE B 333 28.59 31.42 38.81
CA ILE B 333 27.40 30.61 38.59
C ILE B 333 27.50 29.84 37.29
N ASP B 334 28.17 30.40 36.27
CA ASP B 334 28.41 29.66 35.04
C ASP B 334 29.24 28.42 35.32
N LYS B 335 30.32 28.57 36.09
CA LYS B 335 31.15 27.42 36.43
C LYS B 335 30.39 26.40 37.27
N ILE B 336 29.59 26.87 38.23
CA ILE B 336 28.82 25.96 39.06
C ILE B 336 27.84 25.15 38.21
N SER B 337 27.17 25.81 37.27
CA SER B 337 26.29 25.09 36.35
C SER B 337 27.07 24.08 35.52
N ARG B 338 28.20 24.51 34.97
CA ARG B 338 29.00 23.64 34.11
C ARG B 338 29.51 22.42 34.85
N ILE B 339 29.74 22.53 36.16
CA ILE B 339 30.23 21.40 36.93
C ILE B 339 29.08 20.55 37.48
N GLY B 340 27.96 21.14 37.86
CA GLY B 340 26.87 20.40 38.47
C GLY B 340 25.94 19.71 37.50
N PHE B 341 25.72 20.31 36.33
CA PHE B 341 24.84 19.70 35.34
C PHE B 341 25.30 18.30 34.92
N PRO B 342 26.57 18.04 34.61
CA PRO B 342 26.95 16.67 34.24
C PRO B 342 26.71 15.65 35.36
N MET B 343 26.90 16.04 36.61
CA MET B 343 26.62 15.12 37.72
C MET B 343 25.15 14.73 37.75
N ALA B 344 24.26 15.71 37.61
CA ALA B 344 22.83 15.42 37.58
C ALA B 344 22.48 14.56 36.37
N PHE B 345 23.09 14.86 35.22
CA PHE B 345 22.83 14.06 34.03
C PHE B 345 23.24 12.61 34.24
N LEU B 346 24.43 12.38 34.81
CA LEU B 346 24.90 11.02 35.03
C LEU B 346 24.03 10.29 36.03
N ILE B 347 23.66 10.94 37.14
CA ILE B 347 22.86 10.25 38.15
C ILE B 347 21.49 9.93 37.59
N PHE B 348 20.88 10.86 36.84
CA PHE B 348 19.60 10.54 36.22
C PHE B 348 19.72 9.42 35.20
N ASN B 349 20.79 9.44 34.42
CA ASN B 349 21.01 8.40 33.42
C ASN B 349 21.06 7.02 34.07
N MET B 350 21.88 6.89 35.10
CA MET B 350 21.98 5.61 35.82
C MET B 350 20.64 5.24 36.45
N PHE B 351 19.97 6.21 37.08
CA PHE B 351 18.69 5.93 37.72
C PHE B 351 17.68 5.39 36.70
N TYR B 352 17.58 6.05 35.55
CA TYR B 352 16.62 5.63 34.53
C TYR B 352 16.95 4.24 34.01
N TRP B 353 18.24 3.96 33.75
CA TRP B 353 18.60 2.66 33.20
C TRP B 353 18.35 1.54 34.20
N ILE B 354 18.65 1.75 35.49
CA ILE B 354 18.32 0.70 36.47
C ILE B 354 16.80 0.55 36.59
N ILE B 355 16.06 1.66 36.55
CA ILE B 355 14.60 1.58 36.69
C ILE B 355 14.01 0.76 35.55
N TYR B 356 14.45 1.00 34.32
CA TYR B 356 13.90 0.28 33.17
C TYR B 356 14.71 -0.95 32.79
N LYS B 357 15.66 -1.38 33.62
CA LYS B 357 16.38 -2.63 33.40
C LYS B 357 16.19 -3.64 34.52
N ILE B 358 15.48 -3.30 35.58
CA ILE B 358 15.20 -4.26 36.64
C ILE B 358 13.69 -4.40 36.82
N MET C 8 -33.76 -43.85 12.10
CA MET C 8 -32.76 -44.20 13.10
C MET C 8 -31.41 -43.66 12.65
N SER C 9 -31.06 -43.94 11.40
CA SER C 9 -29.79 -43.49 10.84
C SER C 9 -29.76 -41.97 10.74
N PRO C 10 -28.76 -41.30 11.32
CA PRO C 10 -28.69 -39.84 11.18
C PRO C 10 -28.62 -39.38 9.74
N SER C 11 -27.89 -40.11 8.88
CA SER C 11 -27.83 -39.74 7.47
C SER C 11 -29.20 -39.85 6.82
N ASP C 12 -29.95 -40.92 7.13
CA ASP C 12 -31.29 -41.07 6.59
C ASP C 12 -32.21 -39.95 7.07
N PHE C 13 -32.11 -39.59 8.36
CA PHE C 13 -32.93 -38.51 8.87
C PHE C 13 -32.60 -37.18 8.19
N LEU C 14 -31.30 -36.92 7.99
CA LEU C 14 -30.91 -35.69 7.29
C LEU C 14 -31.43 -35.69 5.85
N ASP C 15 -31.35 -36.83 5.17
CA ASP C 15 -31.84 -36.90 3.80
C ASP C 15 -33.35 -36.66 3.74
N LYS C 16 -34.10 -37.24 4.67
CA LYS C 16 -35.55 -37.05 4.67
C LYS C 16 -35.96 -35.67 5.16
N LEU C 17 -35.07 -34.97 5.88
CA LEU C 17 -35.40 -33.63 6.34
C LEU C 17 -35.09 -32.59 5.26
N MET C 18 -33.87 -32.64 4.69
CA MET C 18 -33.49 -31.75 3.61
C MET C 18 -32.69 -32.53 2.59
N GLY C 19 -32.64 -32.00 1.37
CA GLY C 19 -31.88 -32.62 0.31
C GLY C 19 -32.73 -33.21 -0.81
N ARG C 20 -32.46 -34.47 -1.16
CA ARG C 20 -33.12 -35.09 -2.30
C ARG C 20 -34.50 -35.61 -1.92
N THR C 21 -34.56 -36.57 -1.00
CA THR C 21 -35.82 -37.22 -0.63
C THR C 21 -36.47 -36.52 0.55
N SER C 22 -36.71 -35.23 0.38
CA SER C 22 -37.35 -34.42 1.42
C SER C 22 -38.46 -33.51 0.91
N GLY C 23 -38.48 -33.18 -0.38
CA GLY C 23 -39.48 -32.26 -0.88
C GLY C 23 -39.30 -30.82 -0.44
N TYR C 24 -38.14 -30.49 0.12
CA TYR C 24 -37.86 -29.15 0.63
C TYR C 24 -37.04 -28.40 -0.41
N ASP C 25 -37.55 -27.24 -0.83
CA ASP C 25 -36.85 -26.36 -1.76
C ASP C 25 -36.36 -25.13 -1.02
N ALA C 26 -35.07 -24.87 -1.11
CA ALA C 26 -34.46 -23.75 -0.41
C ALA C 26 -34.77 -22.41 -1.07
N ARG C 27 -35.39 -22.41 -2.24
CA ARG C 27 -35.68 -21.19 -2.99
C ARG C 27 -37.04 -20.61 -2.67
N ILE C 28 -37.75 -21.16 -1.69
CA ILE C 28 -39.08 -20.71 -1.29
C ILE C 28 -39.01 -20.28 0.16
N ARG C 29 -39.43 -19.05 0.46
CA ARG C 29 -39.38 -18.56 1.82
C ARG C 29 -40.47 -19.22 2.67
N PRO C 30 -40.26 -19.33 3.98
CA PRO C 30 -41.28 -19.93 4.84
C PRO C 30 -42.55 -19.10 4.85
N ASN C 31 -43.68 -19.80 4.99
CA ASN C 31 -45.01 -19.18 4.96
C ASN C 31 -45.19 -18.36 3.68
N PHE C 32 -44.88 -18.98 2.55
CA PHE C 32 -44.89 -18.29 1.27
C PHE C 32 -46.29 -17.79 0.93
N LYS C 33 -46.36 -16.60 0.34
CA LYS C 33 -47.62 -15.94 -0.01
C LYS C 33 -48.52 -15.81 1.22
N GLY C 34 -47.92 -15.44 2.36
CA GLY C 34 -48.65 -15.28 3.59
C GLY C 34 -48.07 -14.20 4.47
N PRO C 35 -48.12 -14.42 5.79
CA PRO C 35 -47.56 -13.42 6.71
C PRO C 35 -46.06 -13.29 6.53
N PRO C 36 -45.49 -12.13 6.82
CA PRO C 36 -44.04 -11.97 6.74
C PRO C 36 -43.34 -12.84 7.78
N VAL C 37 -42.04 -13.00 7.61
CA VAL C 37 -41.23 -13.83 8.50
C VAL C 37 -40.49 -12.95 9.47
N ASN C 38 -40.37 -13.40 10.71
CA ASN C 38 -39.60 -12.72 11.73
C ASN C 38 -38.17 -13.27 11.74
N VAL C 39 -37.20 -12.38 11.62
CA VAL C 39 -35.78 -12.75 11.65
C VAL C 39 -35.12 -11.82 12.67
N SER C 40 -35.02 -12.27 13.91
CA SER C 40 -34.28 -11.52 14.92
C SER C 40 -32.82 -11.96 14.92
N CYS C 41 -31.92 -10.99 14.93
CA CYS C 41 -30.51 -11.29 14.86
C CYS C 41 -29.73 -10.41 15.81
N ASN C 42 -28.60 -10.93 16.29
CA ASN C 42 -27.72 -10.23 17.21
C ASN C 42 -26.30 -10.24 16.67
N ILE C 43 -25.56 -9.18 16.99
CA ILE C 43 -24.18 -9.01 16.53
C ILE C 43 -23.26 -9.11 17.73
N PHE C 44 -22.29 -10.02 17.65
CA PHE C 44 -21.28 -10.20 18.68
C PHE C 44 -19.98 -9.58 18.19
N ILE C 45 -19.53 -8.54 18.86
CA ILE C 45 -18.27 -7.88 18.52
C ILE C 45 -17.12 -8.75 19.02
N ASN C 46 -16.10 -8.91 18.19
CA ASN C 46 -14.93 -9.68 18.56
C ASN C 46 -13.63 -8.89 18.51
N SER C 47 -13.50 -7.93 17.60
CA SER C 47 -12.30 -7.09 17.54
C SER C 47 -12.58 -5.87 16.67
N PHE C 48 -12.36 -4.69 17.23
CA PHE C 48 -12.26 -3.46 16.46
C PHE C 48 -10.82 -3.32 15.97
N GLY C 49 -10.47 -2.15 15.45
CA GLY C 49 -9.09 -1.84 15.14
C GLY C 49 -8.93 -1.20 13.77
N SER C 50 -7.73 -0.66 13.57
CA SER C 50 -7.33 0.00 12.31
C SER C 50 -8.26 1.14 11.94
N ILE C 51 -8.95 1.73 12.91
CA ILE C 51 -9.77 2.91 12.64
C ILE C 51 -8.86 4.07 12.28
N ALA C 52 -9.05 4.61 11.07
CA ALA C 52 -8.24 5.70 10.57
C ALA C 52 -9.12 6.76 9.93
N GLU C 53 -8.73 8.01 10.10
CA GLU C 53 -9.44 9.14 9.51
C GLU C 53 -8.98 9.44 8.09
N THR C 54 -7.87 8.85 7.65
CA THR C 54 -7.37 9.12 6.30
C THR C 54 -8.30 8.62 5.21
N THR C 55 -9.08 7.56 5.49
CA THR C 55 -9.96 6.97 4.50
C THR C 55 -11.41 6.87 4.97
N MET C 56 -11.75 7.48 6.11
CA MET C 56 -13.13 7.65 6.54
C MET C 56 -13.81 6.30 6.77
N ASP C 57 -13.20 5.48 7.63
CA ASP C 57 -13.66 4.11 7.78
C ASP C 57 -13.08 3.49 9.04
N TYR C 58 -13.58 2.30 9.37
CA TYR C 58 -13.05 1.47 10.44
C TYR C 58 -13.32 0.01 10.11
N ARG C 59 -12.42 -0.87 10.54
CA ARG C 59 -12.50 -2.30 10.25
C ARG C 59 -12.89 -3.07 11.51
N VAL C 60 -13.86 -3.97 11.36
CA VAL C 60 -14.34 -4.79 12.47
C VAL C 60 -14.36 -6.25 12.04
N ASN C 61 -14.23 -7.14 13.02
CA ASN C 61 -14.36 -8.58 12.84
C ASN C 61 -15.40 -9.06 13.85
N ILE C 62 -16.60 -9.39 13.36
CA ILE C 62 -17.74 -9.66 14.21
C ILE C 62 -18.35 -11.01 13.87
N PHE C 63 -19.02 -11.60 14.85
CA PHE C 63 -19.89 -12.73 14.60
C PHE C 63 -21.26 -12.23 14.13
N LEU C 64 -22.14 -13.15 13.75
CA LEU C 64 -23.46 -12.78 13.27
C LEU C 64 -24.36 -14.00 13.37
N ARG C 65 -25.49 -13.87 14.05
CA ARG C 65 -26.42 -14.97 14.27
C ARG C 65 -27.82 -14.49 13.96
N GLN C 66 -28.51 -15.20 13.08
CA GLN C 66 -29.92 -14.94 12.79
C GLN C 66 -30.80 -15.98 13.49
N GLN C 67 -32.06 -15.62 13.69
CA GLN C 67 -33.01 -16.49 14.37
C GLN C 67 -34.36 -16.43 13.66
N TRP C 68 -34.91 -17.60 13.37
CA TRP C 68 -36.24 -17.73 12.78
C TRP C 68 -36.66 -19.19 12.88
N ASN C 69 -37.90 -19.46 12.49
CA ASN C 69 -38.48 -20.79 12.62
C ASN C 69 -39.22 -21.13 11.33
N ASP C 70 -38.58 -21.93 10.49
CA ASP C 70 -39.22 -22.44 9.29
C ASP C 70 -40.08 -23.65 9.65
N PRO C 71 -41.40 -23.61 9.41
CA PRO C 71 -42.23 -24.77 9.76
C PRO C 71 -41.84 -26.05 9.05
N ARG C 72 -41.29 -25.97 7.83
CA ARG C 72 -40.87 -27.16 7.12
C ARG C 72 -39.73 -27.89 7.83
N LEU C 73 -38.96 -27.17 8.66
CA LEU C 73 -37.82 -27.76 9.35
C LEU C 73 -38.21 -28.48 10.64
N ALA C 74 -39.48 -28.43 11.04
CA ALA C 74 -39.90 -29.09 12.26
C ALA C 74 -39.69 -30.60 12.16
N TYR C 75 -39.31 -31.22 13.27
CA TYR C 75 -39.04 -32.64 13.31
C TYR C 75 -39.35 -33.17 14.70
N ASN C 76 -39.59 -34.49 14.76
CA ASN C 76 -39.98 -35.12 16.02
C ASN C 76 -39.35 -36.50 16.18
N GLU C 77 -38.13 -36.69 15.66
CA GLU C 77 -37.47 -37.99 15.72
C GLU C 77 -36.51 -38.09 16.89
N TYR C 78 -35.52 -37.19 16.97
CA TYR C 78 -34.54 -37.26 18.04
C TYR C 78 -35.10 -36.63 19.31
N PRO C 79 -35.07 -37.34 20.44
CA PRO C 79 -35.68 -36.80 21.67
C PRO C 79 -35.04 -35.51 22.15
N ASP C 80 -33.74 -35.33 21.96
CA ASP C 80 -33.08 -34.12 22.44
C ASP C 80 -33.54 -32.89 21.65
N ASP C 81 -33.76 -31.79 22.36
CA ASP C 81 -34.19 -30.56 21.71
C ASP C 81 -33.11 -30.03 20.78
N SER C 82 -31.89 -29.92 21.26
CA SER C 82 -30.80 -29.41 20.44
C SER C 82 -30.41 -30.41 19.37
N LEU C 83 -29.89 -29.89 18.26
CA LEU C 83 -29.44 -30.72 17.15
C LEU C 83 -28.42 -29.94 16.34
N ASP C 84 -27.17 -30.36 16.37
CA ASP C 84 -26.11 -29.71 15.63
C ASP C 84 -25.91 -30.38 14.27
N LEU C 85 -25.40 -29.59 13.32
CA LEU C 85 -25.27 -30.06 11.95
C LEU C 85 -23.97 -29.56 11.34
N ASP C 86 -23.45 -30.33 10.40
CA ASP C 86 -22.29 -29.91 9.62
C ASP C 86 -22.68 -28.77 8.69
N PRO C 87 -21.91 -27.70 8.59
CA PRO C 87 -22.25 -26.60 7.67
C PRO C 87 -22.28 -27.02 6.20
N SER C 88 -21.99 -28.28 5.92
CA SER C 88 -22.14 -28.79 4.55
C SER C 88 -23.60 -28.74 4.11
N MET C 89 -24.52 -29.07 5.01
CA MET C 89 -25.95 -29.01 4.72
C MET C 89 -26.48 -27.60 4.60
N LEU C 90 -25.68 -26.58 4.91
CA LEU C 90 -26.20 -25.22 5.00
C LEU C 90 -26.81 -24.76 3.68
N ASP C 91 -26.19 -25.13 2.55
CA ASP C 91 -26.69 -24.67 1.25
C ASP C 91 -28.03 -25.30 0.88
N SER C 92 -28.46 -26.33 1.61
CA SER C 92 -29.68 -27.06 1.26
C SER C 92 -30.92 -26.52 1.94
N ILE C 93 -30.81 -25.44 2.72
CA ILE C 93 -31.95 -24.87 3.42
C ILE C 93 -32.12 -23.41 2.97
N TRP C 94 -33.27 -22.84 3.31
CA TRP C 94 -33.55 -21.45 2.99
C TRP C 94 -32.67 -20.53 3.82
N LYS C 95 -32.40 -19.35 3.27
CA LYS C 95 -31.54 -18.35 3.90
C LYS C 95 -32.15 -16.98 3.71
N PRO C 96 -31.86 -16.05 4.62
CA PRO C 96 -32.13 -14.64 4.34
C PRO C 96 -31.06 -14.07 3.41
N ASP C 97 -31.32 -12.86 2.93
CA ASP C 97 -30.42 -12.15 2.02
C ASP C 97 -29.72 -10.98 2.70
N LEU C 98 -29.42 -11.16 3.98
CA LEU C 98 -28.87 -10.08 4.80
C LEU C 98 -27.57 -9.54 4.23
N PHE C 99 -27.43 -8.22 4.26
CA PHE C 99 -26.24 -7.55 3.74
C PHE C 99 -26.10 -6.20 4.44
N PHE C 100 -24.90 -5.62 4.33
CA PHE C 100 -24.61 -4.34 4.95
C PHE C 100 -24.60 -3.25 3.88
N ALA C 101 -25.32 -2.15 4.15
CA ALA C 101 -25.40 -1.05 3.21
C ALA C 101 -24.03 -0.41 3.00
N ASN C 102 -23.45 0.14 4.05
CA ASN C 102 -22.14 0.80 3.98
C ASN C 102 -21.10 -0.17 4.52
N GLU C 103 -20.55 -0.99 3.64
CA GLU C 103 -19.59 -2.01 4.03
C GLU C 103 -18.30 -2.01 3.23
N LYS C 104 -18.25 -1.39 2.06
CA LYS C 104 -17.00 -1.11 1.33
C LYS C 104 -16.13 -2.35 1.18
N GLY C 105 -16.76 -3.46 0.78
CA GLY C 105 -16.02 -4.68 0.54
C GLY C 105 -15.78 -5.48 1.81
N ALA C 106 -16.07 -6.77 1.75
CA ALA C 106 -15.90 -7.66 2.90
C ALA C 106 -15.79 -9.08 2.37
N HIS C 107 -15.54 -10.03 3.27
CA HIS C 107 -15.27 -11.40 2.87
C HIS C 107 -15.57 -12.33 4.05
N PHE C 108 -15.55 -13.63 3.76
CA PHE C 108 -15.73 -14.65 4.77
C PHE C 108 -14.37 -15.01 5.37
N HIS C 109 -14.33 -16.10 6.14
CA HIS C 109 -13.09 -16.72 6.58
C HIS C 109 -13.12 -18.18 6.18
N GLU C 110 -12.28 -18.54 5.19
CA GLU C 110 -12.24 -19.88 4.63
C GLU C 110 -11.11 -20.72 5.21
N ILE C 111 -10.80 -20.52 6.49
CA ILE C 111 -9.61 -21.11 7.08
C ILE C 111 -9.97 -22.49 7.63
N THR C 112 -9.45 -23.53 6.97
CA THR C 112 -9.53 -24.94 7.32
C THR C 112 -10.92 -25.51 7.12
N THR C 113 -11.91 -24.63 6.97
CA THR C 113 -13.34 -24.89 6.77
C THR C 113 -13.99 -23.55 6.49
N ASP C 114 -15.28 -23.61 6.14
CA ASP C 114 -16.15 -22.43 6.18
C ASP C 114 -16.75 -22.36 7.57
N ASN C 115 -16.27 -21.41 8.37
CA ASN C 115 -16.64 -21.32 9.79
C ASN C 115 -18.07 -20.79 9.94
N LYS C 116 -19.02 -21.71 9.80
CA LYS C 116 -20.44 -21.42 9.89
C LYS C 116 -21.10 -22.49 10.76
N LEU C 117 -21.94 -22.05 11.70
CA LEU C 117 -22.64 -22.95 12.62
C LEU C 117 -24.14 -22.89 12.35
N LEU C 118 -24.77 -24.05 12.29
CA LEU C 118 -26.21 -24.17 12.13
C LEU C 118 -26.77 -25.04 13.26
N ARG C 119 -27.81 -24.55 13.91
CA ARG C 119 -28.43 -25.27 15.02
C ARG C 119 -29.92 -25.43 14.76
N ILE C 120 -30.47 -26.57 15.14
CA ILE C 120 -31.87 -26.91 14.90
C ILE C 120 -32.54 -27.19 16.24
N SER C 121 -33.69 -26.59 16.47
CA SER C 121 -34.49 -26.84 17.66
C SER C 121 -35.60 -27.83 17.36
N ARG C 122 -36.18 -28.38 18.43
CA ARG C 122 -37.19 -29.43 18.27
C ARG C 122 -38.43 -28.91 17.56
N ASN C 123 -38.89 -27.71 17.91
CA ASN C 123 -40.11 -27.16 17.35
C ASN C 123 -39.94 -26.71 15.90
N GLY C 124 -38.72 -26.70 15.37
CA GLY C 124 -38.44 -26.18 14.05
C GLY C 124 -37.66 -24.89 14.05
N ASN C 125 -37.39 -24.32 15.22
CA ASN C 125 -36.56 -23.13 15.30
C ASN C 125 -35.14 -23.45 14.88
N VAL C 126 -34.54 -22.55 14.11
CA VAL C 126 -33.20 -22.75 13.55
C VAL C 126 -32.32 -21.57 13.91
N LEU C 127 -31.11 -21.86 14.36
CA LEU C 127 -30.10 -20.85 14.64
C LEU C 127 -28.99 -20.95 13.59
N TYR C 128 -28.68 -19.84 12.95
CA TYR C 128 -27.66 -19.80 11.91
C TYR C 128 -26.64 -18.72 12.27
N SER C 129 -25.37 -19.10 12.31
CA SER C 129 -24.30 -18.19 12.68
C SER C 129 -23.18 -18.25 11.65
N ILE C 130 -22.54 -17.11 11.43
CA ILE C 130 -21.46 -16.99 10.44
C ILE C 130 -20.54 -15.86 10.88
N ARG C 131 -19.23 -16.11 10.84
CA ARG C 131 -18.25 -15.11 11.20
C ARG C 131 -17.76 -14.38 9.96
N ILE C 132 -17.89 -13.05 9.95
CA ILE C 132 -17.52 -12.23 8.82
C ILE C 132 -16.72 -11.03 9.31
N THR C 133 -15.94 -10.45 8.40
CA THR C 133 -15.08 -9.31 8.69
C THR C 133 -15.44 -8.18 7.73
N LEU C 134 -15.63 -6.98 8.28
CA LEU C 134 -16.13 -5.85 7.51
C LEU C 134 -15.16 -4.67 7.59
N THR C 135 -15.37 -3.71 6.69
CA THR C 135 -14.64 -2.44 6.67
C THR C 135 -15.68 -1.34 6.46
N LEU C 136 -16.24 -0.85 7.57
CA LEU C 136 -17.40 0.03 7.52
C LEU C 136 -17.00 1.47 7.24
N ALA C 137 -17.81 2.14 6.43
CA ALA C 137 -17.59 3.55 6.10
C ALA C 137 -18.34 4.41 7.10
N CYS C 138 -17.60 5.19 7.88
CA CYS C 138 -18.18 6.00 8.94
C CYS C 138 -18.11 7.47 8.57
N PRO C 139 -19.23 8.16 8.42
CA PRO C 139 -19.19 9.59 8.09
C PRO C 139 -18.63 10.44 9.22
N MET C 140 -17.30 10.43 9.36
CA MET C 140 -16.62 11.08 10.47
C MET C 140 -16.86 12.58 10.48
N ASP C 141 -16.92 13.16 11.68
CA ASP C 141 -16.95 14.60 11.86
C ASP C 141 -15.78 14.98 12.76
N LEU C 142 -15.12 16.08 12.41
CA LEU C 142 -13.86 16.46 13.06
C LEU C 142 -13.86 17.92 13.46
N LYS C 143 -14.97 18.41 14.03
CA LYS C 143 -15.04 19.80 14.45
C LYS C 143 -14.19 20.04 15.69
N ASN C 144 -14.56 19.43 16.81
CA ASN C 144 -13.75 19.50 18.03
C ASN C 144 -12.87 18.26 18.12
N PHE C 145 -12.04 18.12 17.09
CA PHE C 145 -11.36 16.85 16.85
C PHE C 145 -10.41 16.46 17.98
N PRO C 146 -9.64 17.37 18.58
CA PRO C 146 -8.85 16.99 19.76
C PRO C 146 -9.66 16.29 20.84
N MET C 147 -10.91 16.69 21.07
CA MET C 147 -11.81 16.08 22.04
C MET C 147 -12.98 15.41 21.34
N ASP C 148 -12.68 14.69 20.26
CA ASP C 148 -13.71 14.17 19.38
C ASP C 148 -14.57 13.12 20.08
N VAL C 149 -15.87 13.19 19.79
CA VAL C 149 -16.83 12.14 20.15
C VAL C 149 -17.56 11.73 18.88
N GLN C 150 -17.68 10.42 18.67
CA GLN C 150 -18.07 9.88 17.38
C GLN C 150 -19.29 8.97 17.48
N THR C 151 -20.00 8.84 16.36
CA THR C 151 -21.16 7.97 16.22
C THR C 151 -21.01 7.22 14.90
N CYS C 152 -20.43 6.02 14.96
CA CYS C 152 -20.30 5.17 13.78
C CYS C 152 -21.38 4.09 13.81
N ILE C 153 -21.92 3.77 12.64
CA ILE C 153 -23.08 2.90 12.52
C ILE C 153 -22.75 1.73 11.60
N MET C 154 -23.70 0.79 11.51
CA MET C 154 -23.65 -0.29 10.54
C MET C 154 -25.09 -0.61 10.13
N GLN C 155 -25.48 -0.09 8.96
CA GLN C 155 -26.84 -0.28 8.47
C GLN C 155 -27.03 -1.73 8.04
N LEU C 156 -27.77 -2.49 8.84
CA LEU C 156 -28.08 -3.89 8.55
C LEU C 156 -29.47 -3.97 7.95
N GLU C 157 -29.57 -4.49 6.73
CA GLU C 157 -30.83 -4.47 6.01
C GLU C 157 -30.88 -5.61 5.01
N SER C 158 -32.11 -6.01 4.66
CA SER C 158 -32.32 -6.99 3.63
C SER C 158 -32.28 -6.32 2.25
N PHE C 159 -32.20 -7.15 1.20
CA PHE C 159 -32.04 -6.62 -0.14
C PHE C 159 -33.22 -6.96 -1.05
N GLY C 160 -33.62 -8.24 -1.11
CA GLY C 160 -34.66 -8.64 -2.04
C GLY C 160 -35.96 -9.08 -1.40
N TYR C 161 -36.35 -8.45 -0.30
CA TYR C 161 -37.60 -8.78 0.36
C TYR C 161 -38.16 -7.54 1.04
N THR C 162 -39.43 -7.26 0.79
CA THR C 162 -40.07 -6.04 1.23
C THR C 162 -40.69 -6.20 2.62
N MET C 163 -41.56 -5.26 2.99
CA MET C 163 -42.24 -5.32 4.28
C MET C 163 -43.10 -6.56 4.39
N ASN C 164 -43.83 -6.90 3.32
CA ASN C 164 -44.76 -8.01 3.34
C ASN C 164 -44.08 -9.37 3.42
N ASP C 165 -42.76 -9.44 3.24
CA ASP C 165 -42.08 -10.73 3.15
C ASP C 165 -41.09 -11.00 4.28
N LEU C 166 -40.36 -9.99 4.76
CA LEU C 166 -39.30 -10.24 5.72
C LEU C 166 -39.18 -9.05 6.67
N ILE C 167 -38.97 -9.34 7.95
CA ILE C 167 -38.80 -8.32 8.98
C ILE C 167 -37.56 -8.64 9.80
N PHE C 168 -36.96 -7.61 10.38
CA PHE C 168 -35.82 -7.76 11.27
C PHE C 168 -36.11 -7.12 12.62
N GLU C 169 -35.70 -7.80 13.68
CA GLU C 169 -35.85 -7.32 15.05
C GLU C 169 -34.54 -7.56 15.79
N TRP C 170 -34.55 -7.42 17.11
CA TRP C 170 -33.37 -7.67 17.92
C TRP C 170 -33.71 -8.55 19.10
N GLN C 171 -32.74 -9.40 19.48
CA GLN C 171 -32.77 -10.10 20.76
C GLN C 171 -32.29 -9.10 21.81
N GLU C 172 -33.25 -8.37 22.40
CA GLU C 172 -32.91 -7.22 23.24
C GLU C 172 -32.00 -7.60 24.40
N GLN C 173 -32.03 -8.85 24.84
CA GLN C 173 -31.14 -9.32 25.90
C GLN C 173 -29.75 -9.51 25.31
N GLY C 174 -28.90 -8.51 25.48
CA GLY C 174 -27.54 -8.57 24.97
C GLY C 174 -27.45 -8.62 23.46
N ALA C 175 -28.20 -7.75 22.79
CA ALA C 175 -28.17 -7.73 21.33
C ALA C 175 -26.80 -7.39 20.79
N VAL C 176 -26.03 -6.59 21.53
CA VAL C 176 -24.73 -6.10 21.06
C VAL C 176 -23.68 -6.61 22.04
N GLN C 177 -23.89 -7.83 22.54
CA GLN C 177 -22.95 -8.46 23.46
C GLN C 177 -21.53 -8.36 22.92
N VAL C 178 -20.67 -7.67 23.67
CA VAL C 178 -19.32 -7.34 23.22
C VAL C 178 -18.32 -8.16 24.02
N ALA C 179 -17.16 -8.37 23.43
CA ALA C 179 -16.10 -9.10 24.10
C ALA C 179 -15.60 -8.32 25.32
N ASP C 180 -15.00 -9.05 26.26
CA ASP C 180 -14.67 -8.46 27.55
C ASP C 180 -13.37 -7.66 27.51
N GLY C 181 -12.27 -8.29 27.13
CA GLY C 181 -10.96 -7.69 27.25
C GLY C 181 -10.52 -6.77 26.14
N LEU C 182 -11.37 -6.51 25.14
CA LEU C 182 -10.94 -5.71 24.00
C LEU C 182 -10.68 -4.27 24.40
N THR C 183 -9.86 -3.59 23.61
CA THR C 183 -9.58 -2.17 23.78
C THR C 183 -9.06 -1.64 22.46
N LEU C 184 -8.97 -0.32 22.36
CA LEU C 184 -8.56 0.30 21.12
C LEU C 184 -7.40 1.27 21.35
N PRO C 185 -6.48 1.36 20.40
CA PRO C 185 -5.51 2.46 20.44
C PRO C 185 -6.21 3.80 20.26
N GLN C 186 -5.78 4.78 21.05
CA GLN C 186 -6.33 6.14 21.07
C GLN C 186 -7.87 6.17 21.09
N PHE C 187 -8.51 5.08 21.56
CA PHE C 187 -9.97 5.01 21.60
C PHE C 187 -10.41 4.07 22.70
N ILE C 188 -11.48 4.46 23.39
CA ILE C 188 -12.19 3.60 24.32
C ILE C 188 -13.68 3.85 24.15
N LEU C 189 -14.46 2.78 23.96
CA LEU C 189 -15.87 2.89 23.65
C LEU C 189 -16.71 2.76 24.92
N LYS C 190 -17.83 3.46 24.95
CA LYS C 190 -18.74 3.43 26.09
C LYS C 190 -19.66 2.23 26.02
N GLU C 191 -20.12 1.78 27.20
CA GLU C 191 -20.96 0.60 27.28
C GLU C 191 -22.33 0.82 26.64
N GLU C 192 -22.73 2.07 26.47
CA GLU C 192 -24.04 2.34 25.88
C GLU C 192 -24.03 2.04 24.38
N LYS C 193 -25.10 1.40 23.91
CA LYS C 193 -25.27 1.11 22.49
C LYS C 193 -26.70 1.47 22.10
N ASP C 194 -26.87 2.56 21.35
CA ASP C 194 -28.18 2.94 20.84
C ASP C 194 -28.62 1.95 19.76
N LEU C 195 -29.92 1.92 19.50
CA LEU C 195 -30.49 0.90 18.63
C LEU C 195 -31.80 1.43 18.04
N ARG C 196 -31.82 1.72 16.75
CA ARG C 196 -33.05 2.15 16.08
C ARG C 196 -33.04 1.64 14.64
N TYR C 197 -34.07 2.04 13.87
CA TYR C 197 -34.23 1.48 12.51
C TYR C 197 -33.95 2.53 11.43
N CYS C 198 -33.25 2.12 10.37
CA CYS C 198 -32.91 3.06 9.26
C CYS C 198 -34.01 2.99 8.19
N THR C 199 -35.05 2.17 8.41
CA THR C 199 -36.18 2.01 7.46
C THR C 199 -36.22 3.10 6.37
N LYS C 200 -36.20 2.70 5.10
CA LYS C 200 -36.20 3.63 3.97
C LYS C 200 -36.86 2.97 2.77
N HIS C 201 -36.98 3.75 1.70
CA HIS C 201 -37.64 3.31 0.47
C HIS C 201 -36.73 3.54 -0.72
N TYR C 202 -37.02 2.80 -1.80
CA TYR C 202 -36.40 3.02 -3.09
C TYR C 202 -37.50 2.94 -4.14
N ASN C 203 -37.11 3.14 -5.41
CA ASN C 203 -38.07 3.00 -6.49
C ASN C 203 -38.50 1.55 -6.71
N THR C 204 -37.80 0.59 -6.12
CA THR C 204 -38.18 -0.81 -6.19
C THR C 204 -39.03 -1.26 -5.02
N GLY C 205 -39.36 -0.35 -4.11
CA GLY C 205 -40.13 -0.71 -2.93
C GLY C 205 -39.48 -0.20 -1.64
N LYS C 206 -39.66 -0.94 -0.55
CA LYS C 206 -39.07 -0.58 0.73
C LYS C 206 -38.53 -1.84 1.40
N PHE C 207 -37.44 -1.67 2.15
CA PHE C 207 -36.78 -2.78 2.81
C PHE C 207 -36.52 -2.44 4.27
N THR C 208 -36.47 -3.47 5.10
CA THR C 208 -36.31 -3.30 6.54
C THR C 208 -34.91 -2.81 6.89
N CYS C 209 -34.82 -2.11 8.02
CA CYS C 209 -33.54 -1.80 8.64
C CYS C 209 -33.54 -2.23 10.09
N ILE C 210 -32.39 -2.71 10.54
CA ILE C 210 -31.98 -2.63 11.94
C ILE C 210 -30.52 -2.21 11.94
N GLU C 211 -30.13 -1.45 12.96
CA GLU C 211 -28.74 -1.05 13.05
C GLU C 211 -28.41 -0.68 14.49
N ALA C 212 -27.13 -0.68 14.79
CA ALA C 212 -26.61 -0.23 16.07
C ALA C 212 -25.52 0.80 15.83
N ARG C 213 -25.44 1.79 16.71
CA ARG C 213 -24.43 2.84 16.62
C ARG C 213 -23.58 2.82 17.89
N PHE C 214 -22.27 2.91 17.71
CA PHE C 214 -21.31 2.79 18.80
C PHE C 214 -20.72 4.16 19.10
N HIS C 215 -21.00 4.66 20.30
CA HIS C 215 -20.42 5.93 20.73
C HIS C 215 -18.95 5.72 21.03
N LEU C 216 -18.08 6.45 20.31
CA LEU C 216 -16.65 6.27 20.40
C LEU C 216 -15.98 7.63 20.55
N GLU C 217 -15.05 7.74 21.49
CA GLU C 217 -14.34 8.98 21.72
C GLU C 217 -12.83 8.72 21.81
N ARG C 218 -12.05 9.70 21.36
CA ARG C 218 -10.60 9.59 21.34
C ARG C 218 -10.03 10.37 22.53
N GLN C 219 -9.21 9.70 23.34
CA GLN C 219 -8.61 10.34 24.49
C GLN C 219 -7.40 11.16 24.07
N MET C 220 -7.28 12.35 24.65
CA MET C 220 -6.32 13.35 24.19
C MET C 220 -4.88 12.98 24.52
N GLY C 221 -4.64 11.94 25.30
CA GLY C 221 -3.32 11.64 25.83
C GLY C 221 -2.15 11.77 24.87
N TYR C 222 -2.12 10.95 23.82
CA TYR C 222 -1.07 11.07 22.82
C TYR C 222 -1.12 12.43 22.14
N TYR C 223 -2.32 12.84 21.71
CA TYR C 223 -2.45 14.15 21.09
C TYR C 223 -2.01 15.25 22.03
N LEU C 224 -2.29 15.10 23.32
CA LEU C 224 -1.79 16.10 24.29
C LEU C 224 -0.27 16.15 24.17
N ILE C 225 0.40 15.01 24.39
CA ILE C 225 1.89 15.00 24.41
C ILE C 225 2.46 15.54 23.10
N GLN C 226 2.20 14.86 21.98
CA GLN C 226 2.84 15.23 20.70
C GLN C 226 2.47 16.64 20.23
N MET C 227 1.21 17.05 20.40
CA MET C 227 0.79 18.34 19.80
C MET C 227 1.02 19.56 20.69
N TYR C 228 0.51 19.59 21.92
CA TYR C 228 0.55 20.83 22.69
C TYR C 228 1.92 21.08 23.31
N ILE C 229 2.64 20.03 23.71
CA ILE C 229 3.94 20.23 24.37
C ILE C 229 4.93 20.97 23.47
N PRO C 230 5.15 20.57 22.20
CA PRO C 230 6.08 21.34 21.37
C PRO C 230 5.67 22.79 21.19
N SER C 231 4.38 23.07 21.06
CA SER C 231 3.92 24.46 20.95
C SER C 231 4.25 25.23 22.21
N LEU C 232 4.07 24.60 23.38
CA LEU C 232 4.43 25.24 24.63
C LEU C 232 5.92 25.55 24.67
N LEU C 233 6.76 24.60 24.23
CA LEU C 233 8.20 24.85 24.23
C LEU C 233 8.57 25.99 23.31
N ILE C 234 8.01 26.02 22.10
CA ILE C 234 8.31 27.10 21.17
C ILE C 234 7.87 28.45 21.73
N VAL C 235 6.70 28.50 22.36
CA VAL C 235 6.23 29.80 22.82
C VAL C 235 7.04 30.27 24.03
N ILE C 236 7.49 29.34 24.89
CA ILE C 236 8.41 29.74 25.96
C ILE C 236 9.71 30.24 25.36
N LEU C 237 10.18 29.62 24.29
CA LEU C 237 11.30 30.18 23.54
C LEU C 237 11.00 31.61 23.10
N SER C 238 9.75 31.87 22.70
CA SER C 238 9.40 33.24 22.32
C SER C 238 9.54 34.20 23.50
N TRP C 239 9.10 33.78 24.70
CA TRP C 239 9.27 34.71 25.81
C TRP C 239 10.74 34.87 26.19
N ILE C 240 11.56 33.82 26.04
CA ILE C 240 12.98 34.06 26.32
C ILE C 240 13.56 34.99 25.27
N SER C 241 13.00 34.98 24.04
CA SER C 241 13.40 35.98 23.06
C SER C 241 13.04 37.38 23.52
N PHE C 242 11.88 37.53 24.16
CA PHE C 242 11.59 38.80 24.85
C PHE C 242 12.65 39.12 25.89
N TRP C 243 13.09 38.11 26.64
CA TRP C 243 13.96 38.36 27.80
C TRP C 243 15.32 38.93 27.39
N ILE C 244 15.71 38.82 26.13
CA ILE C 244 17.01 39.34 25.71
C ILE C 244 16.89 40.83 25.37
N ASN C 245 18.04 41.51 25.38
CA ASN C 245 18.09 42.95 25.17
C ASN C 245 17.98 43.27 23.67
N MET C 246 18.22 44.52 23.31
CA MET C 246 18.02 45.00 21.95
C MET C 246 19.31 45.00 21.14
N ASP C 247 20.46 45.28 21.77
CA ASP C 247 21.71 45.37 21.03
C ASP C 247 22.09 44.03 20.39
N ALA C 248 21.63 42.92 20.97
CA ALA C 248 21.84 41.62 20.36
C ALA C 248 20.76 41.37 19.30
N ALA C 249 20.64 42.30 18.36
CA ALA C 249 19.59 42.22 17.35
C ALA C 249 19.68 40.96 16.50
N PRO C 250 20.84 40.60 15.91
CA PRO C 250 20.87 39.36 15.12
C PRO C 250 20.51 38.14 15.93
N ALA C 251 20.98 38.06 17.18
CA ALA C 251 20.69 36.90 18.03
C ALA C 251 19.20 36.79 18.31
N ARG C 252 18.59 37.88 18.78
CA ARG C 252 17.17 37.83 19.13
C ARG C 252 16.31 37.55 17.91
N VAL C 253 16.61 38.21 16.78
CA VAL C 253 15.77 38.00 15.61
C VAL C 253 15.99 36.60 15.05
N GLY C 254 17.20 36.07 15.12
CA GLY C 254 17.42 34.71 14.66
C GLY C 254 16.64 33.71 15.49
N LEU C 255 16.61 33.90 16.81
CA LEU C 255 15.74 33.09 17.64
C LEU C 255 14.29 33.22 17.19
N GLY C 256 13.86 34.44 16.85
CA GLY C 256 12.47 34.64 16.43
C GLY C 256 12.12 33.86 15.17
N ILE C 257 12.89 34.04 14.10
CA ILE C 257 12.61 33.33 12.86
C ILE C 257 12.78 31.82 13.05
N THR C 258 13.73 31.37 13.86
CA THR C 258 13.90 29.93 14.01
C THR C 258 12.71 29.31 14.75
N THR C 259 12.18 30.01 15.75
CA THR C 259 10.93 29.57 16.36
C THR C 259 9.78 29.57 15.35
N VAL C 260 9.78 30.56 14.44
CA VAL C 260 8.77 30.57 13.39
C VAL C 260 8.91 29.35 12.49
N LEU C 261 10.16 28.93 12.22
CA LEU C 261 10.41 27.73 11.45
C LEU C 261 9.85 26.50 12.15
N THR C 262 10.14 26.38 13.45
CA THR C 262 9.57 25.29 14.24
C THR C 262 8.06 25.28 14.09
N MET C 263 7.46 26.46 14.17
CA MET C 263 6.01 26.56 14.13
C MET C 263 5.45 26.14 12.78
N THR C 264 6.06 26.60 11.69
CA THR C 264 5.58 26.24 10.36
C THR C 264 5.72 24.74 10.12
N THR C 265 6.85 24.15 10.50
CA THR C 265 7.03 22.72 10.33
C THR C 265 6.03 21.94 11.17
N GLN C 266 5.78 22.37 12.41
CA GLN C 266 4.83 21.67 13.27
C GLN C 266 3.42 21.76 12.71
N SER C 267 3.03 22.95 12.23
CA SER C 267 1.69 23.12 11.66
C SER C 267 1.52 22.25 10.41
N SER C 268 2.54 22.21 9.56
CA SER C 268 2.46 21.36 8.38
C SER C 268 2.38 19.89 8.76
N GLY C 269 3.14 19.47 9.78
CA GLY C 269 3.17 18.06 10.13
C GLY C 269 1.84 17.55 10.68
N SER C 270 1.17 18.35 11.51
CA SER C 270 -0.09 17.92 12.09
C SER C 270 -1.16 17.74 11.02
N ARG C 271 -1.17 18.62 10.02
CA ARG C 271 -2.16 18.55 8.95
C ARG C 271 -2.07 17.26 8.15
N ALA C 272 -0.91 16.60 8.16
CA ALA C 272 -0.70 15.46 7.26
C ALA C 272 -1.64 14.29 7.58
N SER C 273 -1.84 14.00 8.86
CA SER C 273 -2.59 12.81 9.24
C SER C 273 -4.06 12.91 8.82
N LEU C 274 -4.68 14.06 9.07
CA LEU C 274 -6.12 14.18 8.84
C LEU C 274 -6.42 14.35 7.35
N PRO C 275 -7.62 13.95 6.92
CA PRO C 275 -8.02 14.18 5.53
C PRO C 275 -8.29 15.65 5.26
N LYS C 276 -8.23 16.00 3.98
CA LYS C 276 -8.44 17.38 3.55
C LYS C 276 -9.90 17.76 3.76
N VAL C 277 -10.15 18.60 4.77
CA VAL C 277 -11.50 19.05 5.11
C VAL C 277 -11.54 20.57 5.00
N SER C 278 -12.60 21.10 4.40
CA SER C 278 -12.72 22.54 4.21
C SER C 278 -12.99 23.24 5.54
N TYR C 279 -13.91 22.70 6.33
CA TYR C 279 -14.30 23.36 7.58
C TYR C 279 -13.16 23.33 8.59
N VAL C 280 -13.12 24.37 9.42
CA VAL C 280 -12.01 24.56 10.36
C VAL C 280 -12.02 23.46 11.41
N LYS C 281 -10.84 22.97 11.75
CA LYS C 281 -10.65 21.94 12.76
C LYS C 281 -10.52 22.60 14.14
N ALA C 282 -10.06 21.84 15.13
CA ALA C 282 -9.86 22.35 16.48
C ALA C 282 -8.40 22.51 16.87
N ILE C 283 -7.53 21.58 16.49
CA ILE C 283 -6.10 21.75 16.74
C ILE C 283 -5.53 22.90 15.93
N ASP C 284 -6.04 23.10 14.71
CA ASP C 284 -5.46 24.09 13.81
C ASP C 284 -5.55 25.49 14.39
N ILE C 285 -6.65 25.82 15.06
CA ILE C 285 -6.78 27.16 15.63
C ILE C 285 -5.77 27.37 16.74
N TRP C 286 -5.54 26.36 17.58
CA TRP C 286 -4.48 26.44 18.58
C TRP C 286 -3.13 26.72 17.94
N MET C 287 -2.77 25.91 16.95
CA MET C 287 -1.46 26.06 16.34
C MET C 287 -1.32 27.43 15.69
N ALA C 288 -2.36 27.87 14.97
CA ALA C 288 -2.30 29.14 14.27
C ALA C 288 -2.23 30.31 15.24
N VAL C 289 -2.98 30.25 16.35
CA VAL C 289 -3.02 31.40 17.24
C VAL C 289 -1.71 31.54 18.01
N CYS C 290 -1.12 30.43 18.46
CA CYS C 290 0.18 30.60 19.11
C CYS C 290 1.31 30.82 18.10
N LEU C 291 1.09 30.42 16.84
CA LEU C 291 1.94 30.91 15.75
C LEU C 291 1.87 32.42 15.64
N LEU C 292 0.66 32.98 15.72
CA LEU C 292 0.51 34.42 15.74
C LEU C 292 1.16 35.03 16.96
N PHE C 293 1.17 34.31 18.09
CA PHE C 293 1.87 34.79 19.28
C PHE C 293 3.36 34.97 19.00
N VAL C 294 4.00 33.95 18.44
CA VAL C 294 5.44 34.06 18.18
C VAL C 294 5.71 35.09 17.08
N PHE C 295 4.82 35.18 16.08
CA PHE C 295 4.95 36.19 15.05
C PHE C 295 4.89 37.59 15.65
N SER C 296 3.95 37.81 16.57
CA SER C 296 3.86 39.09 17.25
C SER C 296 5.08 39.34 18.13
N ALA C 297 5.64 38.28 18.70
CA ALA C 297 6.90 38.42 19.44
C ALA C 297 7.97 39.05 18.58
N LEU C 298 8.18 38.47 17.39
CA LEU C 298 9.18 39.02 16.48
C LEU C 298 8.81 40.43 16.03
N LEU C 299 7.51 40.67 15.80
CA LEU C 299 7.05 41.99 15.41
C LEU C 299 7.37 43.04 16.47
N GLU C 300 7.10 42.74 17.74
CA GLU C 300 7.35 43.72 18.79
C GLU C 300 8.85 43.91 19.01
N TYR C 301 9.65 42.87 18.83
CA TYR C 301 11.09 43.08 18.93
C TYR C 301 11.57 44.00 17.81
N ALA C 302 11.07 43.81 16.59
CA ALA C 302 11.43 44.70 15.50
C ALA C 302 10.98 46.13 15.79
N ALA C 303 9.76 46.28 16.33
CA ALA C 303 9.24 47.61 16.64
C ALA C 303 10.09 48.30 17.70
N VAL C 304 10.49 47.58 18.74
CA VAL C 304 11.32 48.20 19.78
C VAL C 304 12.70 48.54 19.24
N ASN C 305 13.23 47.72 18.32
CA ASN C 305 14.49 48.08 17.68
C ASN C 305 14.35 49.37 16.88
N PHE C 306 13.23 49.52 16.15
CA PHE C 306 12.99 50.75 15.40
C PHE C 306 12.87 51.95 16.33
N VAL C 307 12.18 51.77 17.46
CA VAL C 307 12.07 52.85 18.44
C VAL C 307 13.43 53.23 18.98
N SER C 308 14.27 52.23 19.27
CA SER C 308 15.62 52.51 19.73
C SER C 308 16.41 53.29 18.69
N ARG C 309 16.23 52.96 17.42
CA ARG C 309 16.89 53.70 16.35
C ARG C 309 15.96 54.77 15.76
N ARG C 323 16.88 62.47 22.06
CA ARG C 323 18.02 61.75 21.53
C ARG C 323 18.14 60.35 22.13
N LYS C 324 18.16 60.28 23.46
CA LYS C 324 18.24 59.01 24.19
C LYS C 324 17.10 58.84 25.19
N LEU C 325 16.15 59.76 25.21
CA LEU C 325 15.06 59.68 26.19
C LEU C 325 14.14 58.50 25.92
N PHE C 326 13.90 58.20 24.64
CA PHE C 326 12.95 57.14 24.29
C PHE C 326 13.47 55.74 24.61
N ILE C 327 14.74 55.59 24.98
CA ILE C 327 15.26 54.28 25.34
C ILE C 327 14.58 53.76 26.60
N GLN C 328 14.36 54.65 27.58
CA GLN C 328 13.66 54.24 28.79
C GLN C 328 12.22 53.82 28.49
N ARG C 329 11.55 54.56 27.60
CA ARG C 329 10.20 54.19 27.20
C ARG C 329 10.19 52.84 26.49
N ALA C 330 11.18 52.59 25.65
CA ALA C 330 11.28 51.30 24.97
C ALA C 330 11.48 50.17 25.97
N LYS C 331 12.35 50.38 26.97
CA LYS C 331 12.55 49.35 27.99
C LYS C 331 11.28 49.11 28.79
N LYS C 332 10.55 50.19 29.12
CA LYS C 332 9.30 50.04 29.84
C LYS C 332 8.28 49.26 29.01
N ILE C 333 8.20 49.54 27.72
CA ILE C 333 7.29 48.82 26.84
C ILE C 333 7.68 47.34 26.76
N ASP C 334 8.98 47.06 26.72
CA ASP C 334 9.43 45.68 26.72
C ASP C 334 9.03 44.97 28.01
N LYS C 335 9.16 45.66 29.15
CA LYS C 335 8.73 45.06 30.42
C LYS C 335 7.22 44.80 30.42
N ILE C 336 6.44 45.75 29.91
CA ILE C 336 4.99 45.58 29.87
C ILE C 336 4.62 44.38 29.00
N SER C 337 5.27 44.24 27.84
CA SER C 337 5.00 43.09 26.98
C SER C 337 5.40 41.79 27.67
N ARG C 338 6.60 41.76 28.26
CA ARG C 338 7.12 40.56 28.90
C ARG C 338 6.24 40.14 30.07
N ILE C 339 5.53 41.08 30.68
CA ILE C 339 4.60 40.74 31.76
C ILE C 339 3.26 40.29 31.21
N GLY C 340 2.69 41.09 30.30
CA GLY C 340 1.33 40.82 29.83
C GLY C 340 1.21 39.55 29.01
N PHE C 341 2.15 39.32 28.09
CA PHE C 341 2.01 38.18 27.17
C PHE C 341 1.88 36.83 27.87
N PRO C 342 2.66 36.50 28.90
CA PRO C 342 2.39 35.23 29.60
C PRO C 342 0.98 35.15 30.16
N MET C 343 0.49 36.25 30.74
CA MET C 343 -0.87 36.27 31.27
C MET C 343 -1.90 36.10 30.16
N ALA C 344 -1.69 36.77 29.03
CA ALA C 344 -2.60 36.62 27.90
C ALA C 344 -2.63 35.18 27.40
N PHE C 345 -1.45 34.55 27.28
CA PHE C 345 -1.41 33.17 26.82
C PHE C 345 -2.12 32.25 27.80
N LEU C 346 -1.91 32.45 29.11
CA LEU C 346 -2.54 31.58 30.09
C LEU C 346 -4.06 31.75 30.10
N ILE C 347 -4.55 32.99 30.06
CA ILE C 347 -6.00 33.19 30.07
C ILE C 347 -6.61 32.64 28.79
N PHE C 348 -5.93 32.80 27.66
CA PHE C 348 -6.43 32.22 26.42
C PHE C 348 -6.46 30.71 26.49
N ASN C 349 -5.43 30.09 27.08
CA ASN C 349 -5.39 28.64 27.20
C ASN C 349 -6.57 28.14 28.03
N MET C 350 -6.81 28.79 29.17
CA MET C 350 -7.95 28.40 30.00
C MET C 350 -9.27 28.59 29.26
N PHE C 351 -9.40 29.71 28.55
CA PHE C 351 -10.62 30.00 27.80
C PHE C 351 -10.87 28.94 26.72
N TYR C 352 -9.84 28.62 25.94
CA TYR C 352 -9.96 27.64 24.87
C TYR C 352 -10.29 26.26 25.42
N TRP C 353 -9.60 25.85 26.48
CA TRP C 353 -9.85 24.53 27.06
C TRP C 353 -11.25 24.43 27.65
N ILE C 354 -11.72 25.49 28.32
CA ILE C 354 -13.05 25.42 28.91
C ILE C 354 -14.11 25.41 27.81
N ILE C 355 -13.85 26.09 26.69
CA ILE C 355 -14.78 25.99 25.55
C ILE C 355 -14.83 24.56 25.02
N TYR C 356 -13.67 23.97 24.75
CA TYR C 356 -13.64 22.69 24.05
C TYR C 356 -13.59 21.49 24.99
N LYS C 357 -13.87 21.72 26.28
CA LYS C 357 -13.99 20.58 27.22
C LYS C 357 -15.43 20.57 27.73
N ILE C 358 -16.30 21.33 27.04
CA ILE C 358 -17.73 21.51 27.43
C ILE C 358 -18.56 21.59 26.14
N MET D 8 -49.38 -25.16 -9.27
CA MET D 8 -49.78 -24.65 -7.97
C MET D 8 -48.56 -24.58 -7.05
N SER D 9 -47.72 -25.61 -7.09
CA SER D 9 -46.54 -25.66 -6.24
C SER D 9 -45.54 -24.61 -6.70
N PRO D 10 -45.09 -23.71 -5.82
CA PRO D 10 -44.15 -22.66 -6.26
C PRO D 10 -42.86 -23.20 -6.85
N SER D 11 -42.30 -24.26 -6.25
CA SER D 11 -41.10 -24.86 -6.82
C SER D 11 -41.38 -25.44 -8.20
N ASP D 12 -42.49 -26.16 -8.34
CA ASP D 12 -42.89 -26.65 -9.66
C ASP D 12 -43.18 -25.50 -10.60
N PHE D 13 -43.81 -24.44 -10.10
CA PHE D 13 -44.08 -23.27 -10.93
C PHE D 13 -42.79 -22.63 -11.43
N LEU D 14 -41.79 -22.48 -10.54
CA LEU D 14 -40.52 -21.92 -10.95
C LEU D 14 -39.83 -22.82 -11.98
N ASP D 15 -39.84 -24.13 -11.74
CA ASP D 15 -39.18 -25.05 -12.67
C ASP D 15 -39.85 -25.03 -14.04
N LYS D 16 -41.19 -24.99 -14.07
CA LYS D 16 -41.88 -24.97 -15.35
C LYS D 16 -41.78 -23.61 -16.03
N LEU D 17 -41.55 -22.54 -15.27
CA LEU D 17 -41.34 -21.24 -15.90
C LEU D 17 -39.95 -21.15 -16.52
N MET D 18 -38.92 -21.38 -15.72
CA MET D 18 -37.55 -21.48 -16.25
C MET D 18 -36.87 -22.70 -15.66
N GLY D 19 -35.91 -23.25 -16.41
CA GLY D 19 -35.15 -24.39 -15.98
C GLY D 19 -35.23 -25.54 -16.98
N ARG D 20 -34.99 -26.75 -16.48
CA ARG D 20 -35.00 -27.93 -17.35
C ARG D 20 -36.37 -28.17 -17.95
N THR D 21 -37.40 -28.21 -17.10
CA THR D 21 -38.76 -28.51 -17.55
C THR D 21 -39.50 -27.24 -17.97
N SER D 22 -38.89 -26.46 -18.85
CA SER D 22 -39.50 -25.22 -19.33
C SER D 22 -39.42 -25.02 -20.83
N GLY D 23 -38.48 -25.67 -21.53
CA GLY D 23 -38.30 -25.40 -22.94
C GLY D 23 -37.73 -24.04 -23.23
N TYR D 24 -37.26 -23.32 -22.22
CA TYR D 24 -36.68 -22.00 -22.37
C TYR D 24 -35.17 -22.09 -22.21
N ASP D 25 -34.44 -21.56 -23.18
CA ASP D 25 -32.99 -21.61 -23.17
C ASP D 25 -32.45 -20.23 -22.80
N ALA D 26 -31.65 -20.18 -21.74
CA ALA D 26 -31.09 -18.93 -21.26
C ALA D 26 -29.99 -18.38 -22.15
N ARG D 27 -29.55 -19.15 -23.14
CA ARG D 27 -28.39 -18.83 -23.95
C ARG D 27 -28.74 -18.09 -25.24
N ILE D 28 -30.02 -17.76 -25.44
CA ILE D 28 -30.49 -17.08 -26.64
C ILE D 28 -31.19 -15.80 -26.22
N ARG D 29 -30.85 -14.69 -26.90
CA ARG D 29 -31.41 -13.41 -26.54
C ARG D 29 -32.91 -13.34 -26.89
N PRO D 30 -33.68 -12.57 -26.15
CA PRO D 30 -35.14 -12.54 -26.35
C PRO D 30 -35.52 -12.08 -27.76
N ASN D 31 -36.58 -12.68 -28.29
CA ASN D 31 -37.08 -12.39 -29.63
C ASN D 31 -35.99 -12.61 -30.69
N PHE D 32 -35.44 -13.83 -30.68
CA PHE D 32 -34.31 -14.14 -31.55
C PHE D 32 -34.70 -14.00 -33.01
N LYS D 33 -33.76 -13.48 -33.82
CA LYS D 33 -33.99 -13.19 -35.23
C LYS D 33 -35.20 -12.28 -35.42
N GLY D 34 -35.30 -11.26 -34.57
CA GLY D 34 -36.39 -10.31 -34.65
C GLY D 34 -35.95 -8.91 -34.27
N PRO D 35 -36.84 -8.17 -33.63
CA PRO D 35 -36.51 -6.80 -33.19
C PRO D 35 -35.46 -6.83 -32.10
N PRO D 36 -34.71 -5.73 -31.93
CA PRO D 36 -33.69 -5.68 -30.87
C PRO D 36 -34.31 -5.73 -29.48
N VAL D 37 -33.46 -5.74 -28.45
CA VAL D 37 -33.89 -5.73 -27.06
C VAL D 37 -33.44 -4.41 -26.44
N ASN D 38 -34.36 -3.74 -25.74
CA ASN D 38 -34.06 -2.41 -25.21
C ASN D 38 -33.30 -2.49 -23.89
N VAL D 39 -33.92 -3.10 -22.88
CA VAL D 39 -33.30 -3.26 -21.56
C VAL D 39 -33.01 -1.87 -21.01
N SER D 40 -34.05 -1.20 -20.51
CA SER D 40 -33.85 0.10 -19.88
C SER D 40 -33.21 -0.10 -18.51
N CYS D 41 -32.21 0.72 -18.20
CA CYS D 41 -31.46 0.58 -16.97
C CYS D 41 -31.31 1.94 -16.29
N ASN D 42 -31.43 1.94 -14.97
CA ASN D 42 -31.21 3.13 -14.15
C ASN D 42 -30.29 2.76 -12.99
N ILE D 43 -29.55 3.75 -12.52
CA ILE D 43 -28.56 3.53 -11.47
C ILE D 43 -28.95 4.32 -10.23
N PHE D 44 -28.48 3.84 -9.08
CA PHE D 44 -28.77 4.44 -7.78
C PHE D 44 -27.47 4.57 -7.01
N ILE D 45 -27.02 5.82 -6.80
CA ILE D 45 -25.83 6.06 -6.00
C ILE D 45 -26.12 5.68 -4.55
N ASN D 46 -25.16 5.02 -3.90
CA ASN D 46 -25.29 4.68 -2.49
C ASN D 46 -24.14 5.18 -1.64
N SER D 47 -22.95 5.34 -2.19
CA SER D 47 -21.83 5.95 -1.46
C SER D 47 -20.80 6.43 -2.47
N PHE D 48 -20.61 7.74 -2.54
CA PHE D 48 -19.57 8.32 -3.38
C PHE D 48 -18.32 8.38 -2.52
N GLY D 49 -17.28 9.08 -2.97
CA GLY D 49 -16.16 9.38 -2.11
C GLY D 49 -14.93 8.54 -2.43
N SER D 50 -13.95 8.67 -1.54
CA SER D 50 -12.62 8.07 -1.70
C SER D 50 -11.94 8.51 -2.99
N ILE D 51 -12.38 9.65 -3.55
CA ILE D 51 -11.80 10.15 -4.79
C ILE D 51 -10.35 10.52 -4.55
N ALA D 52 -9.51 10.22 -5.54
CA ALA D 52 -8.11 10.61 -5.47
C ALA D 52 -7.72 11.34 -6.75
N GLU D 53 -6.47 11.79 -6.84
CA GLU D 53 -6.02 12.55 -7.99
C GLU D 53 -4.70 12.02 -8.53
N THR D 54 -3.89 11.41 -7.67
CA THR D 54 -2.64 10.80 -8.12
C THR D 54 -2.86 9.62 -9.05
N THR D 55 -4.04 9.02 -9.04
CA THR D 55 -4.32 7.82 -9.82
C THR D 55 -5.44 8.06 -10.82
N MET D 56 -6.02 9.27 -10.84
CA MET D 56 -6.96 9.69 -11.87
C MET D 56 -8.23 8.83 -11.84
N ASP D 57 -8.77 8.61 -10.64
CA ASP D 57 -9.90 7.71 -10.50
C ASP D 57 -10.72 8.08 -9.26
N TYR D 58 -11.92 7.52 -9.20
CA TYR D 58 -12.80 7.64 -8.04
C TYR D 58 -13.55 6.33 -7.86
N ARG D 59 -13.99 6.07 -6.64
CA ARG D 59 -14.65 4.81 -6.29
C ARG D 59 -16.11 5.08 -5.92
N VAL D 60 -17.02 4.34 -6.53
CA VAL D 60 -18.44 4.45 -6.26
C VAL D 60 -19.01 3.07 -5.98
N ASN D 61 -19.88 2.99 -4.97
CA ASN D 61 -20.61 1.78 -4.63
C ASN D 61 -22.08 2.06 -4.97
N ILE D 62 -22.55 1.50 -6.09
CA ILE D 62 -23.82 1.89 -6.66
C ILE D 62 -24.68 0.66 -6.88
N PHE D 63 -25.98 0.89 -7.02
CA PHE D 63 -26.92 -0.10 -7.49
C PHE D 63 -27.02 -0.03 -9.01
N LEU D 64 -27.71 -0.99 -9.61
CA LEU D 64 -27.90 -1.02 -11.05
C LEU D 64 -29.12 -1.87 -11.35
N ARG D 65 -30.17 -1.23 -11.88
CA ARG D 65 -31.46 -1.88 -12.08
C ARG D 65 -31.81 -1.84 -13.56
N GLN D 66 -31.99 -3.01 -14.16
CA GLN D 66 -32.34 -3.13 -15.57
C GLN D 66 -33.82 -3.49 -15.71
N GLN D 67 -34.41 -3.02 -16.82
CA GLN D 67 -35.83 -3.24 -17.09
C GLN D 67 -36.00 -3.63 -18.54
N TRP D 68 -36.59 -4.79 -18.79
CA TRP D 68 -36.91 -5.23 -20.15
C TRP D 68 -38.06 -6.23 -20.07
N ASN D 69 -38.50 -6.68 -21.23
CA ASN D 69 -39.65 -7.58 -21.35
C ASN D 69 -39.24 -8.80 -22.17
N ASP D 70 -39.40 -9.99 -21.59
CA ASP D 70 -39.13 -11.23 -22.30
C ASP D 70 -40.44 -11.97 -22.54
N PRO D 71 -40.92 -12.06 -23.78
CA PRO D 71 -42.20 -12.75 -24.03
C PRO D 71 -42.18 -14.22 -23.62
N ARG D 72 -41.03 -14.88 -23.72
CA ARG D 72 -40.95 -16.29 -23.34
C ARG D 72 -41.22 -16.50 -21.86
N LEU D 73 -41.07 -15.46 -21.04
CA LEU D 73 -41.26 -15.56 -19.59
C LEU D 73 -42.68 -15.22 -19.15
N ALA D 74 -43.60 -14.98 -20.10
CA ALA D 74 -44.97 -14.65 -19.73
C ALA D 74 -45.63 -15.81 -19.02
N TYR D 75 -46.35 -15.50 -17.94
CA TYR D 75 -47.06 -16.49 -17.17
C TYR D 75 -48.47 -15.98 -16.85
N ASN D 76 -49.39 -16.92 -16.64
CA ASN D 76 -50.78 -16.56 -16.39
C ASN D 76 -51.40 -17.43 -15.29
N GLU D 77 -50.61 -17.88 -14.33
CA GLU D 77 -51.10 -18.75 -13.27
C GLU D 77 -51.37 -17.99 -11.97
N TYR D 78 -50.37 -17.30 -11.45
CA TYR D 78 -50.54 -16.61 -10.16
C TYR D 78 -51.41 -15.37 -10.34
N PRO D 79 -52.50 -15.24 -9.58
CA PRO D 79 -53.35 -14.04 -9.72
C PRO D 79 -52.65 -12.74 -9.41
N ASP D 80 -51.71 -12.74 -8.46
CA ASP D 80 -51.02 -11.50 -8.10
C ASP D 80 -50.10 -11.06 -9.22
N ASP D 81 -49.98 -9.74 -9.39
CA ASP D 81 -49.15 -9.19 -10.46
C ASP D 81 -47.67 -9.27 -10.11
N SER D 82 -47.26 -8.62 -9.03
CA SER D 82 -45.86 -8.63 -8.63
C SER D 82 -45.45 -10.00 -8.10
N LEU D 83 -44.19 -10.34 -8.32
CA LEU D 83 -43.64 -11.61 -7.86
C LEU D 83 -42.12 -11.50 -7.78
N ASP D 84 -41.54 -12.05 -6.73
CA ASP D 84 -40.10 -12.03 -6.51
C ASP D 84 -39.55 -13.44 -6.56
N LEU D 85 -38.25 -13.54 -6.81
CA LEU D 85 -37.57 -14.82 -6.97
C LEU D 85 -36.31 -14.85 -6.13
N ASP D 86 -35.91 -16.07 -5.77
CA ASP D 86 -34.63 -16.28 -5.11
C ASP D 86 -33.51 -15.89 -6.07
N PRO D 87 -32.54 -15.08 -5.63
CA PRO D 87 -31.43 -14.71 -6.53
C PRO D 87 -30.67 -15.90 -7.08
N SER D 88 -30.74 -17.07 -6.42
CA SER D 88 -30.09 -18.25 -6.96
C SER D 88 -30.65 -18.64 -8.33
N MET D 89 -31.91 -18.31 -8.60
CA MET D 89 -32.51 -18.56 -9.91
C MET D 89 -31.93 -17.71 -11.02
N LEU D 90 -31.15 -16.67 -10.70
CA LEU D 90 -30.80 -15.68 -11.72
C LEU D 90 -29.96 -16.27 -12.84
N ASP D 91 -28.99 -17.13 -12.50
CA ASP D 91 -28.08 -17.68 -13.49
C ASP D 91 -28.77 -18.61 -14.49
N SER D 92 -30.02 -18.98 -14.23
CA SER D 92 -30.75 -19.91 -15.08
C SER D 92 -31.52 -19.21 -16.21
N ILE D 93 -31.51 -17.89 -16.27
CA ILE D 93 -32.25 -17.15 -17.29
C ILE D 93 -31.28 -16.24 -18.04
N TRP D 94 -31.78 -15.69 -19.15
CA TRP D 94 -30.97 -14.79 -19.97
C TRP D 94 -30.65 -13.51 -19.19
N LYS D 95 -29.46 -12.98 -19.45
CA LYS D 95 -28.98 -11.75 -18.82
C LYS D 95 -28.32 -10.88 -19.86
N PRO D 96 -28.38 -9.56 -19.68
CA PRO D 96 -27.56 -8.67 -20.51
C PRO D 96 -26.10 -8.73 -20.09
N ASP D 97 -25.23 -8.28 -20.98
CA ASP D 97 -23.80 -8.26 -20.75
C ASP D 97 -23.27 -6.84 -20.52
N LEU D 98 -24.02 -6.05 -19.77
CA LEU D 98 -23.60 -4.68 -19.48
C LEU D 98 -22.29 -4.66 -18.71
N PHE D 99 -21.37 -3.81 -19.16
CA PHE D 99 -20.11 -3.59 -18.48
C PHE D 99 -19.79 -2.10 -18.53
N PHE D 100 -18.76 -1.71 -17.79
CA PHE D 100 -18.34 -0.32 -17.71
C PHE D 100 -17.05 -0.14 -18.50
N ALA D 101 -17.07 0.82 -19.44
CA ALA D 101 -15.92 1.02 -20.31
C ALA D 101 -14.69 1.43 -19.51
N ASN D 102 -14.74 2.58 -18.85
CA ASN D 102 -13.65 3.03 -17.99
C ASN D 102 -13.83 2.35 -16.63
N GLU D 103 -13.39 1.09 -16.59
CA GLU D 103 -13.68 0.20 -15.47
C GLU D 103 -12.59 0.24 -14.40
N LYS D 104 -11.36 -0.13 -14.76
CA LYS D 104 -10.19 -0.05 -13.87
C LYS D 104 -10.45 -0.71 -12.52
N GLY D 105 -11.07 -1.89 -12.54
CA GLY D 105 -11.26 -2.66 -11.33
C GLY D 105 -12.61 -2.50 -10.67
N ALA D 106 -13.35 -3.61 -10.60
CA ALA D 106 -14.63 -3.64 -9.90
C ALA D 106 -14.94 -5.08 -9.53
N HIS D 107 -15.88 -5.26 -8.61
CA HIS D 107 -16.19 -6.58 -8.09
C HIS D 107 -17.59 -6.58 -7.49
N PHE D 108 -18.08 -7.79 -7.22
CA PHE D 108 -19.39 -7.99 -6.63
C PHE D 108 -19.30 -7.89 -5.11
N HIS D 109 -20.37 -8.28 -4.43
CA HIS D 109 -20.39 -8.38 -2.98
C HIS D 109 -21.11 -9.66 -2.60
N GLU D 110 -20.42 -10.54 -1.87
CA GLU D 110 -20.90 -11.88 -1.57
C GLU D 110 -21.27 -12.07 -0.10
N ILE D 111 -21.53 -10.99 0.62
CA ILE D 111 -21.71 -11.10 2.07
C ILE D 111 -23.02 -11.82 2.39
N THR D 112 -22.88 -13.09 2.80
CA THR D 112 -23.96 -13.96 3.26
C THR D 112 -24.93 -14.31 2.14
N THR D 113 -24.77 -13.66 0.98
CA THR D 113 -25.57 -13.92 -0.22
C THR D 113 -25.03 -13.04 -1.34
N ASP D 114 -25.15 -13.49 -2.59
CA ASP D 114 -24.96 -12.58 -3.72
C ASP D 114 -26.14 -11.61 -3.75
N ASN D 115 -25.87 -10.34 -3.44
CA ASN D 115 -26.93 -9.35 -3.23
C ASN D 115 -27.56 -9.00 -4.57
N LYS D 116 -28.47 -9.86 -5.02
CA LYS D 116 -29.14 -9.72 -6.30
C LYS D 116 -30.65 -9.80 -6.07
N LEU D 117 -31.39 -8.94 -6.75
CA LEU D 117 -32.85 -8.92 -6.67
C LEU D 117 -33.43 -9.22 -8.04
N LEU D 118 -34.48 -10.04 -8.06
CA LEU D 118 -35.17 -10.40 -9.29
C LEU D 118 -36.67 -10.28 -9.07
N ARG D 119 -37.35 -9.57 -9.96
CA ARG D 119 -38.80 -9.39 -9.90
C ARG D 119 -39.39 -9.65 -11.28
N ILE D 120 -40.56 -10.28 -11.30
CA ILE D 120 -41.21 -10.72 -12.52
C ILE D 120 -42.59 -10.07 -12.59
N SER D 121 -42.88 -9.41 -13.72
CA SER D 121 -44.20 -8.87 -13.97
C SER D 121 -45.07 -9.90 -14.69
N ARG D 122 -46.39 -9.74 -14.54
CA ARG D 122 -47.33 -10.71 -15.11
C ARG D 122 -47.22 -10.75 -16.63
N ASN D 123 -47.13 -9.59 -17.28
CA ASN D 123 -47.09 -9.55 -18.74
C ASN D 123 -45.85 -10.23 -19.29
N GLY D 124 -44.70 -10.03 -18.64
CA GLY D 124 -43.45 -10.57 -19.13
C GLY D 124 -42.31 -9.62 -18.85
N ASN D 125 -42.64 -8.41 -18.39
CA ASN D 125 -41.61 -7.46 -17.99
C ASN D 125 -40.84 -7.99 -16.78
N VAL D 126 -39.55 -7.70 -16.73
CA VAL D 126 -38.67 -8.21 -15.69
C VAL D 126 -37.79 -7.07 -15.19
N LEU D 127 -37.56 -7.05 -13.88
CA LEU D 127 -36.65 -6.11 -13.24
C LEU D 127 -35.51 -6.89 -12.59
N TYR D 128 -34.29 -6.45 -12.85
CA TYR D 128 -33.09 -7.08 -12.30
C TYR D 128 -32.18 -6.01 -11.72
N SER D 129 -31.68 -6.25 -10.51
CA SER D 129 -30.81 -5.31 -9.83
C SER D 129 -29.58 -6.03 -9.30
N ILE D 130 -28.52 -5.25 -9.07
CA ILE D 130 -27.26 -5.78 -8.56
C ILE D 130 -26.51 -4.64 -7.90
N ARG D 131 -25.89 -4.94 -6.76
CA ARG D 131 -25.06 -3.97 -6.05
C ARG D 131 -23.59 -4.28 -6.31
N ILE D 132 -22.88 -3.32 -6.90
CA ILE D 132 -21.48 -3.49 -7.26
C ILE D 132 -20.71 -2.23 -6.89
N THR D 133 -19.39 -2.39 -6.75
CA THR D 133 -18.50 -1.31 -6.38
C THR D 133 -17.48 -1.12 -7.49
N LEU D 134 -17.34 0.13 -7.93
CA LEU D 134 -16.47 0.38 -9.09
C LEU D 134 -15.39 1.40 -8.74
N THR D 135 -14.33 1.42 -9.52
CA THR D 135 -13.25 2.41 -9.40
C THR D 135 -13.02 2.99 -10.80
N LEU D 136 -13.82 3.99 -11.14
CA LEU D 136 -13.84 4.53 -12.50
C LEU D 136 -12.72 5.52 -12.72
N ALA D 137 -12.24 5.58 -13.96
CA ALA D 137 -11.16 6.47 -14.35
C ALA D 137 -11.74 7.79 -14.87
N CYS D 138 -11.20 8.89 -14.38
CA CYS D 138 -11.71 10.22 -14.68
C CYS D 138 -10.61 11.08 -15.29
N PRO D 139 -10.81 11.67 -16.46
CA PRO D 139 -9.77 12.54 -17.03
C PRO D 139 -9.62 13.83 -16.24
N MET D 140 -8.99 13.72 -15.07
CA MET D 140 -8.84 14.85 -14.18
C MET D 140 -8.03 15.96 -14.83
N ASP D 141 -8.59 17.17 -14.82
CA ASP D 141 -7.95 18.36 -15.36
C ASP D 141 -7.71 19.33 -14.20
N LEU D 142 -6.52 19.92 -14.16
CA LEU D 142 -6.13 20.71 -12.99
C LEU D 142 -5.50 22.03 -13.41
N LYS D 143 -6.07 22.68 -14.42
CA LYS D 143 -5.59 24.02 -14.79
C LYS D 143 -5.82 25.00 -13.65
N ASN D 144 -7.07 25.23 -13.29
CA ASN D 144 -7.41 26.08 -12.14
C ASN D 144 -7.67 25.19 -10.92
N PHE D 145 -6.59 24.63 -10.40
CA PHE D 145 -6.69 23.57 -9.41
C PHE D 145 -7.44 23.98 -8.14
N PRO D 146 -7.10 25.08 -7.47
CA PRO D 146 -7.88 25.44 -6.26
C PRO D 146 -9.34 25.78 -6.55
N MET D 147 -9.64 26.32 -7.74
CA MET D 147 -10.99 26.73 -8.12
C MET D 147 -11.54 25.81 -9.21
N ASP D 148 -11.31 24.52 -9.08
CA ASP D 148 -11.53 23.56 -10.15
C ASP D 148 -12.97 23.09 -10.20
N VAL D 149 -13.44 22.80 -11.40
CA VAL D 149 -14.69 22.09 -11.65
C VAL D 149 -14.40 20.94 -12.61
N GLN D 150 -14.87 19.75 -12.27
CA GLN D 150 -14.53 18.54 -13.01
C GLN D 150 -15.78 17.81 -13.48
N THR D 151 -15.62 17.06 -14.56
CA THR D 151 -16.68 16.26 -15.16
C THR D 151 -16.19 14.81 -15.19
N CYS D 152 -16.41 14.09 -14.09
CA CYS D 152 -16.09 12.67 -14.04
C CYS D 152 -17.26 11.87 -14.57
N ILE D 153 -16.95 10.91 -15.44
CA ILE D 153 -17.96 10.26 -16.26
C ILE D 153 -17.88 8.75 -16.09
N MET D 154 -18.99 8.09 -16.41
CA MET D 154 -19.07 6.63 -16.44
C MET D 154 -19.69 6.24 -17.78
N GLN D 155 -18.98 5.42 -18.56
CA GLN D 155 -19.47 4.96 -19.85
C GLN D 155 -20.00 3.53 -19.73
N LEU D 156 -21.28 3.35 -20.03
CA LEU D 156 -21.94 2.05 -19.97
C LEU D 156 -22.24 1.58 -21.38
N GLU D 157 -21.89 0.33 -21.67
CA GLU D 157 -22.10 -0.22 -23.00
C GLU D 157 -22.10 -1.74 -22.92
N SER D 158 -22.72 -2.37 -23.91
CA SER D 158 -22.64 -3.81 -24.05
C SER D 158 -21.33 -4.19 -24.75
N PHE D 159 -20.98 -5.48 -24.64
CA PHE D 159 -19.74 -5.96 -25.25
C PHE D 159 -19.99 -7.01 -26.32
N GLY D 160 -20.74 -8.05 -26.01
CA GLY D 160 -20.92 -9.15 -26.94
C GLY D 160 -22.22 -9.13 -27.71
N TYR D 161 -22.67 -7.94 -28.09
CA TYR D 161 -23.91 -7.78 -28.86
C TYR D 161 -23.85 -6.50 -29.65
N THR D 162 -24.07 -6.61 -30.96
CA THR D 162 -24.15 -5.42 -31.81
C THR D 162 -25.39 -4.62 -31.46
N MET D 163 -25.31 -3.30 -31.66
CA MET D 163 -26.41 -2.43 -31.26
C MET D 163 -27.65 -2.60 -32.11
N ASN D 164 -27.54 -3.27 -33.26
CA ASN D 164 -28.73 -3.60 -34.03
C ASN D 164 -29.55 -4.71 -33.38
N ASP D 165 -29.03 -5.31 -32.31
CA ASP D 165 -29.75 -6.31 -31.53
C ASP D 165 -30.03 -5.86 -30.11
N LEU D 166 -29.44 -4.76 -29.65
CA LEU D 166 -29.54 -4.36 -28.26
C LEU D 166 -29.21 -2.88 -28.15
N ILE D 167 -30.11 -2.11 -27.50
CA ILE D 167 -29.89 -0.69 -27.31
C ILE D 167 -30.50 -0.22 -26.00
N PHE D 168 -29.63 0.34 -25.15
CA PHE D 168 -30.06 0.74 -23.79
C PHE D 168 -30.64 2.14 -23.73
N GLU D 169 -31.51 2.38 -22.76
CA GLU D 169 -32.11 3.68 -22.51
C GLU D 169 -32.10 3.94 -21.01
N TRP D 170 -32.68 5.07 -20.60
CA TRP D 170 -32.82 5.44 -19.20
C TRP D 170 -34.26 5.86 -18.95
N GLN D 171 -34.83 5.39 -17.84
CA GLN D 171 -36.17 5.82 -17.45
C GLN D 171 -36.13 7.31 -17.10
N GLU D 172 -37.00 8.09 -17.76
CA GLU D 172 -36.89 9.54 -17.68
C GLU D 172 -37.14 10.08 -16.28
N GLN D 173 -37.91 9.37 -15.46
CA GLN D 173 -38.29 9.85 -14.14
C GLN D 173 -37.15 9.57 -13.17
N GLY D 174 -36.15 10.45 -13.19
CA GLY D 174 -35.03 10.35 -12.27
C GLY D 174 -34.23 9.07 -12.39
N ALA D 175 -33.60 8.85 -13.53
CA ALA D 175 -32.83 7.63 -13.75
C ALA D 175 -31.63 7.53 -12.82
N VAL D 176 -31.15 8.64 -12.28
CA VAL D 176 -29.89 8.66 -11.54
C VAL D 176 -30.14 9.15 -10.12
N GLN D 177 -31.31 8.79 -9.56
CA GLN D 177 -31.68 9.22 -8.23
C GLN D 177 -30.57 8.92 -7.23
N VAL D 178 -30.35 9.85 -6.31
CA VAL D 178 -29.18 9.87 -5.44
C VAL D 178 -29.64 9.94 -3.98
N ALA D 179 -28.98 9.17 -3.13
CA ALA D 179 -29.31 9.16 -1.72
C ALA D 179 -29.03 10.52 -1.08
N ASP D 180 -29.68 10.76 0.06
CA ASP D 180 -29.64 12.07 0.72
C ASP D 180 -28.45 12.22 1.65
N GLY D 181 -28.15 11.21 2.46
CA GLY D 181 -27.14 11.36 3.51
C GLY D 181 -25.72 11.38 3.02
N LEU D 182 -25.46 11.01 1.77
CA LEU D 182 -24.10 10.97 1.27
C LEU D 182 -23.50 12.37 1.19
N THR D 183 -22.24 12.48 1.57
CA THR D 183 -21.50 13.73 1.52
C THR D 183 -20.06 13.44 1.13
N LEU D 184 -19.35 14.48 0.71
CA LEU D 184 -18.03 14.29 0.16
C LEU D 184 -16.98 15.11 0.90
N PRO D 185 -15.85 14.51 1.27
CA PRO D 185 -14.70 15.31 1.68
C PRO D 185 -14.17 16.13 0.51
N GLN D 186 -13.88 17.39 0.77
CA GLN D 186 -13.35 18.35 -0.20
C GLN D 186 -14.13 18.33 -1.53
N PHE D 187 -15.40 17.94 -1.50
CA PHE D 187 -16.22 17.90 -2.71
C PHE D 187 -17.70 18.02 -2.35
N ILE D 188 -18.48 18.52 -3.30
CA ILE D 188 -19.93 18.36 -3.35
C ILE D 188 -20.36 18.20 -4.79
N LEU D 189 -21.21 17.21 -5.06
CA LEU D 189 -21.78 17.01 -6.39
C LEU D 189 -23.00 17.90 -6.57
N LYS D 190 -23.23 18.33 -7.81
CA LYS D 190 -24.38 19.16 -8.13
C LYS D 190 -25.61 18.31 -8.39
N GLU D 191 -26.78 18.87 -8.06
CA GLU D 191 -28.02 18.13 -8.21
C GLU D 191 -28.31 17.82 -9.67
N GLU D 192 -28.13 18.79 -10.56
CA GLU D 192 -28.41 18.58 -11.97
C GLU D 192 -27.32 17.72 -12.59
N LYS D 193 -27.73 16.66 -13.30
CA LYS D 193 -26.80 15.69 -13.86
C LYS D 193 -27.15 15.46 -15.32
N ASP D 194 -26.22 15.80 -16.21
CA ASP D 194 -26.43 15.65 -17.64
C ASP D 194 -26.55 14.17 -18.01
N LEU D 195 -27.10 13.93 -19.21
CA LEU D 195 -27.35 12.57 -19.68
C LEU D 195 -27.42 12.59 -21.20
N ARG D 196 -26.35 12.15 -21.86
CA ARG D 196 -26.34 12.03 -23.31
C ARG D 196 -25.78 10.66 -23.70
N TYR D 197 -25.65 10.45 -25.00
CA TYR D 197 -25.25 9.16 -25.56
C TYR D 197 -23.78 9.19 -25.97
N CYS D 198 -23.20 7.99 -26.08
CA CYS D 198 -21.78 7.83 -26.40
C CYS D 198 -21.55 6.71 -27.41
N THR D 199 -22.53 6.46 -28.28
CA THR D 199 -22.47 5.32 -29.20
C THR D 199 -21.23 5.39 -30.08
N LYS D 200 -20.32 4.43 -29.90
CA LYS D 200 -19.05 4.40 -30.62
C LYS D 200 -18.92 3.11 -31.42
N HIS D 201 -17.97 3.12 -32.35
CA HIS D 201 -17.76 2.00 -33.27
C HIS D 201 -16.41 1.34 -33.00
N TYR D 202 -16.31 0.09 -33.41
CA TYR D 202 -15.06 -0.66 -33.39
C TYR D 202 -14.92 -1.42 -34.70
N ASN D 203 -13.80 -2.14 -34.84
CA ASN D 203 -13.54 -2.84 -36.09
C ASN D 203 -14.53 -3.97 -36.35
N THR D 204 -15.17 -4.49 -35.30
CA THR D 204 -16.14 -5.57 -35.46
C THR D 204 -17.58 -5.06 -35.52
N GLY D 205 -17.79 -3.75 -35.47
CA GLY D 205 -19.10 -3.18 -35.56
C GLY D 205 -19.24 -2.02 -34.60
N LYS D 206 -20.49 -1.70 -34.27
CA LYS D 206 -20.80 -0.61 -33.34
C LYS D 206 -21.73 -1.14 -32.26
N PHE D 207 -21.48 -0.72 -31.02
CA PHE D 207 -22.21 -1.20 -29.86
C PHE D 207 -22.90 -0.04 -29.16
N THR D 208 -24.06 -0.31 -28.59
CA THR D 208 -24.80 0.71 -27.85
C THR D 208 -23.99 1.19 -26.65
N CYS D 209 -23.90 2.51 -26.50
CA CYS D 209 -23.15 3.13 -25.41
C CYS D 209 -24.03 4.19 -24.76
N ILE D 210 -24.09 4.16 -23.44
CA ILE D 210 -24.80 5.18 -22.66
C ILE D 210 -23.88 5.64 -21.54
N GLU D 211 -24.11 6.86 -21.05
CA GLU D 211 -23.23 7.40 -20.02
C GLU D 211 -23.98 8.43 -19.19
N ALA D 212 -23.57 8.53 -17.93
CA ALA D 212 -24.02 9.59 -17.03
C ALA D 212 -22.78 10.32 -16.53
N ARG D 213 -22.78 11.64 -16.68
CA ARG D 213 -21.66 12.47 -16.26
C ARG D 213 -22.03 13.27 -15.03
N PHE D 214 -21.07 13.38 -14.11
CA PHE D 214 -21.25 14.09 -12.85
C PHE D 214 -20.35 15.31 -12.81
N HIS D 215 -20.83 16.37 -12.17
CA HIS D 215 -20.04 17.58 -11.95
C HIS D 215 -19.63 17.64 -10.49
N LEU D 216 -18.34 17.84 -10.24
CA LEU D 216 -17.80 17.83 -8.89
C LEU D 216 -17.16 19.19 -8.61
N GLU D 217 -17.49 19.76 -7.45
CA GLU D 217 -16.98 21.05 -7.03
C GLU D 217 -16.22 20.89 -5.72
N ARG D 218 -14.98 21.38 -5.69
CA ARG D 218 -14.14 21.28 -4.50
C ARG D 218 -14.18 22.60 -3.74
N GLN D 219 -14.45 22.52 -2.44
CA GLN D 219 -14.50 23.72 -1.62
C GLN D 219 -13.14 24.38 -1.57
N MET D 220 -13.14 25.71 -1.55
CA MET D 220 -11.89 26.46 -1.42
C MET D 220 -11.27 26.27 -0.04
N GLY D 221 -12.09 26.12 1.00
CA GLY D 221 -11.66 26.21 2.39
C GLY D 221 -10.34 25.59 2.77
N TYR D 222 -10.19 24.28 2.56
CA TYR D 222 -9.00 23.57 3.03
C TYR D 222 -7.74 24.14 2.42
N TYR D 223 -7.63 24.08 1.08
CA TYR D 223 -6.45 24.60 0.42
C TYR D 223 -6.25 26.07 0.72
N LEU D 224 -7.32 26.86 0.58
CA LEU D 224 -7.27 28.29 0.81
C LEU D 224 -6.59 28.60 2.13
N ILE D 225 -7.20 28.19 3.24
CA ILE D 225 -6.60 28.47 4.54
C ILE D 225 -5.20 27.89 4.61
N GLN D 226 -5.10 26.55 4.54
CA GLN D 226 -3.90 25.86 4.96
C GLN D 226 -2.67 26.16 4.11
N MET D 227 -2.82 26.65 2.88
CA MET D 227 -1.61 26.97 2.14
C MET D 227 -1.55 28.41 1.63
N TYR D 228 -2.69 29.07 1.39
CA TYR D 228 -2.65 30.50 1.11
C TYR D 228 -2.16 31.30 2.31
N ILE D 229 -2.64 30.97 3.53
CA ILE D 229 -2.36 31.84 4.69
C ILE D 229 -0.87 31.99 4.96
N PRO D 230 -0.06 30.92 5.00
CA PRO D 230 1.39 31.12 5.23
C PRO D 230 2.05 32.00 4.17
N SER D 231 1.55 32.00 2.94
CA SER D 231 2.13 32.83 1.90
C SER D 231 2.14 34.30 2.31
N LEU D 232 0.95 34.89 2.49
CA LEU D 232 0.90 36.29 2.87
C LEU D 232 1.41 36.52 4.29
N LEU D 233 1.40 35.49 5.14
CA LEU D 233 2.03 35.63 6.44
C LEU D 233 3.52 35.94 6.30
N ILE D 234 4.22 35.14 5.49
CA ILE D 234 5.64 35.40 5.26
C ILE D 234 5.82 36.69 4.45
N VAL D 235 4.85 37.03 3.61
CA VAL D 235 4.92 38.29 2.86
C VAL D 235 4.94 39.48 3.81
N ILE D 236 4.05 39.47 4.80
CA ILE D 236 4.07 40.56 5.78
C ILE D 236 5.26 40.45 6.72
N LEU D 237 5.82 39.24 6.90
CA LEU D 237 7.10 39.15 7.60
C LEU D 237 8.20 39.89 6.85
N SER D 238 8.25 39.73 5.54
CA SER D 238 9.17 40.54 4.74
C SER D 238 8.86 42.02 4.86
N TRP D 239 7.56 42.36 4.84
CA TRP D 239 7.14 43.75 4.98
C TRP D 239 7.71 44.38 6.24
N ILE D 240 7.56 43.69 7.37
CA ILE D 240 8.12 44.19 8.63
C ILE D 240 9.65 44.11 8.62
N SER D 241 10.22 43.22 7.80
CA SER D 241 11.67 43.20 7.65
C SER D 241 12.19 44.47 6.99
N PHE D 242 11.39 45.08 6.11
CA PHE D 242 11.81 46.35 5.51
C PHE D 242 12.04 47.42 6.58
N TRP D 243 11.22 47.43 7.63
CA TRP D 243 11.32 48.45 8.65
C TRP D 243 12.63 48.38 9.43
N ILE D 244 13.36 47.27 9.34
CA ILE D 244 14.66 47.17 9.98
C ILE D 244 15.64 48.09 9.28
N ASN D 245 16.54 48.70 10.04
CA ASN D 245 17.49 49.66 9.50
C ASN D 245 18.75 48.92 9.03
N MET D 246 19.75 49.68 8.56
CA MET D 246 20.88 49.04 7.89
C MET D 246 21.82 48.32 8.85
N ASP D 247 21.79 48.65 10.15
CA ASP D 247 22.81 48.16 11.06
C ASP D 247 22.77 46.64 11.18
N ALA D 248 21.58 46.07 11.25
CA ALA D 248 21.41 44.62 11.34
C ALA D 248 21.34 43.97 9.97
N ALA D 249 22.34 44.25 9.14
CA ALA D 249 22.39 43.65 7.80
C ALA D 249 22.49 42.13 7.85
N PRO D 250 23.37 41.52 8.65
CA PRO D 250 23.35 40.04 8.73
C PRO D 250 22.02 39.50 9.21
N ALA D 251 21.39 40.16 10.18
CA ALA D 251 20.09 39.71 10.68
C ALA D 251 19.05 39.75 9.57
N ARG D 252 19.00 40.87 8.83
CA ARG D 252 18.02 41.02 7.77
C ARG D 252 18.24 40.01 6.65
N VAL D 253 19.50 39.80 6.24
CA VAL D 253 19.74 38.86 5.15
C VAL D 253 19.44 37.43 5.60
N GLY D 254 19.76 37.10 6.86
CA GLY D 254 19.43 35.77 7.35
C GLY D 254 17.94 35.52 7.40
N LEU D 255 17.18 36.49 7.91
CA LEU D 255 15.73 36.31 7.95
C LEU D 255 15.15 36.25 6.54
N GLY D 256 15.67 37.05 5.60
CA GLY D 256 15.17 37.01 4.24
C GLY D 256 15.42 35.68 3.56
N ILE D 257 16.66 35.16 3.68
CA ILE D 257 16.96 33.87 3.08
C ILE D 257 16.16 32.75 3.76
N THR D 258 15.90 32.88 5.06
CA THR D 258 15.10 31.86 5.73
C THR D 258 13.64 31.93 5.29
N THR D 259 13.12 33.13 5.02
CA THR D 259 11.79 33.25 4.45
C THR D 259 11.74 32.62 3.07
N VAL D 260 12.80 32.81 2.28
CA VAL D 260 12.91 32.12 0.99
C VAL D 260 12.86 30.61 1.21
N LEU D 261 13.53 30.12 2.26
CA LEU D 261 13.47 28.70 2.58
C LEU D 261 12.04 28.26 2.87
N THR D 262 11.31 29.08 3.64
CA THR D 262 9.94 28.73 4.00
C THR D 262 9.06 28.64 2.75
N MET D 263 9.20 29.62 1.85
CA MET D 263 8.44 29.57 0.60
C MET D 263 8.81 28.34 -0.23
N THR D 264 10.10 28.03 -0.31
CA THR D 264 10.53 26.88 -1.10
C THR D 264 9.95 25.58 -0.54
N THR D 265 10.00 25.41 0.78
CA THR D 265 9.53 24.16 1.37
C THR D 265 8.01 24.05 1.29
N GLN D 266 7.28 25.16 1.50
CA GLN D 266 5.83 25.12 1.36
C GLN D 266 5.42 24.81 -0.08
N SER D 267 6.08 25.45 -1.05
CA SER D 267 5.80 25.16 -2.44
C SER D 267 6.11 23.71 -2.79
N SER D 268 7.24 23.20 -2.28
CA SER D 268 7.60 21.80 -2.56
C SER D 268 6.56 20.85 -2.00
N GLY D 269 6.07 21.11 -0.78
CA GLY D 269 5.00 20.29 -0.24
C GLY D 269 3.74 20.36 -1.07
N SER D 270 3.37 21.56 -1.51
CA SER D 270 2.17 21.72 -2.32
C SER D 270 2.28 20.94 -3.62
N ARG D 271 3.44 21.02 -4.29
CA ARG D 271 3.64 20.27 -5.52
C ARG D 271 3.65 18.76 -5.26
N ALA D 272 4.30 18.32 -4.18
CA ALA D 272 4.37 16.90 -3.89
C ALA D 272 3.02 16.31 -3.52
N SER D 273 2.10 17.14 -3.02
CA SER D 273 0.76 16.62 -2.72
C SER D 273 0.04 16.19 -3.99
N LEU D 274 0.16 16.96 -5.07
CA LEU D 274 -0.54 16.82 -6.34
C LEU D 274 0.31 16.06 -7.36
N PRO D 275 -0.31 15.23 -8.19
CA PRO D 275 0.46 14.44 -9.15
C PRO D 275 1.12 15.30 -10.22
N LYS D 276 2.19 14.76 -10.81
CA LYS D 276 2.97 15.50 -11.79
C LYS D 276 2.14 15.81 -13.03
N VAL D 277 2.18 17.06 -13.47
CA VAL D 277 1.47 17.52 -14.65
C VAL D 277 2.37 18.46 -15.45
N SER D 278 2.21 18.43 -16.77
CA SER D 278 3.04 19.23 -17.67
C SER D 278 2.53 20.66 -17.80
N TYR D 279 1.24 20.83 -18.07
CA TYR D 279 0.66 22.17 -18.17
C TYR D 279 0.74 22.89 -16.84
N VAL D 280 0.90 24.21 -16.90
CA VAL D 280 1.03 25.02 -15.69
C VAL D 280 -0.27 24.97 -14.90
N LYS D 281 -0.15 24.79 -13.58
CA LYS D 281 -1.30 24.74 -12.70
C LYS D 281 -1.74 26.17 -12.38
N ALA D 282 -2.61 26.32 -11.38
CA ALA D 282 -3.05 27.64 -10.93
C ALA D 282 -2.29 28.15 -9.72
N ILE D 283 -2.30 27.40 -8.61
CA ILE D 283 -1.69 27.88 -7.38
C ILE D 283 -0.17 27.97 -7.51
N ASP D 284 0.42 27.20 -8.43
CA ASP D 284 1.86 27.26 -8.62
C ASP D 284 2.30 28.68 -8.96
N ILE D 285 1.47 29.42 -9.69
CA ILE D 285 1.80 30.82 -9.95
C ILE D 285 1.77 31.61 -8.65
N TRP D 286 0.92 31.20 -7.69
CA TRP D 286 0.92 31.84 -6.38
C TRP D 286 2.22 31.60 -5.63
N MET D 287 2.68 30.36 -5.57
CA MET D 287 3.96 30.11 -4.92
C MET D 287 5.09 30.85 -5.63
N ALA D 288 5.06 30.85 -6.97
CA ALA D 288 6.10 31.55 -7.73
C ALA D 288 6.09 33.04 -7.43
N VAL D 289 4.91 33.66 -7.35
CA VAL D 289 4.85 35.10 -7.16
C VAL D 289 5.27 35.47 -5.73
N CYS D 290 4.89 34.66 -4.74
CA CYS D 290 5.38 34.93 -3.39
C CYS D 290 6.89 34.77 -3.31
N LEU D 291 7.44 33.75 -3.97
CA LEU D 291 8.89 33.58 -4.00
C LEU D 291 9.56 34.76 -4.68
N LEU D 292 8.96 35.26 -5.77
CA LEU D 292 9.51 36.43 -6.45
C LEU D 292 9.45 37.67 -5.55
N PHE D 293 8.37 37.85 -4.81
CA PHE D 293 8.29 39.01 -3.91
C PHE D 293 9.33 38.95 -2.81
N VAL D 294 9.50 37.78 -2.18
CA VAL D 294 10.50 37.69 -1.12
C VAL D 294 11.91 37.84 -1.70
N PHE D 295 12.13 37.30 -2.91
CA PHE D 295 13.41 37.48 -3.58
C PHE D 295 13.67 38.94 -3.89
N SER D 296 12.65 39.67 -4.32
CA SER D 296 12.79 41.10 -4.60
C SER D 296 13.09 41.86 -3.32
N ALA D 297 12.43 41.49 -2.21
CA ALA D 297 12.72 42.10 -0.93
C ALA D 297 14.19 41.96 -0.58
N LEU D 298 14.70 40.73 -0.63
CA LEU D 298 16.11 40.50 -0.30
C LEU D 298 17.03 41.22 -1.28
N LEU D 299 16.69 41.19 -2.57
CA LEU D 299 17.52 41.82 -3.59
C LEU D 299 17.63 43.31 -3.37
N GLU D 300 16.49 43.98 -3.09
CA GLU D 300 16.55 45.42 -2.93
C GLU D 300 17.14 45.82 -1.58
N TYR D 301 17.03 44.97 -0.55
CA TYR D 301 17.77 45.22 0.67
C TYR D 301 19.28 45.17 0.41
N ALA D 302 19.72 44.17 -0.34
CA ALA D 302 21.15 44.10 -0.69
C ALA D 302 21.57 45.31 -1.53
N ALA D 303 20.72 45.72 -2.47
CA ALA D 303 21.03 46.87 -3.31
C ALA D 303 21.12 48.15 -2.49
N VAL D 304 20.20 48.34 -1.54
CA VAL D 304 20.24 49.56 -0.72
C VAL D 304 21.45 49.54 0.20
N ASN D 305 21.84 48.36 0.71
CA ASN D 305 23.08 48.29 1.48
C ASN D 305 24.28 48.66 0.61
N PHE D 306 24.33 48.15 -0.61
CA PHE D 306 25.43 48.45 -1.52
C PHE D 306 25.51 49.93 -1.83
N VAL D 307 24.37 50.56 -2.12
CA VAL D 307 24.38 51.98 -2.44
C VAL D 307 24.68 52.82 -1.20
N SER D 308 24.28 52.34 -0.02
CA SER D 308 24.64 53.03 1.22
C SER D 308 26.14 53.04 1.43
N ARG D 309 26.80 51.89 1.22
CA ARG D 309 28.25 51.88 1.29
C ARG D 309 28.86 52.70 0.16
N GLN D 310 28.30 52.59 -1.04
CA GLN D 310 28.81 53.32 -2.20
C GLN D 310 28.08 54.66 -2.34
N LEU D 325 23.53 62.72 1.46
CA LEU D 325 23.40 62.49 0.03
C LEU D 325 22.95 61.05 -0.25
N PHE D 326 23.90 60.12 -0.15
CA PHE D 326 23.59 58.72 -0.43
C PHE D 326 22.61 58.16 0.60
N ILE D 327 22.77 58.53 1.87
CA ILE D 327 21.89 58.01 2.91
C ILE D 327 20.46 58.48 2.69
N GLN D 328 20.28 59.75 2.36
CA GLN D 328 18.93 60.28 2.14
C GLN D 328 18.25 59.60 0.96
N ARG D 329 18.99 59.41 -0.14
CA ARG D 329 18.42 58.73 -1.30
C ARG D 329 18.08 57.28 -0.98
N ALA D 330 18.94 56.61 -0.21
CA ALA D 330 18.65 55.24 0.20
C ALA D 330 17.39 55.17 1.05
N LYS D 331 17.24 56.11 1.98
CA LYS D 331 16.04 56.13 2.82
C LYS D 331 14.80 56.42 1.98
N LYS D 332 14.92 57.32 1.00
CA LYS D 332 13.78 57.62 0.14
C LYS D 332 13.36 56.40 -0.68
N ILE D 333 14.33 55.68 -1.24
CA ILE D 333 13.95 54.48 -2.00
C ILE D 333 13.40 53.40 -1.06
N ASP D 334 13.91 53.33 0.17
CA ASP D 334 13.37 52.37 1.14
C ASP D 334 11.92 52.66 1.47
N LYS D 335 11.59 53.94 1.71
CA LYS D 335 10.20 54.28 2.02
C LYS D 335 9.30 54.13 0.79
N ILE D 336 9.85 54.40 -0.41
CA ILE D 336 9.08 54.15 -1.63
C ILE D 336 8.74 52.66 -1.76
N SER D 337 9.73 51.79 -1.51
CA SER D 337 9.48 50.36 -1.54
C SER D 337 8.46 49.95 -0.47
N ARG D 338 8.59 50.53 0.74
CA ARG D 338 7.68 50.21 1.83
C ARG D 338 6.25 50.59 1.50
N ILE D 339 6.05 51.71 0.80
CA ILE D 339 4.70 52.13 0.43
C ILE D 339 4.22 51.48 -0.87
N GLY D 340 5.13 50.89 -1.66
CA GLY D 340 4.74 50.30 -2.91
C GLY D 340 4.46 48.81 -2.88
N PHE D 341 5.32 48.04 -2.21
CA PHE D 341 5.17 46.59 -2.21
C PHE D 341 3.82 46.11 -1.72
N PRO D 342 3.29 46.60 -0.59
CA PRO D 342 1.91 46.19 -0.22
C PRO D 342 0.88 46.55 -1.26
N MET D 343 1.00 47.72 -1.90
CA MET D 343 0.04 48.11 -2.92
C MET D 343 0.08 47.16 -4.11
N ALA D 344 1.29 46.84 -4.59
CA ALA D 344 1.44 45.91 -5.70
C ALA D 344 0.92 44.53 -5.33
N PHE D 345 1.19 44.08 -4.10
CA PHE D 345 0.70 42.77 -3.67
C PHE D 345 -0.81 42.74 -3.64
N LEU D 346 -1.45 43.81 -3.13
CA LEU D 346 -2.90 43.86 -3.08
C LEU D 346 -3.51 43.89 -4.48
N ILE D 347 -2.95 44.70 -5.39
CA ILE D 347 -3.51 44.74 -6.74
C ILE D 347 -3.31 43.40 -7.44
N PHE D 348 -2.19 42.71 -7.17
CA PHE D 348 -1.99 41.39 -7.74
C PHE D 348 -3.02 40.40 -7.22
N ASN D 349 -3.30 40.43 -5.92
CA ASN D 349 -4.32 39.54 -5.37
C ASN D 349 -5.68 39.81 -5.98
N MET D 350 -6.04 41.09 -6.13
CA MET D 350 -7.33 41.43 -6.73
C MET D 350 -7.40 40.93 -8.17
N PHE D 351 -6.33 41.14 -8.93
CA PHE D 351 -6.25 40.66 -10.31
C PHE D 351 -6.39 39.15 -10.37
N TYR D 352 -5.69 38.44 -9.49
CA TYR D 352 -5.75 36.98 -9.46
C TYR D 352 -7.16 36.50 -9.17
N TRP D 353 -7.80 37.06 -8.16
CA TRP D 353 -9.11 36.58 -7.77
C TRP D 353 -10.16 36.90 -8.83
N ILE D 354 -10.05 38.05 -9.49
CA ILE D 354 -11.01 38.35 -10.55
C ILE D 354 -10.76 37.48 -11.78
N ILE D 355 -9.49 37.17 -12.08
CA ILE D 355 -9.19 36.42 -13.30
C ILE D 355 -9.49 34.94 -13.13
N TYR D 356 -9.47 34.41 -11.91
CA TYR D 356 -9.86 33.02 -11.68
C TYR D 356 -11.29 32.86 -11.20
N LYS D 357 -12.21 33.70 -11.68
CA LYS D 357 -13.64 33.52 -11.48
C LYS D 357 -14.38 33.79 -12.78
N ILE D 358 -13.86 33.25 -13.88
CA ILE D 358 -14.45 33.44 -15.20
C ILE D 358 -15.82 32.78 -15.27
N SER E 31 -11.50 -41.65 -34.03
CA SER E 31 -10.98 -40.29 -33.94
C SER E 31 -9.59 -40.28 -33.31
N THR E 32 -9.03 -39.09 -33.14
CA THR E 32 -7.70 -38.93 -32.55
C THR E 32 -7.74 -38.92 -31.03
N SER E 33 -8.85 -38.48 -30.44
CA SER E 33 -8.98 -38.45 -28.98
C SER E 33 -9.36 -39.81 -28.41
N ASN E 34 -9.60 -40.81 -29.24
CA ASN E 34 -9.93 -42.14 -28.74
C ASN E 34 -8.80 -42.72 -27.92
N ILE E 35 -7.55 -42.54 -28.38
CA ILE E 35 -6.41 -43.09 -27.67
C ILE E 35 -6.29 -42.50 -26.27
N LEU E 36 -6.41 -41.17 -26.16
CA LEU E 36 -6.29 -40.53 -24.85
C LEU E 36 -7.48 -40.86 -23.96
N ASN E 37 -8.69 -40.96 -24.53
CA ASN E 37 -9.85 -41.32 -23.74
C ASN E 37 -9.72 -42.73 -23.19
N ARG E 38 -9.25 -43.67 -24.02
CA ARG E 38 -9.02 -45.04 -23.55
C ARG E 38 -7.89 -45.08 -22.52
N LEU E 39 -6.87 -44.24 -22.70
CA LEU E 39 -5.80 -44.16 -21.71
C LEU E 39 -6.33 -43.70 -20.36
N LEU E 40 -7.23 -42.72 -20.37
CA LEU E 40 -7.75 -42.18 -19.11
C LEU E 40 -8.80 -43.08 -18.47
N VAL E 41 -9.62 -43.78 -19.26
CA VAL E 41 -10.59 -44.69 -18.65
C VAL E 41 -9.84 -45.87 -18.03
N SER E 42 -10.37 -46.37 -16.91
CA SER E 42 -9.74 -47.41 -16.10
C SER E 42 -8.38 -46.97 -15.54
N TYR E 43 -8.13 -45.66 -15.53
CA TYR E 43 -6.92 -45.09 -14.95
C TYR E 43 -7.30 -44.31 -13.71
N ASP E 44 -6.60 -44.57 -12.61
CA ASP E 44 -6.92 -43.93 -11.34
C ASP E 44 -5.90 -42.84 -11.03
N PRO E 45 -6.28 -41.56 -11.10
CA PRO E 45 -5.34 -40.49 -10.70
C PRO E 45 -5.12 -40.40 -9.20
N ARG E 46 -5.94 -41.08 -8.39
CA ARG E 46 -5.78 -41.06 -6.95
C ARG E 46 -4.57 -41.84 -6.47
N ILE E 47 -3.94 -42.63 -7.34
CA ILE E 47 -2.83 -43.50 -6.95
C ILE E 47 -1.61 -43.11 -7.77
N ARG E 48 -0.51 -42.83 -7.08
CA ARG E 48 0.73 -42.50 -7.77
C ARG E 48 1.30 -43.75 -8.43
N PRO E 49 2.05 -43.58 -9.52
CA PRO E 49 2.61 -44.75 -10.21
C PRO E 49 3.58 -45.54 -9.34
N ASN E 50 3.51 -46.86 -9.46
CA ASN E 50 4.39 -47.78 -8.72
C ASN E 50 4.27 -47.55 -7.22
N PHE E 51 3.03 -47.55 -6.72
CA PHE E 51 2.79 -47.28 -5.31
C PHE E 51 3.42 -48.35 -4.42
N LYS E 52 3.33 -49.62 -4.83
CA LYS E 52 4.01 -50.70 -4.12
C LYS E 52 5.43 -50.91 -4.62
N GLY E 53 5.85 -50.20 -5.65
CA GLY E 53 7.19 -50.32 -6.18
C GLY E 53 8.16 -49.32 -5.55
N ILE E 54 9.22 -49.04 -6.29
CA ILE E 54 10.25 -48.09 -5.84
C ILE E 54 9.66 -46.69 -5.82
N PRO E 55 10.21 -45.76 -5.05
CA PRO E 55 9.73 -44.37 -5.13
C PRO E 55 9.91 -43.80 -6.53
N VAL E 56 8.94 -42.99 -6.94
CA VAL E 56 8.97 -42.44 -8.30
C VAL E 56 10.09 -41.41 -8.40
N ASP E 57 10.64 -41.29 -9.61
CA ASP E 57 11.80 -40.46 -9.87
C ASP E 57 11.35 -39.17 -10.57
N VAL E 58 11.77 -38.03 -10.05
CA VAL E 58 11.37 -36.73 -10.58
C VAL E 58 12.62 -35.90 -10.85
N VAL E 59 12.59 -35.13 -11.93
CA VAL E 59 13.64 -34.17 -12.24
C VAL E 59 13.00 -32.81 -12.48
N VAL E 60 13.82 -31.76 -12.37
CA VAL E 60 13.33 -30.39 -12.42
C VAL E 60 14.26 -29.54 -13.28
N ASN E 61 13.67 -28.63 -14.06
CA ASN E 61 14.39 -27.61 -14.83
C ASN E 61 13.70 -26.29 -14.59
N ILE E 62 14.14 -25.56 -13.56
CA ILE E 62 13.51 -24.31 -13.17
C ILE E 62 14.01 -23.19 -14.09
N PHE E 63 13.14 -22.71 -14.97
CA PHE E 63 13.44 -21.54 -15.78
C PHE E 63 13.43 -20.29 -14.92
N ILE E 64 14.19 -19.28 -15.35
CA ILE E 64 14.20 -17.97 -14.70
C ILE E 64 13.86 -16.95 -15.77
N ASN E 65 12.63 -16.44 -15.75
CA ASN E 65 12.17 -15.55 -16.80
C ASN E 65 12.34 -14.08 -16.40
N SER E 66 11.72 -13.67 -15.30
CA SER E 66 11.77 -12.29 -14.83
C SER E 66 12.10 -12.28 -13.34
N PHE E 67 13.39 -12.24 -13.02
CA PHE E 67 13.84 -12.10 -11.64
C PHE E 67 13.58 -10.67 -11.20
N GLY E 68 12.51 -10.47 -10.44
CA GLY E 68 12.07 -9.14 -10.08
C GLY E 68 12.98 -8.48 -9.05
N SER E 69 12.59 -7.27 -8.67
CA SER E 69 13.37 -6.49 -7.74
C SER E 69 13.29 -7.07 -6.34
N ILE E 70 14.41 -7.00 -5.63
CA ILE E 70 14.48 -7.46 -4.24
C ILE E 70 14.26 -6.26 -3.32
N GLN E 71 13.54 -6.49 -2.22
CA GLN E 71 13.22 -5.44 -1.27
C GLN E 71 13.79 -5.84 0.09
N GLU E 72 14.74 -5.05 0.59
CA GLU E 72 15.37 -5.36 1.88
C GLU E 72 14.39 -5.19 3.03
N THR E 73 13.54 -4.15 2.97
CA THR E 73 12.65 -3.86 4.08
C THR E 73 11.66 -5.00 4.31
N THR E 74 11.22 -5.66 3.24
CA THR E 74 10.36 -6.83 3.38
C THR E 74 11.15 -8.13 3.48
N MET E 75 12.47 -8.07 3.30
CA MET E 75 13.33 -9.25 3.33
C MET E 75 12.88 -10.29 2.29
N ASP E 76 12.40 -9.81 1.14
CA ASP E 76 11.75 -10.66 0.16
C ASP E 76 12.24 -10.30 -1.23
N TYR E 77 11.90 -11.15 -2.20
CA TYR E 77 12.15 -10.85 -3.61
C TYR E 77 11.20 -11.69 -4.46
N ARG E 78 10.99 -11.23 -5.69
CA ARG E 78 10.01 -11.82 -6.60
C ARG E 78 10.72 -12.44 -7.79
N VAL E 79 10.28 -13.64 -8.18
CA VAL E 79 10.85 -14.36 -9.31
C VAL E 79 9.72 -14.96 -10.14
N ASN E 80 9.91 -14.98 -11.45
CA ASN E 80 8.94 -15.54 -12.39
C ASN E 80 9.60 -16.70 -13.11
N ILE E 81 9.07 -17.90 -12.93
CA ILE E 81 9.72 -19.13 -13.36
C ILE E 81 8.79 -19.94 -14.25
N PHE E 82 9.40 -20.81 -15.05
CA PHE E 82 8.69 -21.81 -15.84
C PHE E 82 9.12 -23.17 -15.29
N LEU E 83 8.44 -23.63 -14.24
CA LEU E 83 8.78 -24.89 -13.62
C LEU E 83 8.54 -26.05 -14.59
N ARG E 84 9.45 -27.02 -14.58
CA ARG E 84 9.35 -28.19 -15.44
C ARG E 84 9.64 -29.45 -14.65
N GLN E 85 8.86 -30.50 -14.91
CA GLN E 85 9.03 -31.78 -14.24
C GLN E 85 8.91 -32.91 -15.25
N LYS E 86 9.62 -34.01 -14.97
CA LYS E 86 9.54 -35.21 -15.77
C LYS E 86 9.57 -36.42 -14.83
N TRP E 87 8.80 -37.45 -15.17
CA TRP E 87 8.80 -38.67 -14.39
C TRP E 87 8.21 -39.79 -15.23
N ASN E 88 8.75 -40.99 -15.02
CA ASN E 88 8.23 -42.17 -15.69
C ASN E 88 6.84 -42.52 -15.17
N ASP E 89 5.98 -42.99 -16.07
CA ASP E 89 4.62 -43.37 -15.72
C ASP E 89 4.20 -44.51 -16.64
N PRO E 90 4.35 -45.76 -16.18
CA PRO E 90 4.00 -46.90 -17.06
C PRO E 90 2.55 -46.91 -17.48
N ARG E 91 1.62 -46.46 -16.62
CA ARG E 91 0.22 -46.41 -17.01
C ARG E 91 -0.01 -45.40 -18.12
N LEU E 92 0.85 -44.38 -18.23
CA LEU E 92 0.77 -43.38 -19.29
C LEU E 92 1.53 -43.78 -20.55
N LYS E 93 1.80 -45.06 -20.73
CA LYS E 93 2.50 -45.52 -21.92
C LYS E 93 1.63 -45.31 -23.15
N LEU E 94 2.09 -44.49 -24.09
CA LEU E 94 1.38 -44.29 -25.32
C LEU E 94 1.52 -45.52 -26.21
N PRO E 95 0.43 -46.19 -26.58
CA PRO E 95 0.56 -47.38 -27.43
C PRO E 95 0.97 -47.01 -28.85
N SER E 96 1.77 -47.90 -29.45
CA SER E 96 2.23 -47.71 -30.82
C SER E 96 1.15 -47.97 -31.86
N ASP E 97 -0.04 -48.41 -31.43
CA ASP E 97 -1.10 -48.74 -32.38
C ASP E 97 -1.50 -47.53 -33.22
N PHE E 98 -1.61 -46.36 -32.60
CA PHE E 98 -2.06 -45.17 -33.33
C PHE E 98 -0.95 -44.61 -34.20
N ARG E 99 0.10 -44.07 -33.58
CA ARG E 99 1.27 -43.63 -34.33
C ARG E 99 2.59 -44.01 -33.68
N GLY E 100 2.63 -44.30 -32.38
CA GLY E 100 3.91 -44.45 -31.71
C GLY E 100 4.68 -43.15 -31.63
N SER E 101 3.99 -42.07 -31.28
CA SER E 101 4.59 -40.74 -31.33
C SER E 101 5.72 -40.59 -30.33
N ASP E 102 6.78 -39.89 -30.75
CA ASP E 102 7.85 -39.53 -29.83
C ASP E 102 7.32 -38.60 -28.74
N ALA E 103 6.46 -37.66 -29.11
CA ALA E 103 5.83 -36.76 -28.15
C ALA E 103 4.36 -36.58 -28.52
N LEU E 104 3.53 -36.37 -27.50
CA LEU E 104 2.12 -36.08 -27.68
C LEU E 104 1.75 -34.89 -26.80
N THR E 105 0.80 -34.09 -27.29
CA THR E 105 0.39 -32.86 -26.62
C THR E 105 -1.10 -32.89 -26.35
N VAL E 106 -1.49 -32.54 -25.12
CA VAL E 106 -2.88 -32.38 -24.73
C VAL E 106 -3.00 -31.05 -23.97
N ASP E 107 -4.21 -30.76 -23.50
CA ASP E 107 -4.55 -29.46 -22.96
C ASP E 107 -4.60 -29.46 -21.43
N PRO E 108 -4.67 -28.28 -20.80
CA PRO E 108 -4.72 -28.22 -19.33
C PRO E 108 -5.89 -28.99 -18.72
N THR E 109 -7.02 -29.12 -19.42
CA THR E 109 -8.09 -29.93 -18.87
C THR E 109 -7.65 -31.39 -18.70
N MET E 110 -6.99 -31.93 -19.73
CA MET E 110 -6.43 -33.28 -19.60
C MET E 110 -5.36 -33.33 -18.53
N TYR E 111 -4.56 -32.27 -18.41
CA TYR E 111 -3.56 -32.24 -17.34
C TYR E 111 -4.21 -32.36 -15.97
N LYS E 112 -5.29 -31.60 -15.75
CA LYS E 112 -6.02 -31.70 -14.50
C LYS E 112 -6.61 -33.09 -14.32
N CYS E 113 -7.02 -33.71 -15.43
CA CYS E 113 -7.57 -35.07 -15.34
C CYS E 113 -6.51 -36.07 -14.90
N LEU E 114 -5.28 -35.94 -15.38
CA LEU E 114 -4.22 -36.89 -15.06
C LEU E 114 -3.65 -36.64 -13.65
N TRP E 115 -2.79 -37.56 -13.24
CA TRP E 115 -2.08 -37.44 -11.96
C TRP E 115 -0.97 -36.41 -12.05
N LYS E 116 -0.66 -35.80 -10.91
CA LYS E 116 0.36 -34.77 -10.81
C LYS E 116 1.20 -35.02 -9.57
N PRO E 117 2.47 -34.63 -9.60
CA PRO E 117 3.27 -34.64 -8.37
C PRO E 117 3.08 -33.38 -7.57
N ASP E 118 2.69 -33.50 -6.30
CA ASP E 118 2.55 -32.31 -5.47
C ASP E 118 3.92 -31.70 -5.17
N LEU E 119 3.94 -30.37 -5.02
CA LEU E 119 5.18 -29.66 -4.79
C LEU E 119 4.87 -28.28 -4.25
N PHE E 120 5.43 -27.95 -3.09
CA PHE E 120 5.25 -26.65 -2.46
C PHE E 120 6.61 -26.03 -2.22
N PHE E 121 6.70 -24.72 -2.40
CA PHE E 121 7.96 -24.01 -2.20
C PHE E 121 8.15 -23.74 -0.71
N ALA E 122 9.34 -24.05 -0.20
CA ALA E 122 9.58 -23.97 1.24
C ALA E 122 9.54 -22.53 1.74
N ASN E 123 10.41 -21.68 1.19
CA ASN E 123 10.49 -20.29 1.63
C ASN E 123 9.51 -19.39 0.91
N GLU E 124 8.46 -19.96 0.32
CA GLU E 124 7.40 -19.17 -0.28
C GLU E 124 6.52 -18.56 0.80
N LYS E 125 6.03 -17.34 0.53
CA LYS E 125 5.10 -16.68 1.42
C LYS E 125 3.90 -16.07 0.72
N SER E 126 3.93 -15.90 -0.60
CA SER E 126 2.79 -15.42 -1.36
C SER E 126 3.02 -15.77 -2.83
N ALA E 127 2.10 -16.52 -3.42
CA ALA E 127 2.29 -17.03 -4.77
C ALA E 127 0.93 -17.38 -5.37
N ASN E 128 0.90 -17.50 -6.69
CA ASN E 128 -0.33 -17.75 -7.42
C ASN E 128 -0.01 -18.42 -8.75
N PHE E 129 -1.01 -18.51 -9.62
CA PHE E 129 -0.88 -19.02 -10.98
C PHE E 129 -1.12 -17.90 -11.97
N HIS E 130 -1.14 -18.26 -13.26
CA HIS E 130 -1.41 -17.31 -14.33
C HIS E 130 -2.54 -17.86 -15.20
N ASP E 131 -3.55 -17.03 -15.44
CA ASP E 131 -4.70 -17.40 -16.25
C ASP E 131 -5.09 -16.24 -17.16
N VAL E 132 -4.11 -15.72 -17.91
CA VAL E 132 -4.37 -14.59 -18.80
C VAL E 132 -5.40 -14.96 -19.86
N THR E 133 -5.31 -16.17 -20.39
CA THR E 133 -6.38 -16.72 -21.20
C THR E 133 -6.82 -18.09 -20.70
N GLN E 134 -5.87 -18.95 -20.32
CA GLN E 134 -6.17 -20.16 -19.56
C GLN E 134 -4.88 -20.57 -18.85
N GLU E 135 -5.02 -21.51 -17.93
CA GLU E 135 -3.88 -21.94 -17.14
C GLU E 135 -2.78 -22.51 -18.03
N ASN E 136 -1.55 -22.08 -17.78
CA ASN E 136 -0.42 -22.37 -18.66
C ASN E 136 0.20 -23.71 -18.26
N ILE E 137 -0.17 -24.77 -18.98
CA ILE E 137 0.41 -26.10 -18.76
C ILE E 137 0.69 -26.74 -20.12
N LEU E 138 1.87 -27.34 -20.25
CA LEU E 138 2.28 -28.04 -21.45
C LEU E 138 2.47 -29.52 -21.14
N LEU E 139 2.02 -30.38 -22.05
CA LEU E 139 2.11 -31.83 -21.87
C LEU E 139 2.87 -32.45 -23.03
N PHE E 140 3.95 -33.17 -22.72
CA PHE E 140 4.65 -34.02 -23.66
C PHE E 140 4.64 -35.44 -23.10
N ILE E 141 4.10 -36.38 -23.89
CA ILE E 141 4.01 -37.79 -23.50
C ILE E 141 4.95 -38.58 -24.38
N PHE E 142 5.84 -39.35 -23.76
CA PHE E 142 6.87 -40.07 -24.49
C PHE E 142 6.45 -41.50 -24.77
N ARG E 143 7.25 -42.18 -25.61
CA ARG E 143 6.98 -43.58 -25.93
C ARG E 143 7.09 -44.46 -24.69
N ASP E 144 8.12 -44.25 -23.87
CA ASP E 144 8.36 -45.10 -22.72
C ASP E 144 7.22 -45.01 -21.71
N GLY E 145 6.72 -43.81 -21.48
CA GLY E 145 5.70 -43.59 -20.46
C GLY E 145 6.02 -42.39 -19.62
N ASP E 146 7.22 -41.83 -19.83
CA ASP E 146 7.61 -40.60 -19.16
C ASP E 146 6.82 -39.43 -19.73
N VAL E 147 6.41 -38.51 -18.85
CA VAL E 147 5.60 -37.38 -19.24
C VAL E 147 6.24 -36.10 -18.73
N LEU E 148 6.00 -35.00 -19.44
CA LEU E 148 6.56 -33.69 -19.11
C LEU E 148 5.43 -32.70 -18.90
N VAL E 149 5.47 -31.97 -17.79
CA VAL E 149 4.53 -30.91 -17.50
C VAL E 149 5.31 -29.65 -17.16
N SER E 150 4.63 -28.51 -17.27
CA SER E 150 5.27 -27.22 -17.02
C SER E 150 4.19 -26.21 -16.70
N MET E 151 4.23 -25.65 -15.49
CA MET E 151 3.23 -24.70 -15.03
C MET E 151 3.95 -23.40 -14.65
N ARG E 152 3.77 -22.35 -15.43
CA ARG E 152 4.33 -21.07 -15.03
C ARG E 152 3.59 -20.55 -13.81
N LEU E 153 4.33 -19.92 -12.91
CA LEU E 153 3.79 -19.54 -11.61
C LEU E 153 4.70 -18.53 -10.94
N SER E 154 4.15 -17.35 -10.65
CA SER E 154 4.94 -16.26 -10.09
C SER E 154 5.14 -16.44 -8.59
N ILE E 155 6.33 -16.09 -8.10
CA ILE E 155 6.73 -16.37 -6.74
C ILE E 155 7.25 -15.10 -6.07
N THR E 156 6.99 -14.99 -4.77
CA THR E 156 7.67 -14.04 -3.89
C THR E 156 8.28 -14.85 -2.75
N LEU E 157 9.60 -14.88 -2.69
CA LEU E 157 10.34 -15.68 -1.72
C LEU E 157 10.78 -14.87 -0.53
N SER E 158 11.40 -15.56 0.44
CA SER E 158 11.96 -14.96 1.62
C SER E 158 13.39 -15.45 1.79
N CYS E 159 14.29 -14.53 2.13
CA CYS E 159 15.68 -14.88 2.33
C CYS E 159 16.29 -13.95 3.39
N PRO E 160 16.73 -14.50 4.52
CA PRO E 160 17.25 -13.64 5.60
C PRO E 160 18.53 -12.93 5.20
N LEU E 161 18.45 -11.62 5.03
CA LEU E 161 19.59 -10.86 4.54
C LEU E 161 20.65 -10.69 5.62
N ASP E 162 21.89 -10.95 5.25
CA ASP E 162 23.05 -10.67 6.11
C ASP E 162 23.40 -9.20 5.89
N LEU E 163 22.61 -8.32 6.51
CA LEU E 163 22.65 -6.90 6.19
C LEU E 163 23.95 -6.24 6.63
N THR E 164 24.76 -6.89 7.47
CA THR E 164 26.05 -6.34 7.82
C THR E 164 26.91 -6.17 6.57
N LEU E 165 27.93 -5.30 6.67
CA LEU E 165 28.73 -4.98 5.45
C LEU E 165 27.69 -4.70 4.36
N PHE E 166 26.85 -3.69 4.57
CA PHE E 166 25.72 -3.53 3.64
C PHE E 166 26.15 -3.06 2.26
N PRO E 167 26.94 -1.99 2.10
CA PRO E 167 27.31 -1.57 0.73
C PRO E 167 28.16 -2.60 -0.01
N MET E 168 28.89 -3.45 0.70
CA MET E 168 29.75 -4.48 0.10
C MET E 168 29.23 -5.84 0.57
N ASP E 169 28.20 -6.36 -0.09
CA ASP E 169 27.62 -7.63 0.32
C ASP E 169 27.34 -8.51 -0.89
N THR E 170 27.32 -9.81 -0.63
CA THR E 170 27.06 -10.82 -1.66
C THR E 170 25.95 -11.72 -1.11
N GLN E 171 24.71 -11.39 -1.43
CA GLN E 171 23.57 -12.00 -0.76
C GLN E 171 23.27 -13.39 -1.32
N ARG E 172 22.83 -14.28 -0.44
CA ARG E 172 22.55 -15.69 -0.77
C ARG E 172 21.08 -15.99 -0.48
N CYS E 173 20.23 -15.77 -1.47
CA CYS E 173 18.81 -16.05 -1.34
C CYS E 173 18.51 -17.38 -2.01
N LYS E 174 17.85 -18.28 -1.27
CA LYS E 174 17.75 -19.68 -1.65
C LYS E 174 16.33 -20.06 -2.05
N MET E 175 16.22 -20.85 -3.11
CA MET E 175 14.96 -21.36 -3.61
C MET E 175 15.02 -22.88 -3.59
N GLN E 176 14.11 -23.51 -2.83
CA GLN E 176 14.14 -24.95 -2.62
C GLN E 176 12.76 -25.57 -2.88
N LEU E 177 12.78 -26.83 -3.31
CA LEU E 177 11.57 -27.59 -3.58
C LEU E 177 11.58 -28.87 -2.75
N GLU E 178 10.40 -29.28 -2.31
CA GLU E 178 10.24 -30.54 -1.59
C GLU E 178 8.77 -30.92 -1.56
N SER E 179 8.52 -32.23 -1.57
CA SER E 179 7.16 -32.73 -1.50
C SER E 179 6.60 -32.57 -0.08
N PHE E 180 5.28 -32.61 0.03
CA PHE E 180 4.61 -32.50 1.32
C PHE E 180 3.87 -33.76 1.70
N GLY E 181 2.95 -34.24 0.85
CA GLY E 181 2.19 -35.44 1.20
C GLY E 181 3.03 -36.69 1.17
N TYR E 182 3.88 -36.83 0.16
CA TYR E 182 4.65 -38.05 -0.03
C TYR E 182 5.97 -37.98 0.73
N THR E 183 6.54 -39.14 1.00
CA THR E 183 7.78 -39.27 1.74
C THR E 183 8.91 -39.71 0.80
N THR E 184 10.12 -39.73 1.35
CA THR E 184 11.29 -40.12 0.56
C THR E 184 11.19 -41.57 0.10
N ASP E 185 10.70 -42.46 0.96
CA ASP E 185 10.49 -43.85 0.57
C ASP E 185 9.38 -44.00 -0.45
N ASP E 186 8.57 -42.96 -0.66
CA ASP E 186 7.49 -42.98 -1.64
C ASP E 186 7.76 -42.14 -2.87
N LEU E 187 8.52 -41.06 -2.72
CA LEU E 187 8.81 -40.14 -3.82
C LEU E 187 10.13 -39.45 -3.56
N ARG E 188 10.89 -39.20 -4.63
CA ARG E 188 12.18 -38.54 -4.54
C ARG E 188 12.36 -37.51 -5.65
N PHE E 189 13.22 -36.54 -5.38
CA PHE E 189 13.60 -35.48 -6.32
C PHE E 189 15.08 -35.56 -6.65
N ILE E 190 15.42 -35.28 -7.89
CA ILE E 190 16.80 -35.17 -8.35
C ILE E 190 16.92 -33.95 -9.24
N TRP E 191 18.01 -33.19 -9.10
CA TRP E 191 18.30 -32.12 -10.04
C TRP E 191 18.77 -32.73 -11.35
N GLN E 192 18.02 -32.48 -12.42
CA GLN E 192 18.45 -32.89 -13.75
C GLN E 192 19.73 -32.14 -14.12
N SER E 193 20.64 -32.84 -14.81
CA SER E 193 21.91 -32.25 -15.24
C SER E 193 21.65 -31.32 -16.43
N GLY E 194 20.97 -30.21 -16.13
CA GLY E 194 20.60 -29.28 -17.17
C GLY E 194 20.45 -27.87 -16.61
N ASP E 195 19.98 -26.98 -17.48
CA ASP E 195 19.90 -25.54 -17.30
C ASP E 195 19.22 -25.13 -15.99
N PRO E 196 19.97 -24.59 -15.03
CA PRO E 196 19.33 -24.00 -13.85
C PRO E 196 19.19 -22.48 -13.93
N VAL E 197 19.80 -21.85 -14.95
CA VAL E 197 19.94 -20.40 -15.00
C VAL E 197 19.17 -19.79 -16.15
N GLN E 198 19.17 -20.44 -17.31
CA GLN E 198 18.38 -20.02 -18.48
C GLN E 198 18.72 -18.60 -18.96
N LEU E 199 17.79 -17.66 -18.76
CA LEU E 199 17.78 -16.41 -19.50
C LEU E 199 19.08 -15.64 -19.35
N GLU E 200 19.55 -15.07 -20.47
CA GLU E 200 20.75 -14.26 -20.52
C GLU E 200 20.47 -12.76 -20.42
N LYS E 201 19.26 -12.32 -20.74
CA LYS E 201 18.89 -10.91 -20.76
C LYS E 201 18.13 -10.52 -19.50
N ILE E 202 18.59 -11.03 -18.35
CA ILE E 202 17.86 -10.84 -17.09
C ILE E 202 17.74 -9.35 -16.76
N ALA E 203 18.84 -8.61 -16.89
CA ALA E 203 18.86 -7.16 -16.68
C ALA E 203 18.24 -6.77 -15.34
N LEU E 204 18.84 -7.29 -14.27
CA LEU E 204 18.37 -6.96 -12.94
C LEU E 204 18.70 -5.51 -12.62
N PRO E 205 17.78 -4.76 -11.99
CA PRO E 205 18.04 -3.33 -11.73
C PRO E 205 19.29 -3.05 -10.91
N GLN E 206 19.39 -3.61 -9.70
CA GLN E 206 20.52 -3.30 -8.84
C GLN E 206 21.65 -4.33 -8.96
N PHE E 207 21.38 -5.58 -8.59
CA PHE E 207 22.43 -6.56 -8.45
C PHE E 207 22.79 -7.14 -9.81
N ASP E 208 23.59 -8.20 -9.82
CA ASP E 208 23.94 -8.93 -11.03
C ASP E 208 24.35 -10.34 -10.64
N ILE E 209 24.04 -11.30 -11.51
CA ILE E 209 24.27 -12.72 -11.23
C ILE E 209 25.28 -13.25 -12.25
N LYS E 210 26.36 -13.85 -11.74
CA LYS E 210 27.39 -14.43 -12.58
C LYS E 210 27.44 -15.95 -12.47
N LYS E 211 27.55 -16.47 -11.25
CA LYS E 211 27.66 -17.91 -11.01
C LYS E 211 26.45 -18.38 -10.22
N GLU E 212 25.90 -19.52 -10.63
CA GLU E 212 24.65 -20.07 -10.09
C GLU E 212 24.87 -21.48 -9.54
N ASP E 213 25.97 -21.70 -8.83
CA ASP E 213 26.33 -23.03 -8.37
C ASP E 213 25.31 -23.57 -7.37
N ILE E 214 25.09 -24.88 -7.43
CA ILE E 214 24.14 -25.57 -6.56
C ILE E 214 24.96 -26.30 -5.49
N GLU E 215 25.02 -25.72 -4.30
CA GLU E 215 25.58 -26.41 -3.14
C GLU E 215 24.56 -26.42 -2.02
N TYR E 216 24.62 -27.45 -1.17
CA TYR E 216 23.49 -27.85 -0.33
C TYR E 216 22.26 -28.12 -1.19
N GLY E 217 22.47 -28.72 -2.36
CA GLY E 217 21.40 -29.00 -3.29
C GLY E 217 20.33 -29.91 -2.69
N ASN E 218 20.75 -31.00 -2.08
CA ASN E 218 19.82 -31.85 -1.34
C ASN E 218 19.69 -31.32 0.08
N CYS E 219 18.50 -30.87 0.45
CA CYS E 219 18.25 -30.34 1.78
C CYS E 219 17.28 -31.25 2.53
N THR E 220 17.48 -32.57 2.38
CA THR E 220 16.53 -33.56 2.87
C THR E 220 16.09 -33.25 4.29
N LYS E 221 14.81 -32.94 4.45
CA LYS E 221 14.29 -32.31 5.65
C LYS E 221 13.47 -33.31 6.45
N TYR E 222 13.58 -33.21 7.77
CA TYR E 222 12.83 -34.07 8.68
C TYR E 222 11.87 -33.21 9.49
N TYR E 223 10.60 -33.60 9.51
CA TYR E 223 9.60 -33.02 10.40
C TYR E 223 9.16 -34.11 11.36
N LYS E 224 9.14 -33.79 12.65
CA LYS E 224 8.84 -34.81 13.65
C LYS E 224 7.46 -35.40 13.43
N GLY E 225 7.37 -36.73 13.53
CA GLY E 225 6.13 -37.44 13.32
C GLY E 225 5.76 -37.68 11.88
N THR E 226 6.62 -37.34 10.93
CA THR E 226 6.31 -37.53 9.52
C THR E 226 7.39 -38.32 8.79
N GLY E 227 8.64 -38.15 9.20
CA GLY E 227 9.73 -38.89 8.60
C GLY E 227 10.61 -38.10 7.66
N TYR E 228 10.99 -38.71 6.54
CA TYR E 228 11.88 -38.10 5.56
C TYR E 228 11.09 -37.52 4.40
N TYR E 229 11.45 -36.32 3.97
CA TYR E 229 10.91 -35.71 2.76
C TYR E 229 12.06 -35.34 1.83
N THR E 230 11.97 -35.79 0.58
CA THR E 230 12.99 -35.48 -0.41
C THR E 230 13.03 -33.99 -0.69
N CYS E 231 14.24 -33.47 -0.94
CA CYS E 231 14.43 -32.06 -1.22
C CYS E 231 15.35 -31.86 -2.43
N VAL E 232 15.11 -30.75 -3.13
CA VAL E 232 16.05 -30.19 -4.10
C VAL E 232 16.13 -28.70 -3.83
N GLU E 233 17.34 -28.16 -3.81
CA GLU E 233 17.57 -26.78 -3.37
C GLU E 233 18.55 -26.11 -4.32
N VAL E 234 18.40 -24.80 -4.48
CA VAL E 234 19.32 -24.00 -5.29
C VAL E 234 19.37 -22.60 -4.69
N ILE E 235 20.55 -22.00 -4.69
CA ILE E 235 20.72 -20.64 -4.23
C ILE E 235 20.94 -19.75 -5.44
N PHE E 236 20.69 -18.45 -5.24
CA PHE E 236 21.05 -17.43 -6.21
C PHE E 236 22.00 -16.46 -5.52
N THR E 237 23.21 -16.34 -6.05
CA THR E 237 24.25 -15.51 -5.46
C THR E 237 24.21 -14.14 -6.11
N LEU E 238 23.81 -13.12 -5.35
CA LEU E 238 23.63 -11.78 -5.86
C LEU E 238 24.55 -10.83 -5.08
N ARG E 239 25.53 -10.27 -5.77
CA ARG E 239 26.45 -9.29 -5.18
C ARG E 239 26.01 -7.89 -5.59
N ARG E 240 25.66 -7.08 -4.60
CA ARG E 240 25.20 -5.71 -4.87
C ARG E 240 26.32 -4.85 -5.42
N GLN E 241 25.97 -3.96 -6.33
CA GLN E 241 26.92 -2.98 -6.85
C GLN E 241 27.07 -1.84 -5.85
N VAL E 242 27.74 -0.76 -6.24
CA VAL E 242 28.03 0.33 -5.33
C VAL E 242 27.46 1.66 -5.80
N GLY E 243 27.24 1.85 -7.11
CA GLY E 243 26.90 3.13 -7.70
C GLY E 243 25.96 4.05 -6.95
N PHE E 244 24.74 3.58 -6.68
CA PHE E 244 23.72 4.44 -6.07
C PHE E 244 24.19 4.97 -4.72
N TYR E 245 24.63 4.08 -3.84
CA TYR E 245 25.05 4.51 -2.50
C TYR E 245 26.33 5.34 -2.57
N MET E 246 27.25 4.98 -3.48
CA MET E 246 28.48 5.75 -3.63
C MET E 246 28.20 7.17 -4.07
N MET E 247 27.19 7.37 -4.92
CA MET E 247 26.90 8.67 -5.49
C MET E 247 25.82 9.42 -4.74
N GLY E 248 25.03 8.74 -3.90
CA GLY E 248 23.94 9.40 -3.21
C GLY E 248 24.24 9.93 -1.83
N VAL E 249 25.22 9.34 -1.13
CA VAL E 249 25.51 9.67 0.27
C VAL E 249 26.95 10.12 0.45
N TYR E 250 27.90 9.40 -0.15
CA TYR E 250 29.31 9.64 0.12
C TYR E 250 29.73 11.04 -0.32
N ALA E 251 29.26 11.48 -1.49
CA ALA E 251 29.57 12.84 -1.93
C ALA E 251 28.99 13.90 -0.99
N PRO E 252 27.73 13.81 -0.53
CA PRO E 252 27.29 14.76 0.51
C PRO E 252 28.12 14.72 1.78
N THR E 253 28.54 13.53 2.22
CA THR E 253 29.40 13.46 3.40
C THR E 253 30.71 14.18 3.17
N LEU E 254 31.33 13.97 2.00
CA LEU E 254 32.58 14.64 1.68
C LEU E 254 32.39 16.15 1.62
N LEU E 255 31.25 16.60 1.09
CA LEU E 255 30.97 18.03 1.06
C LEU E 255 30.85 18.61 2.47
N ILE E 256 30.15 17.91 3.36
CA ILE E 256 30.05 18.39 4.74
C ILE E 256 31.43 18.45 5.39
N VAL E 257 32.26 17.44 5.11
CA VAL E 257 33.60 17.41 5.71
C VAL E 257 34.47 18.56 5.17
N VAL E 258 34.36 18.85 3.88
CA VAL E 258 35.19 19.95 3.34
C VAL E 258 34.69 21.31 3.82
N LEU E 259 33.38 21.47 4.03
CA LEU E 259 32.90 22.67 4.71
C LEU E 259 33.47 22.78 6.12
N SER E 260 33.54 21.65 6.84
CA SER E 260 34.20 21.68 8.15
C SER E 260 35.66 22.10 8.03
N TRP E 261 36.34 21.62 6.98
CA TRP E 261 37.75 21.99 6.80
C TRP E 261 37.87 23.50 6.57
N LEU E 262 36.98 24.05 5.75
CA LEU E 262 36.96 25.50 5.56
C LEU E 262 36.67 26.22 6.87
N SER E 263 35.87 25.63 7.75
CA SER E 263 35.69 26.20 9.08
C SER E 263 37.02 26.24 9.83
N PHE E 264 37.81 25.17 9.73
CA PHE E 264 39.18 25.22 10.23
C PHE E 264 39.96 26.37 9.59
N TRP E 265 39.64 26.75 8.35
CA TRP E 265 40.37 27.86 7.71
C TRP E 265 39.68 29.21 7.91
N ILE E 266 39.13 29.49 9.09
CA ILE E 266 38.49 30.77 9.40
C ILE E 266 39.18 31.39 10.62
N ASN E 267 39.20 32.73 10.65
CA ASN E 267 39.74 33.46 11.80
C ASN E 267 39.02 33.05 13.08
N PRO E 268 39.76 32.66 14.13
CA PRO E 268 39.11 32.41 15.43
C PRO E 268 38.51 33.65 16.06
N ASP E 269 38.91 34.85 15.63
CA ASP E 269 38.39 36.07 16.23
C ASP E 269 36.88 36.17 16.08
N ALA E 270 36.38 35.92 14.87
CA ALA E 270 34.93 35.92 14.66
C ALA E 270 34.30 34.69 15.29
N SER E 271 33.11 34.88 15.86
CA SER E 271 32.39 33.79 16.52
C SER E 271 30.94 33.68 16.10
N ALA E 272 30.38 34.67 15.43
CA ALA E 272 29.01 34.61 14.92
C ALA E 272 28.91 33.95 13.56
N ALA E 273 30.04 33.50 12.99
CA ALA E 273 30.05 32.83 11.71
C ALA E 273 30.61 31.42 11.79
N ARG E 274 31.75 31.24 12.45
CA ARG E 274 32.40 29.94 12.48
C ARG E 274 31.58 28.90 13.23
N VAL E 275 31.12 29.25 14.44
CA VAL E 275 30.27 28.33 15.19
C VAL E 275 28.96 28.04 14.47
N PRO E 276 28.20 29.03 13.97
CA PRO E 276 26.94 28.69 13.30
C PRO E 276 27.09 27.75 12.11
N LEU E 277 28.09 27.96 11.27
CA LEU E 277 28.23 27.10 10.09
C LEU E 277 28.60 25.68 10.51
N GLY E 278 29.47 25.54 11.52
CA GLY E 278 29.85 24.22 11.98
C GLY E 278 28.70 23.47 12.62
N ILE E 279 27.92 24.14 13.46
CA ILE E 279 26.77 23.49 14.08
C ILE E 279 25.72 23.16 13.02
N PHE E 280 25.58 24.01 12.00
CA PHE E 280 24.71 23.66 10.88
C PHE E 280 25.21 22.41 10.16
N SER E 281 26.52 22.33 9.93
CA SER E 281 27.07 21.18 9.23
C SER E 281 26.82 19.90 10.01
N VAL E 282 27.04 19.93 11.32
CA VAL E 282 26.80 18.72 12.12
C VAL E 282 25.32 18.40 12.19
N LEU E 283 24.44 19.41 12.25
CA LEU E 283 23.01 19.15 12.20
C LEU E 283 22.61 18.48 10.90
N SER E 284 23.07 19.01 9.77
CA SER E 284 22.73 18.45 8.48
C SER E 284 23.25 17.02 8.35
N LEU E 285 24.49 16.79 8.82
CA LEU E 285 25.06 15.46 8.74
C LEU E 285 24.28 14.46 9.58
N ALA E 286 23.91 14.86 10.81
CA ALA E 286 23.15 13.97 11.68
C ALA E 286 21.76 13.70 11.11
N SER E 287 21.11 14.72 10.57
CA SER E 287 19.79 14.54 9.98
C SER E 287 19.85 13.60 8.78
N GLU E 288 20.87 13.78 7.92
CA GLU E 288 21.05 12.86 6.81
C GLU E 288 21.31 11.44 7.29
N CYS E 289 22.12 11.31 8.35
CA CYS E 289 22.37 9.99 8.93
C CYS E 289 21.08 9.33 9.38
N THR E 290 20.25 10.06 10.11
CA THR E 290 18.99 9.50 10.60
C THR E 290 18.08 9.11 9.44
N THR E 291 17.96 9.99 8.44
CA THR E 291 17.07 9.71 7.31
C THR E 291 17.53 8.48 6.53
N LEU E 292 18.83 8.39 6.23
CA LEU E 292 19.34 7.23 5.50
C LEU E 292 19.22 5.96 6.33
N ALA E 293 19.47 6.04 7.64
CA ALA E 293 19.36 4.86 8.49
C ALA E 293 17.91 4.38 8.56
N ALA E 294 16.95 5.30 8.44
CA ALA E 294 15.55 4.91 8.50
C ALA E 294 15.08 4.14 7.26
N GLU E 295 15.85 4.13 6.18
CA GLU E 295 15.37 3.52 4.95
C GLU E 295 15.57 2.00 4.97
N LEU E 296 16.76 1.55 5.37
CA LEU E 296 17.01 0.12 5.51
C LEU E 296 16.14 -0.48 6.61
N PRO E 297 15.88 -1.79 6.53
CA PRO E 297 15.18 -2.47 7.63
C PRO E 297 15.97 -2.36 8.93
N LYS E 298 15.24 -2.24 10.04
CA LYS E 298 15.81 -1.89 11.33
C LYS E 298 16.59 -3.09 11.87
N VAL E 299 17.82 -3.22 11.39
CA VAL E 299 18.72 -4.29 11.81
C VAL E 299 19.17 -4.01 13.24
N SER E 300 19.68 -5.04 13.92
CA SER E 300 20.05 -4.92 15.33
C SER E 300 21.55 -4.95 15.56
N TYR E 301 22.34 -4.70 14.53
CA TYR E 301 23.79 -4.63 14.70
C TYR E 301 24.36 -3.56 13.78
N VAL E 302 25.65 -3.27 13.98
CA VAL E 302 26.31 -2.17 13.28
C VAL E 302 26.36 -2.44 11.78
N LYS E 303 26.34 -1.37 10.99
CA LYS E 303 26.47 -1.46 9.55
C LYS E 303 27.60 -0.55 9.07
N ALA E 304 28.12 -0.86 7.89
CA ALA E 304 29.22 -0.09 7.31
C ALA E 304 28.80 1.36 7.07
N LEU E 305 27.62 1.57 6.49
CA LEU E 305 27.14 2.92 6.26
C LEU E 305 26.91 3.64 7.59
N ASP E 306 26.42 2.91 8.59
CA ASP E 306 26.25 3.48 9.92
C ASP E 306 27.57 4.01 10.46
N VAL E 307 28.62 3.18 10.43
CA VAL E 307 29.90 3.60 11.01
C VAL E 307 30.54 4.71 10.18
N TRP E 308 30.33 4.70 8.86
CA TRP E 308 30.78 5.82 8.04
C TRP E 308 30.16 7.13 8.49
N LEU E 309 28.83 7.15 8.63
CA LEU E 309 28.16 8.36 9.07
C LEU E 309 28.59 8.76 10.49
N ILE E 310 28.79 7.77 11.36
CA ILE E 310 29.25 8.05 12.72
C ILE E 310 30.60 8.73 12.70
N ALA E 311 31.54 8.20 11.90
CA ALA E 311 32.86 8.80 11.83
C ALA E 311 32.78 10.23 11.32
N CYS E 312 31.96 10.46 10.29
CA CYS E 312 31.79 11.83 9.80
C CYS E 312 31.22 12.75 10.88
N LEU E 313 30.24 12.26 11.64
CA LEU E 313 29.60 13.10 12.65
C LEU E 313 30.57 13.46 13.77
N LEU E 314 31.33 12.48 14.26
CA LEU E 314 32.34 12.81 15.26
C LEU E 314 33.44 13.70 14.70
N PHE E 315 33.75 13.62 13.41
CA PHE E 315 34.71 14.57 12.85
C PHE E 315 34.16 15.99 12.88
N GLY E 316 32.88 16.17 12.53
CA GLY E 316 32.27 17.48 12.65
C GLY E 316 32.26 17.98 14.08
N PHE E 317 31.93 17.11 15.03
CA PHE E 317 31.92 17.50 16.43
C PHE E 317 33.33 17.84 16.90
N ALA E 318 34.34 17.16 16.36
CA ALA E 318 35.73 17.49 16.68
C ALA E 318 36.08 18.88 16.18
N SER E 319 35.60 19.24 14.99
CA SER E 319 35.81 20.60 14.49
C SER E 319 35.20 21.62 15.46
N LEU E 320 33.95 21.39 15.87
CA LEU E 320 33.30 22.33 16.78
C LEU E 320 34.05 22.43 18.10
N VAL E 321 34.45 21.29 18.69
CA VAL E 321 35.10 21.36 19.99
C VAL E 321 36.48 21.97 19.90
N GLU E 322 37.23 21.72 18.80
CA GLU E 322 38.54 22.35 18.70
C GLU E 322 38.39 23.86 18.56
N TYR E 323 37.37 24.31 17.82
CA TYR E 323 37.17 25.76 17.74
C TYR E 323 36.79 26.34 19.10
N ALA E 324 35.93 25.63 19.85
CA ALA E 324 35.58 26.10 21.18
C ALA E 324 36.81 26.19 22.08
N VAL E 325 37.68 25.17 22.02
CA VAL E 325 38.90 25.18 22.81
C VAL E 325 39.80 26.33 22.39
N VAL E 326 39.88 26.59 21.08
CA VAL E 326 40.70 27.70 20.58
C VAL E 326 40.19 29.02 21.15
N GLN E 327 38.86 29.21 21.14
CA GLN E 327 38.29 30.42 21.71
C GLN E 327 38.59 30.53 23.20
N VAL E 328 38.48 29.40 23.93
CA VAL E 328 38.73 29.43 25.37
C VAL E 328 40.18 29.81 25.66
N MET E 329 41.13 29.23 24.92
CA MET E 329 42.53 29.59 25.13
C MET E 329 42.79 31.04 24.73
N LEU E 330 42.16 31.51 23.66
CA LEU E 330 42.35 32.90 23.24
C LEU E 330 41.88 33.86 24.33
N ASN E 331 40.70 33.60 24.90
CA ASN E 331 40.22 34.43 25.98
C ASN E 331 41.04 34.18 27.25
N ASN E 332 41.12 35.22 28.09
CA ASN E 332 41.87 35.12 29.34
C ASN E 332 41.14 34.22 30.34
N THR E 652 50.69 31.44 25.92
CA THR E 652 50.49 30.71 24.67
C THR E 652 49.37 31.34 23.84
N ALA E 653 49.41 31.12 22.53
CA ALA E 653 48.41 31.60 21.60
C ALA E 653 47.68 30.42 20.97
N ALA E 654 46.36 30.57 20.78
CA ALA E 654 45.56 29.50 20.20
C ALA E 654 45.71 29.41 18.69
N LYS E 655 46.30 30.40 18.04
CA LYS E 655 46.43 30.36 16.58
C LYS E 655 47.33 29.22 16.14
N ARG E 656 48.42 28.95 16.86
CA ARG E 656 49.29 27.84 16.50
C ARG E 656 48.56 26.51 16.62
N ILE E 657 47.75 26.35 17.66
CA ILE E 657 46.96 25.13 17.80
C ILE E 657 45.96 25.01 16.67
N ASP E 658 45.30 26.11 16.30
CA ASP E 658 44.33 26.08 15.23
C ASP E 658 44.97 25.68 13.91
N LEU E 659 46.12 26.27 13.58
CA LEU E 659 46.78 25.93 12.32
C LEU E 659 47.32 24.52 12.34
N TYR E 660 47.82 24.06 13.49
CA TYR E 660 48.27 22.68 13.61
C TYR E 660 47.12 21.71 13.35
N ALA E 661 45.94 22.00 13.93
CA ALA E 661 44.79 21.14 13.70
C ALA E 661 44.38 21.15 12.23
N ARG E 662 44.26 22.34 11.64
CA ARG E 662 43.83 22.46 10.25
C ARG E 662 44.86 21.88 9.28
N ALA E 663 46.10 21.70 9.72
CA ALA E 663 47.11 21.05 8.88
C ALA E 663 47.18 19.55 9.10
N LEU E 664 46.82 19.06 10.30
CA LEU E 664 47.01 17.65 10.62
C LEU E 664 45.76 16.80 10.41
N PHE E 665 44.61 17.23 10.93
CA PHE E 665 43.41 16.39 10.84
C PHE E 665 42.96 16.04 9.42
N PRO E 666 43.14 16.88 8.38
CA PRO E 666 42.77 16.42 7.04
C PRO E 666 43.45 15.13 6.62
N PHE E 667 44.75 15.01 6.85
CA PHE E 667 45.44 13.76 6.55
C PHE E 667 44.87 12.62 7.39
N CYS E 668 44.47 12.92 8.62
CA CYS E 668 43.85 11.91 9.47
C CYS E 668 42.58 11.36 8.81
N PHE E 669 41.73 12.26 8.31
CA PHE E 669 40.52 11.80 7.62
C PHE E 669 40.87 11.00 6.37
N LEU E 670 41.85 11.46 5.60
CA LEU E 670 42.27 10.72 4.40
C LEU E 670 42.66 9.29 4.74
N PHE E 671 43.68 9.09 5.59
CA PHE E 671 44.07 7.70 5.79
C PHE E 671 43.06 6.93 6.64
N PHE E 672 42.18 7.60 7.38
CA PHE E 672 41.14 6.87 8.07
C PHE E 672 40.13 6.27 7.09
N ASN E 673 39.67 7.06 6.12
CA ASN E 673 38.79 6.48 5.11
C ASN E 673 39.53 5.47 4.25
N VAL E 674 40.84 5.65 4.06
CA VAL E 674 41.63 4.64 3.35
C VAL E 674 41.59 3.32 4.10
N ILE E 675 41.82 3.36 5.41
CA ILE E 675 41.74 2.16 6.24
C ILE E 675 40.35 1.55 6.18
N TYR E 676 39.32 2.41 6.21
CA TYR E 676 37.94 1.93 6.12
C TYR E 676 37.71 1.12 4.85
N TRP E 677 38.04 1.71 3.70
CA TRP E 677 37.80 1.02 2.43
C TRP E 677 38.67 -0.23 2.31
N SER E 678 39.92 -0.17 2.78
CA SER E 678 40.79 -1.33 2.71
C SER E 678 40.27 -2.48 3.57
N ILE E 679 39.81 -2.18 4.78
CA ILE E 679 39.34 -3.24 5.67
C ILE E 679 38.02 -3.81 5.18
N TYR E 680 37.16 -2.99 4.57
CA TYR E 680 35.92 -3.53 4.03
C TYR E 680 36.06 -4.08 2.62
N LEU E 681 37.24 -3.99 2.03
CA LEU E 681 37.52 -4.69 0.76
C LEU E 681 38.85 -5.43 0.83
#